data_7MWZ
#
_entry.id   7MWZ
#
_cell.length_a   50.923
_cell.length_b   95.046
_cell.length_c   140.138
_cell.angle_alpha   90.000
_cell.angle_beta   93.934
_cell.angle_gamma   90.000
#
_symmetry.space_group_name_H-M   'P 1 21 1'
#
loop_
_entity.id
_entity.type
_entity.pdbx_description
1 polymer STING
2 non-polymer "3'2'-cGAMP"
3 water water
#
_entity_poly.entity_id   1
_entity_poly.type   'polypeptide(L)'
_entity_poly.pdbx_seq_one_letter_code
;SGMNIFEMLRIDQGLRLKIYKDTEGYYTIGIGHLLTKSPSLNAAKSELDKAIGRNTNGVITKDEAEKLFNQDVDAAVRGI
LRNAKLKPVYDSLDAVRRAALINMVFQMGETGVAGFTNSLRMLQQKRWDEAAVNLAKSRWYNQTPNRAKRVITTFRTGTW
DAYGSLDYAAGMASNYFHGYLKLSLPERKADGLLHRMNVYEDKYNVTFGIKRLIILIPDEMFINGVIQSRILEKATPLET
QFINRAGVNRPFKHAVYRLAEKVNGKTYYFAMEGATPMLSFFEAMHSNFSATWQMKELKREIWLKFYTHLNELIKTWPET
RNLVELIIYNSHDTKGDLVDVGEMLKSHMELKTKNI
;
_entity_poly.pdbx_strand_id   A,B,C,D
#
loop_
_chem_comp.id
_chem_comp.type
_chem_comp.name
_chem_comp.formula
4UR non-polymer 3'2'-cGAMP 'C20 H24 N10 O13 P2'
#
# COMPACT_ATOMS: atom_id res chain seq x y z
N GLY A 2 14.55 16.85 -18.78
CA GLY A 2 13.60 16.41 -17.78
C GLY A 2 12.40 15.70 -18.37
N MET A 3 12.41 15.50 -19.68
CA MET A 3 11.31 14.85 -20.36
C MET A 3 11.46 13.33 -20.32
N ASN A 4 10.36 12.64 -20.04
CA ASN A 4 10.34 11.19 -20.00
C ASN A 4 8.98 10.72 -20.50
N ILE A 5 8.70 9.42 -20.33
CA ILE A 5 7.43 8.87 -20.80
C ILE A 5 6.25 9.41 -20.01
N PHE A 6 6.45 9.71 -18.73
CA PHE A 6 5.38 10.29 -17.93
C PHE A 6 5.04 11.69 -18.40
N GLU A 7 6.05 12.55 -18.53
CA GLU A 7 5.80 13.91 -19.03
C GLU A 7 5.31 13.89 -20.47
N MET A 8 5.65 12.84 -21.23
CA MET A 8 5.17 12.73 -22.61
C MET A 8 3.67 12.44 -22.63
N LEU A 9 3.22 11.45 -21.85
CA LEU A 9 1.79 11.15 -21.78
C LEU A 9 1.02 12.27 -21.09
N ARG A 10 1.69 13.04 -20.22
CA ARG A 10 1.06 14.22 -19.66
C ARG A 10 0.78 15.25 -20.74
N ILE A 11 1.60 15.28 -21.79
CA ILE A 11 1.35 16.17 -22.93
C ILE A 11 0.22 15.63 -23.79
N ASP A 12 0.27 14.34 -24.13
CA ASP A 12 -0.62 13.78 -25.15
C ASP A 12 -1.97 13.37 -24.56
N GLN A 13 -1.97 12.68 -23.42
CA GLN A 13 -3.20 12.15 -22.85
C GLN A 13 -3.76 13.02 -21.73
N GLY A 14 -2.94 13.41 -20.77
CA GLY A 14 -3.38 14.32 -19.73
C GLY A 14 -3.38 13.73 -18.34
N LEU A 15 -3.11 14.56 -17.34
CA LEU A 15 -3.05 14.15 -15.95
C LEU A 15 -4.20 14.79 -15.19
N ARG A 16 -4.96 13.96 -14.47
CA ARG A 16 -6.04 14.43 -13.60
C ARG A 16 -5.81 13.85 -12.21
N LEU A 17 -5.67 14.72 -11.22
CA LEU A 17 -5.42 14.28 -9.84
C LEU A 17 -6.68 13.87 -9.11
N LYS A 18 -7.85 14.16 -9.66
CA LYS A 18 -9.12 13.81 -9.03
C LYS A 18 -9.85 12.77 -9.89
N ILE A 19 -10.61 11.90 -9.22
CA ILE A 19 -11.32 10.83 -9.92
C ILE A 19 -12.26 11.44 -10.95
N TYR A 20 -12.17 10.93 -12.18
CA TYR A 20 -12.99 11.39 -13.30
C TYR A 20 -13.52 10.19 -14.05
N LYS A 21 -14.40 10.46 -15.02
CA LYS A 21 -15.02 9.43 -15.83
C LYS A 21 -14.54 9.55 -17.27
N ASP A 22 -14.18 8.42 -17.87
CA ASP A 22 -13.60 8.41 -19.20
C ASP A 22 -14.69 8.55 -20.26
N THR A 23 -14.33 8.35 -21.52
CA THR A 23 -15.30 8.46 -22.61
C THR A 23 -16.39 7.41 -22.53
N GLU A 24 -16.17 6.32 -21.80
CA GLU A 24 -17.16 5.27 -21.63
C GLU A 24 -17.88 5.35 -20.29
N GLY A 25 -17.70 6.43 -19.54
CA GLY A 25 -18.36 6.60 -18.26
C GLY A 25 -17.77 5.80 -17.12
N TYR A 26 -16.52 5.36 -17.24
CA TYR A 26 -15.87 4.55 -16.21
C TYR A 26 -14.93 5.43 -15.39
N TYR A 27 -14.92 5.19 -14.08
CA TYR A 27 -14.11 6.01 -13.19
C TYR A 27 -12.62 5.77 -13.44
N THR A 28 -11.88 6.87 -13.56
CA THR A 28 -10.48 6.86 -13.96
C THR A 28 -9.73 7.86 -13.12
N ILE A 29 -8.41 7.68 -13.02
CA ILE A 29 -7.55 8.56 -12.23
C ILE A 29 -6.21 8.69 -12.94
N GLY A 30 -5.50 9.77 -12.65
CA GLY A 30 -4.15 9.94 -13.18
C GLY A 30 -4.16 10.10 -14.69
N ILE A 31 -3.27 9.40 -15.36
CA ILE A 31 -3.21 9.40 -16.81
C ILE A 31 -3.87 8.13 -17.34
N GLY A 32 -5.21 8.15 -17.45
CA GLY A 32 -5.94 7.04 -18.02
C GLY A 32 -5.83 5.73 -17.26
N HIS A 33 -5.71 5.80 -15.93
CA HIS A 33 -5.67 4.58 -15.12
C HIS A 33 -7.09 4.22 -14.72
N LEU A 34 -7.66 3.22 -15.40
CA LEU A 34 -9.00 2.77 -15.09
C LEU A 34 -9.05 2.18 -13.69
N LEU A 35 -9.96 2.70 -12.87
CA LEU A 35 -10.13 2.21 -11.50
C LEU A 35 -11.15 1.09 -11.41
N THR A 36 -12.35 1.31 -11.93
CA THR A 36 -13.40 0.30 -11.89
C THR A 36 -14.49 0.68 -12.89
N LYS A 37 -15.25 -0.33 -13.31
CA LYS A 37 -16.40 -0.12 -14.17
C LYS A 37 -17.70 -0.06 -13.37
N SER A 38 -17.62 -0.15 -12.05
CA SER A 38 -18.81 -0.03 -11.22
C SER A 38 -19.28 1.42 -11.16
N PRO A 39 -20.59 1.66 -11.23
CA PRO A 39 -21.09 3.04 -11.10
C PRO A 39 -20.91 3.64 -9.72
N SER A 40 -20.54 2.83 -8.73
CA SER A 40 -20.36 3.33 -7.37
C SER A 40 -19.10 4.18 -7.29
N LEU A 41 -19.26 5.44 -6.87
CA LEU A 41 -18.11 6.32 -6.71
C LEU A 41 -17.24 5.88 -5.54
N ASN A 42 -17.85 5.43 -4.44
CA ASN A 42 -17.07 5.00 -3.29
C ASN A 42 -16.34 3.69 -3.58
N ALA A 43 -16.86 2.88 -4.50
CA ALA A 43 -16.11 1.72 -4.97
C ALA A 43 -14.87 2.14 -5.73
N ALA A 44 -14.96 3.22 -6.50
CA ALA A 44 -13.78 3.76 -7.17
C ALA A 44 -12.80 4.34 -6.15
N LYS A 45 -13.33 4.96 -5.08
CA LYS A 45 -12.45 5.49 -4.04
C LYS A 45 -11.73 4.37 -3.30
N SER A 46 -12.44 3.29 -2.97
CA SER A 46 -11.79 2.17 -2.29
C SER A 46 -10.79 1.47 -3.19
N GLU A 47 -11.13 1.32 -4.47
CA GLU A 47 -10.19 0.75 -5.42
C GLU A 47 -8.96 1.65 -5.60
N LEU A 48 -9.18 2.96 -5.56
CA LEU A 48 -8.05 3.90 -5.62
C LEU A 48 -7.21 3.83 -4.34
N ASP A 49 -7.87 3.66 -3.19
CA ASP A 49 -7.13 3.51 -1.95
C ASP A 49 -6.27 2.25 -1.95
N LYS A 50 -6.74 1.19 -2.61
CA LYS A 50 -5.94 -0.03 -2.71
C LYS A 50 -4.72 0.16 -3.59
N ALA A 51 -4.83 1.01 -4.62
CA ALA A 51 -3.71 1.23 -5.53
C ALA A 51 -2.69 2.21 -4.97
N ILE A 52 -3.13 3.20 -4.19
CA ILE A 52 -2.24 4.22 -3.66
C ILE A 52 -1.69 3.83 -2.29
N GLY A 53 -2.50 3.18 -1.46
CA GLY A 53 -2.09 2.80 -0.13
C GLY A 53 -2.46 3.78 0.97
N ARG A 54 -3.49 4.59 0.78
CA ARG A 54 -3.94 5.52 1.81
C ARG A 54 -5.37 5.94 1.49
N ASN A 55 -5.97 6.68 2.42
CA ASN A 55 -7.33 7.19 2.24
C ASN A 55 -7.27 8.43 1.36
N THR A 56 -7.30 8.21 0.05
CA THR A 56 -7.25 9.33 -0.89
C THR A 56 -8.59 10.04 -0.99
N ASN A 57 -9.69 9.29 -0.90
CA ASN A 57 -11.04 9.82 -1.06
C ASN A 57 -11.22 10.56 -2.39
N GLY A 58 -10.52 10.08 -3.43
CA GLY A 58 -10.68 10.59 -4.77
C GLY A 58 -9.61 11.55 -5.25
N VAL A 59 -8.75 12.03 -4.36
CA VAL A 59 -7.73 13.02 -4.71
C VAL A 59 -6.36 12.43 -4.40
N ILE A 60 -5.44 12.55 -5.36
CA ILE A 60 -4.08 12.07 -5.20
C ILE A 60 -3.12 13.17 -5.63
N THR A 61 -1.84 12.98 -5.31
CA THR A 61 -0.80 13.93 -5.67
C THR A 61 -0.16 13.53 -7.01
N LYS A 62 0.67 14.43 -7.52
CA LYS A 62 1.36 14.17 -8.78
C LYS A 62 2.34 13.01 -8.65
N ASP A 63 3.04 12.93 -7.52
CA ASP A 63 3.98 11.83 -7.30
C ASP A 63 3.25 10.50 -7.26
N GLU A 64 2.10 10.45 -6.57
CA GLU A 64 1.32 9.23 -6.54
C GLU A 64 0.80 8.86 -7.93
N ALA A 65 0.40 9.86 -8.72
CA ALA A 65 -0.08 9.60 -10.07
C ALA A 65 1.06 9.17 -10.98
N GLU A 66 2.25 9.75 -10.79
CA GLU A 66 3.40 9.32 -11.58
C GLU A 66 3.82 7.90 -11.20
N LYS A 67 3.79 7.58 -9.91
CA LYS A 67 4.08 6.21 -9.49
C LYS A 67 3.05 5.24 -10.05
N LEU A 68 1.76 5.63 -10.06
CA LEU A 68 0.73 4.79 -10.64
C LEU A 68 0.90 4.64 -12.14
N PHE A 69 1.38 5.69 -12.81
CA PHE A 69 1.58 5.62 -14.25
C PHE A 69 2.74 4.69 -14.60
N ASN A 70 3.80 4.70 -13.80
CA ASN A 70 4.92 3.80 -14.05
C ASN A 70 4.51 2.34 -13.89
N GLN A 71 3.56 2.05 -13.01
CA GLN A 71 3.02 0.69 -12.91
C GLN A 71 2.27 0.32 -14.18
N ASP A 72 1.49 1.27 -14.73
CA ASP A 72 0.78 1.02 -15.97
C ASP A 72 1.72 0.83 -17.14
N VAL A 73 2.88 1.49 -17.12
CA VAL A 73 3.89 1.28 -18.15
C VAL A 73 4.49 -0.12 -18.01
N ASP A 74 4.82 -0.52 -16.77
CA ASP A 74 5.37 -1.85 -16.55
C ASP A 74 4.42 -2.94 -17.02
N ALA A 75 3.11 -2.74 -16.84
CA ALA A 75 2.15 -3.72 -17.31
C ALA A 75 2.02 -3.69 -18.82
N ALA A 76 2.11 -2.50 -19.43
CA ALA A 76 2.06 -2.40 -20.88
C ALA A 76 3.29 -3.05 -21.52
N VAL A 77 4.45 -2.92 -20.88
CA VAL A 77 5.66 -3.55 -21.40
C VAL A 77 5.55 -5.07 -21.33
N ARG A 78 4.98 -5.59 -20.25
CA ARG A 78 4.78 -7.03 -20.14
C ARG A 78 3.85 -7.55 -21.23
N GLY A 79 2.82 -6.78 -21.58
CA GLY A 79 1.94 -7.17 -22.67
C GLY A 79 2.61 -7.09 -24.03
N ILE A 80 3.49 -6.09 -24.21
CA ILE A 80 4.20 -5.96 -25.48
C ILE A 80 5.17 -7.13 -25.67
N LEU A 81 5.89 -7.50 -24.60
CA LEU A 81 6.84 -8.61 -24.69
C LEU A 81 6.12 -9.93 -24.93
N ARG A 82 4.89 -10.07 -24.44
CA ARG A 82 4.10 -11.28 -24.68
C ARG A 82 3.49 -11.31 -26.07
N ASN A 83 3.52 -10.21 -26.81
CA ASN A 83 2.95 -10.14 -28.14
C ASN A 83 4.03 -10.48 -29.16
N ALA A 84 3.77 -11.50 -29.99
CA ALA A 84 4.75 -11.92 -30.99
C ALA A 84 4.94 -10.88 -32.09
N LYS A 85 3.95 -10.02 -32.32
CA LYS A 85 4.08 -9.00 -33.35
C LYS A 85 4.84 -7.78 -32.85
N LEU A 86 4.81 -7.51 -31.54
CA LEU A 86 5.42 -6.31 -30.98
C LEU A 86 6.75 -6.58 -30.28
N LYS A 87 7.01 -7.82 -29.85
CA LYS A 87 8.24 -8.10 -29.12
C LYS A 87 9.49 -7.85 -29.94
N PRO A 88 9.60 -8.28 -31.20
CA PRO A 88 10.85 -8.03 -31.94
C PRO A 88 11.19 -6.56 -32.11
N VAL A 89 10.22 -5.72 -32.50
CA VAL A 89 10.51 -4.31 -32.69
C VAL A 89 10.82 -3.65 -31.35
N TYR A 90 10.16 -4.08 -30.28
CA TYR A 90 10.41 -3.47 -28.97
C TYR A 90 11.81 -3.80 -28.47
N ASP A 91 12.28 -5.02 -28.72
CA ASP A 91 13.62 -5.39 -28.30
C ASP A 91 14.68 -4.61 -29.06
N SER A 92 14.41 -4.24 -30.31
CA SER A 92 15.41 -3.56 -31.12
C SER A 92 15.41 -2.05 -30.88
N LEU A 93 14.29 -1.49 -30.42
CA LEU A 93 14.19 -0.05 -30.22
C LEU A 93 14.92 0.39 -28.96
N ASP A 94 15.48 1.59 -29.01
CA ASP A 94 16.11 2.18 -27.84
C ASP A 94 15.03 2.66 -26.86
N ALA A 95 15.48 3.21 -25.73
CA ALA A 95 14.54 3.57 -24.67
C ALA A 95 13.59 4.68 -25.09
N VAL A 96 14.09 5.67 -25.83
CA VAL A 96 13.26 6.80 -26.21
C VAL A 96 12.21 6.36 -27.25
N ARG A 97 12.64 5.61 -28.26
CA ARG A 97 11.70 5.14 -29.27
C ARG A 97 10.74 4.11 -28.70
N ARG A 98 11.14 3.39 -27.66
CA ARG A 98 10.21 2.49 -26.98
C ARG A 98 9.08 3.28 -26.34
N ALA A 99 9.38 4.47 -25.82
CA ALA A 99 8.34 5.30 -25.22
C ALA A 99 7.32 5.74 -26.24
N ALA A 100 7.75 5.99 -27.48
CA ALA A 100 6.80 6.33 -28.53
C ALA A 100 5.91 5.14 -28.86
N LEU A 101 6.46 3.92 -28.80
CA LEU A 101 5.65 2.73 -29.03
C LEU A 101 4.67 2.50 -27.88
N ILE A 102 5.11 2.68 -26.64
CA ILE A 102 4.22 2.55 -25.49
C ILE A 102 3.16 3.64 -25.52
N ASN A 103 3.50 4.82 -26.05
CA ASN A 103 2.52 5.89 -26.20
C ASN A 103 1.36 5.44 -27.10
N MET A 104 1.67 4.76 -28.20
CA MET A 104 0.62 4.31 -29.11
C MET A 104 -0.23 3.22 -28.47
N VAL A 105 0.39 2.35 -27.66
CA VAL A 105 -0.37 1.30 -26.98
C VAL A 105 -1.37 1.90 -26.00
N PHE A 106 -0.98 2.99 -25.32
CA PHE A 106 -1.89 3.67 -24.42
C PHE A 106 -3.06 4.30 -25.15
N GLN A 107 -2.89 4.64 -26.43
CA GLN A 107 -3.91 5.34 -27.18
C GLN A 107 -4.88 4.39 -27.88
N MET A 108 -4.37 3.33 -28.51
CA MET A 108 -5.20 2.45 -29.33
C MET A 108 -5.18 1.00 -28.90
N GLY A 109 -4.47 0.65 -27.82
CA GLY A 109 -4.40 -0.71 -27.36
C GLY A 109 -3.33 -1.52 -28.05
N GLU A 110 -3.07 -2.71 -27.48
CA GLU A 110 -2.01 -3.57 -27.99
C GLU A 110 -2.35 -4.13 -29.37
N THR A 111 -3.62 -4.47 -29.60
CA THR A 111 -4.01 -5.04 -30.88
C THR A 111 -3.98 -3.98 -31.99
N GLY A 112 -4.19 -2.71 -31.65
CA GLY A 112 -4.18 -1.68 -32.67
C GLY A 112 -2.78 -1.38 -33.20
N VAL A 113 -1.79 -1.39 -32.31
CA VAL A 113 -0.42 -1.13 -32.73
C VAL A 113 0.11 -2.28 -33.57
N ALA A 114 -0.37 -3.49 -33.35
CA ALA A 114 0.09 -4.65 -34.10
C ALA A 114 -0.28 -4.57 -35.57
N GLY A 115 -1.27 -3.77 -35.93
CA GLY A 115 -1.67 -3.65 -37.32
C GLY A 115 -0.68 -2.89 -38.19
N PHE A 116 0.24 -2.15 -37.57
CA PHE A 116 1.25 -1.39 -38.31
C PHE A 116 2.42 -2.30 -38.69
N THR A 117 2.11 -3.41 -39.38
CA THR A 117 3.12 -4.41 -39.68
C THR A 117 4.27 -3.82 -40.49
N ASN A 118 3.95 -3.14 -41.59
CA ASN A 118 4.98 -2.46 -42.36
C ASN A 118 5.69 -1.42 -41.52
N SER A 119 4.94 -0.69 -40.68
CA SER A 119 5.55 0.35 -39.87
C SER A 119 6.51 -0.21 -38.82
N LEU A 120 6.12 -1.31 -38.17
CA LEU A 120 6.98 -1.91 -37.17
C LEU A 120 8.22 -2.56 -37.79
N ARG A 121 8.17 -2.91 -39.08
CA ARG A 121 9.32 -3.54 -39.72
C ARG A 121 10.49 -2.56 -39.86
N MET A 122 10.22 -1.37 -40.41
CA MET A 122 11.28 -0.39 -40.60
C MET A 122 11.86 0.05 -39.26
N LEU A 123 11.02 0.14 -38.22
CA LEU A 123 11.52 0.46 -36.89
C LEU A 123 12.44 -0.62 -36.38
N GLN A 124 12.09 -1.89 -36.60
CA GLN A 124 12.95 -2.99 -36.19
C GLN A 124 14.25 -3.00 -36.99
N GLN A 125 14.16 -2.72 -38.29
CA GLN A 125 15.34 -2.64 -39.14
C GLN A 125 16.01 -1.27 -39.08
N LYS A 126 15.55 -0.39 -38.18
CA LYS A 126 16.20 0.89 -37.91
C LYS A 126 16.22 1.81 -39.13
N ARG A 127 15.14 1.77 -39.92
CA ARG A 127 14.94 2.72 -41.02
C ARG A 127 13.95 3.77 -40.54
N TRP A 128 14.49 4.78 -39.84
CA TRP A 128 13.64 5.74 -39.13
C TRP A 128 12.91 6.66 -40.10
N ASP A 129 13.60 7.16 -41.12
CA ASP A 129 12.96 8.07 -42.07
C ASP A 129 11.86 7.38 -42.86
N GLU A 130 12.10 6.13 -43.26
CA GLU A 130 11.06 5.39 -43.98
C GLU A 130 9.89 5.06 -43.06
N ALA A 131 10.18 4.74 -41.80
CA ALA A 131 9.10 4.45 -40.86
C ALA A 131 8.28 5.70 -40.55
N ALA A 132 8.93 6.86 -40.50
CA ALA A 132 8.22 8.10 -40.22
C ALA A 132 7.30 8.47 -41.38
N VAL A 133 7.73 8.20 -42.61
CA VAL A 133 6.86 8.44 -43.77
C VAL A 133 5.72 7.43 -43.79
N ASN A 134 6.00 6.19 -43.42
CA ASN A 134 4.98 5.14 -43.47
C ASN A 134 3.90 5.36 -42.43
N LEU A 135 4.28 5.85 -41.24
CA LEU A 135 3.29 6.05 -40.17
C LEU A 135 2.35 7.21 -40.48
N ALA A 136 2.82 8.21 -41.24
CA ALA A 136 1.99 9.36 -41.54
C ALA A 136 0.80 9.00 -42.44
N LYS A 137 0.86 7.87 -43.13
CA LYS A 137 -0.21 7.46 -44.03
C LYS A 137 -1.38 6.82 -43.31
N SER A 138 -1.22 6.45 -42.04
CA SER A 138 -2.21 5.66 -41.33
C SER A 138 -3.43 6.50 -40.94
N ARG A 139 -4.51 5.80 -40.59
CA ARG A 139 -5.70 6.46 -40.08
C ARG A 139 -5.45 7.10 -38.71
N TRP A 140 -4.56 6.50 -37.92
CA TRP A 140 -4.18 7.08 -36.64
C TRP A 140 -3.64 8.49 -36.81
N TYR A 141 -2.94 8.75 -37.91
CA TYR A 141 -2.51 10.11 -38.23
C TYR A 141 -3.68 11.01 -38.58
N ASN A 142 -4.80 10.43 -39.04
CA ASN A 142 -5.94 11.23 -39.48
C ASN A 142 -6.83 11.64 -38.32
N GLN A 143 -7.09 10.71 -37.38
CA GLN A 143 -7.96 11.03 -36.25
C GLN A 143 -7.26 11.98 -35.28
N THR A 144 -6.05 11.63 -34.85
CA THR A 144 -5.27 12.43 -33.89
C THR A 144 -3.97 12.85 -34.58
N PRO A 145 -3.99 13.92 -35.37
CA PRO A 145 -2.76 14.31 -36.07
C PRO A 145 -1.69 14.89 -35.17
N ASN A 146 -2.07 15.75 -34.22
CA ASN A 146 -1.08 16.42 -33.38
C ASN A 146 -0.29 15.40 -32.55
N ARG A 147 -0.98 14.46 -31.92
CA ARG A 147 -0.30 13.44 -31.14
C ARG A 147 0.54 12.53 -32.01
N ALA A 148 0.08 12.25 -33.23
CA ALA A 148 0.82 11.36 -34.12
C ALA A 148 2.14 11.98 -34.57
N LYS A 149 2.11 13.27 -34.91
CA LYS A 149 3.33 13.93 -35.39
C LYS A 149 4.44 13.89 -34.34
N ARG A 150 4.07 14.06 -33.06
CA ARG A 150 5.07 14.02 -32.00
C ARG A 150 5.60 12.61 -31.78
N VAL A 151 4.74 11.61 -31.90
CA VAL A 151 5.18 10.23 -31.76
C VAL A 151 6.03 9.82 -32.96
N ILE A 152 5.64 10.26 -34.16
CA ILE A 152 6.40 9.94 -35.36
C ILE A 152 7.78 10.58 -35.31
N THR A 153 7.84 11.84 -34.87
CA THR A 153 9.13 12.52 -34.71
C THR A 153 10.01 11.80 -33.68
N THR A 154 9.39 11.24 -32.63
CA THR A 154 10.15 10.46 -31.66
C THR A 154 10.73 9.21 -32.30
N PHE A 155 9.95 8.53 -33.15
CA PHE A 155 10.47 7.40 -33.90
C PHE A 155 11.55 7.85 -34.87
N ARG A 156 11.39 9.05 -35.46
CA ARG A 156 12.33 9.50 -36.48
C ARG A 156 13.65 9.95 -35.86
N THR A 157 13.60 10.78 -34.84
CA THR A 157 14.80 11.36 -34.25
C THR A 157 15.40 10.50 -33.13
N GLY A 158 14.55 9.83 -32.35
CA GLY A 158 15.04 9.12 -31.20
C GLY A 158 15.31 9.99 -29.99
N THR A 159 14.80 11.22 -29.99
CA THR A 159 14.98 12.16 -28.88
C THR A 159 13.60 12.60 -28.38
N TRP A 160 13.61 13.58 -27.48
CA TRP A 160 12.39 14.17 -26.94
C TRP A 160 12.14 15.56 -27.52
N ASP A 161 12.66 15.83 -28.71
CA ASP A 161 12.57 17.18 -29.28
C ASP A 161 11.14 17.60 -29.55
N ALA A 162 10.24 16.64 -29.78
CA ALA A 162 8.85 16.97 -30.02
C ALA A 162 8.11 17.37 -28.74
N TYR A 163 8.61 16.96 -27.57
CA TYR A 163 7.95 17.25 -26.30
C TYR A 163 8.76 18.11 -25.35
N GLY A 164 10.09 18.13 -25.46
CA GLY A 164 10.93 18.76 -24.47
C GLY A 164 11.08 20.26 -24.59
N SER A 165 10.10 20.95 -25.19
CA SER A 165 10.18 22.40 -25.29
C SER A 165 9.93 23.11 -23.97
N LEU A 166 9.45 22.40 -22.95
CA LEU A 166 9.19 22.97 -21.64
C LEU A 166 10.29 22.63 -20.63
N ASP A 167 11.46 22.20 -21.09
CA ASP A 167 12.62 22.02 -20.26
C ASP A 167 13.39 23.35 -20.17
N TYR A 168 14.26 23.45 -19.16
CA TYR A 168 14.99 24.69 -18.91
C TYR A 168 15.74 25.15 -20.16
N ALA A 169 16.73 24.37 -20.60
CA ALA A 169 17.59 24.82 -21.69
C ALA A 169 16.81 25.00 -22.99
N ALA A 170 15.98 24.02 -23.34
CA ALA A 170 15.18 24.13 -24.56
C ALA A 170 14.14 25.24 -24.45
N GLY A 171 13.67 25.52 -23.24
CA GLY A 171 12.72 26.60 -23.03
C GLY A 171 13.35 27.97 -23.12
N MET A 172 14.54 28.12 -22.53
CA MET A 172 15.25 29.39 -22.65
C MET A 172 15.64 29.67 -24.09
N ALA A 173 16.00 28.62 -24.84
CA ALA A 173 16.26 28.80 -26.26
C ALA A 173 14.99 29.17 -27.02
N SER A 174 13.85 28.64 -26.60
CA SER A 174 12.58 28.97 -27.25
C SER A 174 12.21 30.44 -27.01
N ASN A 175 12.37 30.92 -25.77
CA ASN A 175 12.14 32.33 -25.50
C ASN A 175 13.17 33.20 -26.23
N TYR A 176 14.44 32.78 -26.21
CA TYR A 176 15.48 33.50 -26.93
C TYR A 176 15.21 33.55 -28.42
N PHE A 177 14.59 32.50 -28.97
CA PHE A 177 14.31 32.44 -30.40
C PHE A 177 13.04 33.22 -30.75
N HIS A 178 11.94 32.95 -30.05
CA HIS A 178 10.67 33.59 -30.39
C HIS A 178 10.65 35.05 -29.98
N GLY A 179 11.23 35.37 -28.84
CA GLY A 179 11.18 36.71 -28.29
C GLY A 179 12.29 37.65 -28.73
N TYR A 180 13.19 37.20 -29.60
CA TYR A 180 14.30 38.06 -29.99
C TYR A 180 14.85 37.74 -31.38
N LEU A 181 15.28 36.50 -31.60
CA LEU A 181 15.90 36.13 -32.87
C LEU A 181 14.88 36.17 -34.02
N LYS A 182 13.84 35.34 -33.92
CA LYS A 182 12.81 35.36 -34.96
C LYS A 182 11.98 36.64 -34.92
N LEU A 183 11.94 37.33 -33.78
CA LEU A 183 11.14 38.54 -33.67
C LEU A 183 11.75 39.68 -34.47
N SER A 184 13.08 39.85 -34.40
CA SER A 184 13.70 41.07 -34.90
C SER A 184 14.72 40.88 -36.01
N LEU A 185 15.19 39.67 -36.26
CA LEU A 185 16.17 39.48 -37.33
C LEU A 185 15.53 39.35 -38.72
N PRO A 186 14.44 38.59 -38.89
CA PRO A 186 13.83 38.49 -40.22
C PRO A 186 13.32 39.84 -40.72
N GLU A 187 13.14 39.93 -42.03
CA GLU A 187 12.77 41.19 -42.67
C GLU A 187 11.27 41.40 -42.54
N ARG A 188 10.88 42.42 -41.75
CA ARG A 188 9.50 42.87 -41.66
C ARG A 188 9.37 44.17 -42.44
N LYS A 189 8.49 44.17 -43.44
CA LYS A 189 8.32 45.30 -44.34
C LYS A 189 9.65 45.65 -45.00
N ALA A 190 10.24 46.78 -44.62
CA ALA A 190 11.51 47.22 -45.20
C ALA A 190 12.62 47.29 -44.16
N ASP A 191 12.51 46.53 -43.07
CA ASP A 191 13.47 46.58 -41.98
C ASP A 191 13.85 45.16 -41.56
N GLY A 192 14.97 45.05 -40.87
CA GLY A 192 15.47 43.76 -40.44
C GLY A 192 16.98 43.78 -40.41
N LEU A 193 17.55 42.61 -40.06
CA LEU A 193 18.99 42.51 -39.86
C LEU A 193 19.76 42.76 -41.15
N LEU A 194 19.40 42.05 -42.23
CA LEU A 194 20.11 42.23 -43.49
C LEU A 194 19.98 43.64 -44.03
N HIS A 195 18.82 44.27 -43.81
CA HIS A 195 18.66 45.66 -44.24
C HIS A 195 19.56 46.60 -43.44
N ARG A 196 19.62 46.41 -42.12
CA ARG A 196 20.50 47.23 -41.30
C ARG A 196 21.96 47.04 -41.69
N MET A 197 22.35 45.80 -42.01
CA MET A 197 23.75 45.55 -42.39
C MET A 197 24.08 46.12 -43.75
N ASN A 198 23.11 46.15 -44.67
CA ASN A 198 23.34 46.76 -45.98
C ASN A 198 23.45 48.28 -45.87
N VAL A 199 22.60 48.89 -45.02
CA VAL A 199 22.73 50.32 -44.75
C VAL A 199 24.07 50.62 -44.11
N TYR A 200 24.54 49.73 -43.23
CA TYR A 200 25.81 49.93 -42.54
C TYR A 200 26.99 49.87 -43.51
N GLU A 201 26.97 48.89 -44.42
CA GLU A 201 28.06 48.76 -45.38
C GLU A 201 28.13 49.97 -46.32
N ASP A 202 26.97 50.54 -46.68
CA ASP A 202 26.96 51.66 -47.60
C ASP A 202 27.30 52.98 -46.91
N LYS A 203 26.93 53.15 -45.65
CA LYS A 203 27.20 54.41 -44.96
C LYS A 203 28.68 54.57 -44.63
N TYR A 204 29.31 53.50 -44.15
CA TYR A 204 30.71 53.54 -43.73
C TYR A 204 31.66 52.96 -44.76
N ASN A 205 31.14 52.46 -45.89
CA ASN A 205 31.95 51.90 -46.96
C ASN A 205 32.82 50.75 -46.45
N VAL A 206 32.19 49.81 -45.74
CA VAL A 206 32.86 48.67 -45.15
C VAL A 206 32.18 47.39 -45.61
N THR A 207 32.79 46.26 -45.28
CA THR A 207 32.29 44.95 -45.68
C THR A 207 32.20 44.05 -44.46
N PHE A 208 31.03 43.44 -44.27
CA PHE A 208 30.87 42.44 -43.23
C PHE A 208 31.48 41.11 -43.67
N GLY A 209 32.33 40.54 -42.81
CA GLY A 209 32.91 39.25 -43.12
C GLY A 209 31.88 38.13 -43.15
N ILE A 210 30.85 38.23 -42.32
CA ILE A 210 29.74 37.28 -42.28
C ILE A 210 28.44 38.07 -42.26
N LYS A 211 27.53 37.73 -43.18
CA LYS A 211 26.24 38.40 -43.26
C LYS A 211 25.20 37.81 -42.30
N ARG A 212 25.62 37.53 -41.07
CA ARG A 212 24.76 36.94 -40.06
C ARG A 212 25.05 37.59 -38.72
N LEU A 213 24.09 37.46 -37.81
CA LEU A 213 24.33 37.80 -36.41
C LEU A 213 25.06 36.63 -35.75
N ILE A 214 26.28 36.88 -35.30
CA ILE A 214 27.08 35.86 -34.62
C ILE A 214 26.73 35.86 -33.15
N ILE A 215 26.33 34.71 -32.64
CA ILE A 215 25.99 34.55 -31.22
C ILE A 215 27.09 33.71 -30.58
N LEU A 216 27.89 34.34 -29.72
CA LEU A 216 28.95 33.64 -29.01
C LEU A 216 28.38 32.90 -27.82
N ILE A 217 28.69 31.61 -27.73
CA ILE A 217 28.23 30.79 -26.61
C ILE A 217 29.44 30.21 -25.89
N PRO A 218 30.17 30.99 -25.09
CA PRO A 218 31.27 30.42 -24.31
C PRO A 218 30.75 29.65 -23.11
N ASP A 219 31.57 28.73 -22.62
CA ASP A 219 31.21 27.98 -21.43
C ASP A 219 31.44 28.77 -20.14
N GLU A 220 31.75 30.07 -20.26
CA GLU A 220 32.08 30.89 -19.11
C GLU A 220 31.76 32.35 -19.46
N MET A 221 31.32 33.10 -18.46
CA MET A 221 30.96 34.50 -18.64
C MET A 221 32.11 35.29 -19.26
N PHE A 222 31.74 36.29 -20.07
CA PHE A 222 32.73 37.25 -20.54
C PHE A 222 33.41 37.93 -19.36
N ILE A 223 34.72 38.13 -19.47
CA ILE A 223 35.47 38.83 -18.44
C ILE A 223 35.04 40.30 -18.44
N ASN A 224 34.55 40.78 -17.29
CA ASN A 224 34.07 42.15 -17.13
C ASN A 224 32.92 42.46 -18.07
N GLY A 225 32.16 41.43 -18.46
CA GLY A 225 30.98 41.62 -19.27
C GLY A 225 31.24 42.13 -20.67
N VAL A 226 32.47 42.00 -21.18
CA VAL A 226 32.82 42.50 -22.49
C VAL A 226 33.55 41.41 -23.27
N ILE A 227 33.58 41.58 -24.58
CA ILE A 227 34.26 40.64 -25.48
C ILE A 227 35.74 40.99 -25.50
N GLN A 228 36.58 40.09 -24.98
CA GLN A 228 38.02 40.32 -24.88
C GLN A 228 38.71 39.77 -26.13
N SER A 229 39.58 40.58 -26.73
CA SER A 229 40.27 40.16 -27.94
C SER A 229 41.45 41.08 -28.21
N ARG A 230 42.47 40.52 -28.86
CA ARG A 230 43.65 41.26 -29.28
C ARG A 230 43.68 41.56 -30.78
N ILE A 231 42.67 41.13 -31.54
CA ILE A 231 42.63 41.46 -32.96
C ILE A 231 41.24 41.93 -33.36
N LEU A 232 40.28 41.85 -32.45
CA LEU A 232 38.97 42.43 -32.64
C LEU A 232 38.86 43.74 -31.85
N GLU A 233 38.14 44.70 -32.42
CA GLU A 233 37.85 45.96 -31.74
C GLU A 233 36.43 46.38 -32.06
N LYS A 234 35.83 47.12 -31.12
CA LYS A 234 34.45 47.52 -31.26
C LYS A 234 34.33 48.71 -32.22
N ALA A 235 33.34 48.65 -33.11
CA ALA A 235 33.09 49.69 -34.08
C ALA A 235 31.73 50.33 -33.80
N THR A 236 31.31 51.21 -34.69
CA THR A 236 29.98 51.79 -34.60
C THR A 236 28.93 50.67 -34.68
N PRO A 237 27.94 50.65 -33.79
CA PRO A 237 26.93 49.59 -33.84
C PRO A 237 25.97 49.78 -35.00
N LEU A 238 25.23 48.71 -35.29
CA LEU A 238 24.12 48.82 -36.23
C LEU A 238 23.07 49.79 -35.71
N GLU A 239 22.32 50.36 -36.63
CA GLU A 239 21.22 51.24 -36.24
C GLU A 239 20.15 50.45 -35.50
N THR A 240 19.60 51.06 -34.46
CA THR A 240 18.67 50.37 -33.58
C THR A 240 17.31 50.19 -34.26
N GLN A 241 16.75 49.00 -34.11
CA GLN A 241 15.41 48.68 -34.59
C GLN A 241 14.42 48.70 -33.43
N PHE A 242 13.26 49.32 -33.65
CA PHE A 242 12.23 49.43 -32.63
C PHE A 242 11.04 48.57 -33.02
N ILE A 243 10.64 47.67 -32.12
CA ILE A 243 9.51 46.78 -32.32
C ILE A 243 8.64 46.84 -31.07
N ASN A 244 7.33 47.05 -31.26
CA ASN A 244 6.41 47.05 -30.15
C ASN A 244 6.28 45.66 -29.54
N ARG A 245 6.53 45.56 -28.24
CA ARG A 245 6.62 44.26 -27.57
C ARG A 245 6.02 44.38 -26.18
N ALA A 246 4.83 43.82 -25.99
CA ALA A 246 4.16 43.74 -24.69
C ALA A 246 4.00 45.11 -24.04
N GLY A 247 3.64 46.11 -24.85
CA GLY A 247 3.38 47.44 -24.36
C GLY A 247 4.58 48.37 -24.36
N VAL A 248 5.74 47.91 -24.80
CA VAL A 248 6.96 48.70 -24.84
C VAL A 248 7.43 48.76 -26.28
N ASN A 249 7.80 49.97 -26.74
CA ASN A 249 8.48 50.14 -28.02
C ASN A 249 9.94 49.73 -27.82
N ARG A 250 10.16 48.42 -27.89
CA ARG A 250 11.44 47.84 -27.47
C ARG A 250 12.56 48.16 -28.47
N PRO A 251 13.73 48.59 -28.01
CA PRO A 251 14.87 48.77 -28.92
C PRO A 251 15.67 47.48 -29.08
N PHE A 252 16.05 47.20 -30.32
CA PHE A 252 16.86 46.02 -30.64
C PHE A 252 18.11 46.50 -31.37
N LYS A 253 19.22 46.51 -30.65
CA LYS A 253 20.49 47.04 -31.11
C LYS A 253 21.50 45.91 -31.18
N HIS A 254 22.34 45.92 -32.20
CA HIS A 254 23.42 44.95 -32.36
C HIS A 254 24.75 45.67 -32.44
N ALA A 255 25.72 45.21 -31.67
CA ALA A 255 27.06 45.74 -31.74
C ALA A 255 27.79 45.19 -32.96
N VAL A 256 28.71 45.99 -33.49
CA VAL A 256 29.54 45.60 -34.63
C VAL A 256 31.00 45.66 -34.19
N TYR A 257 31.75 44.61 -34.51
CA TYR A 257 33.18 44.56 -34.26
C TYR A 257 33.92 44.42 -35.59
N ARG A 258 35.17 44.87 -35.61
CA ARG A 258 36.00 44.79 -36.80
C ARG A 258 37.35 44.20 -36.45
N LEU A 259 37.91 43.44 -37.41
CA LEU A 259 39.24 42.91 -37.24
C LEU A 259 40.27 44.03 -37.29
N ALA A 260 41.16 44.07 -36.30
CA ALA A 260 42.14 45.14 -36.23
C ALA A 260 43.20 45.00 -37.32
N GLU A 261 43.42 43.79 -37.82
CA GLU A 261 44.37 43.55 -38.90
C GLU A 261 43.64 43.11 -40.16
N LYS A 262 44.18 43.52 -41.31
CA LYS A 262 43.57 43.20 -42.59
C LYS A 262 43.73 41.73 -42.92
N VAL A 263 42.74 41.18 -43.62
CA VAL A 263 42.78 39.82 -44.14
C VAL A 263 42.71 39.94 -45.65
N ASN A 264 43.87 39.78 -46.31
CA ASN A 264 44.06 40.11 -47.73
C ASN A 264 43.51 41.50 -48.07
N GLY A 265 44.05 42.51 -47.39
CA GLY A 265 43.79 43.89 -47.75
C GLY A 265 42.44 44.44 -47.34
N LYS A 266 41.57 43.64 -46.73
CA LYS A 266 40.24 44.10 -46.35
C LYS A 266 40.06 43.98 -44.83
N THR A 267 39.44 45.00 -44.25
CA THR A 267 39.02 44.97 -42.86
C THR A 267 37.58 44.47 -42.80
N TYR A 268 37.38 43.34 -42.12
CA TYR A 268 36.08 42.70 -42.05
C TYR A 268 35.35 43.07 -40.77
N TYR A 269 34.06 43.36 -40.90
CA TYR A 269 33.21 43.73 -39.79
C TYR A 269 32.28 42.57 -39.43
N PHE A 270 31.86 42.53 -38.18
CA PHE A 270 31.01 41.44 -37.69
C PHE A 270 30.00 41.99 -36.69
N ALA A 271 28.73 41.72 -36.95
CA ALA A 271 27.69 41.94 -35.95
C ALA A 271 27.64 40.72 -35.04
N MET A 272 27.84 40.93 -33.74
CA MET A 272 27.96 39.79 -32.85
C MET A 272 27.68 40.20 -31.42
N GLU A 273 27.37 39.20 -30.60
CA GLU A 273 27.02 39.39 -29.19
C GLU A 273 27.07 38.04 -28.51
N GLY A 274 27.17 38.06 -27.19
CA GLY A 274 27.05 36.84 -26.42
C GLY A 274 25.60 36.42 -26.23
N ALA A 275 25.43 35.17 -25.84
CA ALA A 275 24.09 34.61 -25.64
C ALA A 275 23.57 35.08 -24.29
N THR A 276 22.59 36.00 -24.31
CA THR A 276 22.06 36.55 -23.08
C THR A 276 21.38 35.53 -22.16
N PRO A 277 20.69 34.49 -22.65
CA PRO A 277 20.15 33.50 -21.71
C PRO A 277 21.23 32.76 -20.94
N MET A 278 22.39 32.50 -21.56
CA MET A 278 23.47 31.83 -20.85
C MET A 278 24.15 32.76 -19.86
N LEU A 279 24.25 34.05 -20.18
CA LEU A 279 24.83 35.01 -19.24
C LEU A 279 23.99 35.11 -17.98
N SER A 280 22.66 35.19 -18.13
CA SER A 280 21.79 35.19 -16.96
C SER A 280 21.88 33.88 -16.19
N PHE A 281 21.98 32.76 -16.91
CA PHE A 281 22.10 31.46 -16.27
C PHE A 281 23.39 31.37 -15.47
N PHE A 282 24.50 31.82 -16.05
CA PHE A 282 25.77 31.82 -15.33
C PHE A 282 25.71 32.74 -14.11
N GLU A 283 25.06 33.89 -14.24
CA GLU A 283 24.93 34.81 -13.10
C GLU A 283 24.11 34.18 -11.98
N ALA A 284 23.08 33.41 -12.33
CA ALA A 284 22.26 32.77 -11.31
C ALA A 284 22.99 31.61 -10.66
N MET A 285 23.75 30.84 -11.44
CA MET A 285 24.50 29.73 -10.88
C MET A 285 25.54 30.20 -9.87
N HIS A 286 26.17 31.35 -10.14
CA HIS A 286 27.19 31.87 -9.23
C HIS A 286 26.60 32.48 -7.97
N SER A 287 25.31 32.85 -8.00
CA SER A 287 24.68 33.40 -6.79
C SER A 287 24.25 32.29 -5.84
N ASN A 288 23.69 31.21 -6.36
CA ASN A 288 23.18 30.12 -5.53
C ASN A 288 24.23 29.04 -5.33
N SER A 290 29.88 26.03 -3.89
CA SER A 290 29.88 26.97 -5.01
C SER A 290 30.04 26.23 -6.33
N ALA A 291 31.26 26.27 -6.88
CA ALA A 291 31.55 25.61 -8.15
C ALA A 291 32.07 24.20 -7.89
N THR A 292 31.17 23.37 -7.35
CA THR A 292 31.47 21.97 -7.13
C THR A 292 31.35 21.19 -8.44
N TRP A 293 31.78 19.93 -8.41
CA TRP A 293 31.68 19.11 -9.61
C TRP A 293 30.23 18.82 -9.96
N GLN A 294 29.34 18.80 -8.96
CA GLN A 294 27.93 18.60 -9.22
C GLN A 294 27.37 19.72 -10.10
N MET A 295 27.71 20.97 -9.78
CA MET A 295 27.19 22.10 -10.53
C MET A 295 27.97 22.34 -11.82
N LYS A 296 29.24 21.94 -11.86
CA LYS A 296 30.01 22.09 -13.09
C LYS A 296 29.50 21.16 -14.18
N GLU A 297 29.07 19.95 -13.80
CA GLU A 297 28.46 19.05 -14.78
C GLU A 297 27.09 19.57 -15.20
N LEU A 298 26.31 20.10 -14.25
CA LEU A 298 24.99 20.64 -14.57
C LEU A 298 25.10 21.87 -15.45
N LYS A 299 26.11 22.71 -15.20
CA LYS A 299 26.35 23.87 -16.06
C LYS A 299 26.60 23.45 -17.50
N ARG A 300 27.57 22.53 -17.71
CA ARG A 300 27.88 22.07 -19.05
C ARG A 300 26.68 21.39 -19.70
N GLU A 301 25.87 20.70 -18.90
CA GLU A 301 24.69 20.02 -19.45
C GLU A 301 23.69 21.01 -20.03
N ILE A 302 23.31 22.01 -19.25
CA ILE A 302 22.39 23.04 -19.74
C ILE A 302 23.04 23.85 -20.86
N TRP A 303 24.34 24.14 -20.71
CA TRP A 303 25.06 24.87 -21.75
C TRP A 303 25.03 24.15 -23.08
N LEU A 304 25.19 22.83 -23.06
CA LEU A 304 25.16 22.06 -24.31
C LEU A 304 23.74 21.97 -24.86
N LYS A 305 22.76 21.72 -23.98
CA LYS A 305 21.38 21.58 -24.45
C LYS A 305 20.82 22.89 -24.98
N PHE A 306 21.24 24.02 -24.42
CA PHE A 306 20.80 25.32 -24.94
C PHE A 306 21.26 25.52 -26.37
N TYR A 307 22.52 25.17 -26.66
CA TYR A 307 23.05 25.34 -28.01
C TYR A 307 22.34 24.44 -29.01
N THR A 308 22.11 23.18 -28.65
CA THR A 308 21.54 22.22 -29.60
C THR A 308 20.10 22.58 -29.97
N HIS A 309 19.30 22.95 -28.97
CA HIS A 309 17.90 23.26 -29.24
C HIS A 309 17.74 24.61 -29.93
N LEU A 310 18.59 25.58 -29.56
CA LEU A 310 18.56 26.86 -30.26
C LEU A 310 19.00 26.70 -31.72
N ASN A 311 19.98 25.84 -31.97
CA ASN A 311 20.43 25.61 -33.33
C ASN A 311 19.35 24.90 -34.15
N GLU A 312 18.58 24.01 -33.50
CA GLU A 312 17.48 23.35 -34.19
C GLU A 312 16.38 24.34 -34.58
N LEU A 313 16.02 25.23 -33.67
CA LEU A 313 14.97 26.22 -33.95
C LEU A 313 15.40 27.16 -35.08
N ILE A 314 16.67 27.57 -35.09
CA ILE A 314 17.14 28.50 -36.11
C ILE A 314 17.05 27.85 -37.49
N LYS A 315 17.44 26.59 -37.61
CA LYS A 315 17.40 25.91 -38.90
C LYS A 315 16.00 25.48 -39.28
N THR A 316 15.10 25.27 -38.30
CA THR A 316 13.76 24.81 -38.61
C THR A 316 12.95 25.89 -39.32
N TRP A 317 13.14 27.15 -38.94
CA TRP A 317 12.35 28.24 -39.50
C TRP A 317 13.09 28.89 -40.65
N PRO A 318 12.46 29.03 -41.83
CA PRO A 318 13.17 29.64 -42.97
C PRO A 318 13.43 31.13 -42.79
N GLU A 319 12.69 31.83 -41.92
CA GLU A 319 12.94 33.24 -41.71
C GLU A 319 14.28 33.49 -41.02
N THR A 320 14.81 32.51 -40.30
CA THR A 320 16.01 32.68 -39.50
C THR A 320 17.13 31.71 -39.88
N ARG A 321 16.92 30.88 -40.90
CA ARG A 321 17.83 29.77 -41.16
C ARG A 321 19.22 30.25 -41.55
N ASN A 322 19.31 31.32 -42.33
CA ASN A 322 20.58 31.84 -42.81
C ASN A 322 20.90 33.22 -42.24
N LEU A 323 20.39 33.52 -41.04
CA LEU A 323 20.60 34.82 -40.42
C LEU A 323 21.43 34.78 -39.15
N VAL A 324 21.64 33.62 -38.54
CA VAL A 324 22.31 33.51 -37.25
C VAL A 324 23.50 32.56 -37.39
N GLU A 325 24.61 32.91 -36.75
CA GLU A 325 25.81 32.08 -36.72
C GLU A 325 26.13 31.79 -35.25
N LEU A 326 25.82 30.58 -34.81
CA LEU A 326 26.08 30.17 -33.43
C LEU A 326 27.51 29.65 -33.32
N ILE A 327 28.24 30.15 -32.33
CA ILE A 327 29.62 29.73 -32.07
C ILE A 327 29.68 29.28 -30.61
N ILE A 328 29.69 27.97 -30.39
CA ILE A 328 29.85 27.40 -29.06
C ILE A 328 31.30 26.95 -28.90
N TYR A 329 31.92 27.32 -27.79
CA TYR A 329 33.35 27.10 -27.62
C TYR A 329 33.72 27.14 -26.16
N ASN A 330 34.81 26.45 -25.82
CA ASN A 330 35.36 26.51 -24.48
C ASN A 330 36.11 27.83 -24.27
N SER A 331 35.95 28.41 -23.08
CA SER A 331 36.55 29.71 -22.82
C SER A 331 38.07 29.61 -22.72
N HIS A 332 38.60 28.46 -22.33
CA HIS A 332 40.03 28.23 -22.24
C HIS A 332 40.43 27.03 -23.09
N ASP A 333 41.63 27.09 -23.67
CA ASP A 333 42.16 25.97 -24.41
C ASP A 333 42.71 24.94 -23.43
N THR A 334 43.35 23.89 -23.94
CA THR A 334 43.89 22.85 -23.07
C THR A 334 45.06 23.36 -22.24
N LYS A 335 45.78 24.37 -22.74
CA LYS A 335 46.88 24.95 -22.00
C LYS A 335 46.41 25.80 -20.83
N GLY A 336 45.12 26.16 -20.79
CA GLY A 336 44.59 27.03 -19.76
C GLY A 336 44.55 28.49 -20.12
N ASP A 337 45.07 28.87 -21.28
CA ASP A 337 45.05 30.26 -21.71
C ASP A 337 43.66 30.65 -22.21
N LEU A 338 43.34 31.93 -22.05
CA LEU A 338 42.06 32.44 -22.52
C LEU A 338 42.02 32.45 -24.04
N VAL A 339 40.87 32.07 -24.59
CA VAL A 339 40.68 31.98 -26.04
C VAL A 339 40.27 33.33 -26.58
N ASP A 340 40.97 33.79 -27.63
CA ASP A 340 40.64 35.03 -28.31
C ASP A 340 39.61 34.73 -29.38
N VAL A 341 38.39 35.27 -29.20
CA VAL A 341 37.32 34.98 -30.16
C VAL A 341 37.62 35.60 -31.52
N GLY A 342 38.42 36.68 -31.55
CA GLY A 342 38.76 37.29 -32.82
C GLY A 342 39.60 36.38 -33.70
N GLU A 343 40.50 35.60 -33.09
CA GLU A 343 41.30 34.66 -33.87
C GLU A 343 40.45 33.57 -34.48
N MET A 344 39.32 33.24 -33.84
CA MET A 344 38.38 32.28 -34.41
C MET A 344 37.72 32.86 -35.67
N LEU A 345 37.37 34.14 -35.63
CA LEU A 345 36.76 34.78 -36.79
C LEU A 345 37.78 35.06 -37.88
N LYS A 346 39.00 35.45 -37.51
CA LYS A 346 40.05 35.63 -38.50
C LYS A 346 40.35 34.33 -39.22
N SER A 347 40.36 33.22 -38.48
CA SER A 347 40.55 31.91 -39.11
C SER A 347 39.38 31.57 -40.02
N HIS A 348 38.15 31.87 -39.58
CA HIS A 348 36.99 31.66 -40.43
C HIS A 348 37.09 32.47 -41.71
N MET A 349 37.60 33.70 -41.62
CA MET A 349 37.75 34.51 -42.81
C MET A 349 38.89 34.02 -43.69
N GLU A 350 40.00 33.56 -43.10
CA GLU A 350 41.14 33.19 -43.92
C GLU A 350 40.90 31.93 -44.74
N LEU A 351 39.83 31.18 -44.45
CA LEU A 351 39.69 29.85 -45.04
C LEU A 351 39.23 29.91 -46.50
N LYS A 352 38.37 30.85 -46.84
CA LYS A 352 37.75 30.94 -48.16
C LYS A 352 38.05 32.28 -48.83
N THR A 353 39.10 32.96 -48.39
CA THR A 353 39.43 34.28 -48.92
C THR A 353 40.88 34.36 -49.40
N GLY B 2 8.90 19.68 -12.66
CA GLY B 2 9.18 20.71 -11.67
C GLY B 2 10.36 20.39 -10.78
N MET B 3 10.21 20.66 -9.49
CA MET B 3 11.25 20.42 -8.50
C MET B 3 10.72 19.45 -7.45
N ASN B 4 11.54 18.45 -7.12
CA ASN B 4 11.17 17.44 -6.14
C ASN B 4 12.43 17.02 -5.39
N ILE B 5 12.32 15.91 -4.64
CA ILE B 5 13.43 15.45 -3.82
C ILE B 5 14.57 14.92 -4.67
N PHE B 6 14.26 14.38 -5.85
CA PHE B 6 15.32 13.87 -6.72
C PHE B 6 16.16 14.99 -7.29
N GLU B 7 15.51 16.03 -7.82
CA GLU B 7 16.23 17.17 -8.37
C GLU B 7 17.02 17.91 -7.30
N MET B 8 16.50 17.94 -6.07
CA MET B 8 17.22 18.59 -4.98
C MET B 8 18.52 17.87 -4.66
N LEU B 9 18.46 16.55 -4.52
CA LEU B 9 19.65 15.78 -4.18
C LEU B 9 20.56 15.53 -5.37
N ARG B 10 20.06 15.70 -6.60
CA ARG B 10 20.98 15.75 -7.74
C ARG B 10 21.82 17.00 -7.71
N ILE B 11 21.33 18.06 -7.05
CA ILE B 11 22.10 19.27 -6.86
C ILE B 11 23.14 19.09 -5.77
N ASP B 12 22.72 18.59 -4.61
CA ASP B 12 23.60 18.52 -3.44
C ASP B 12 24.58 17.35 -3.54
N GLN B 13 24.13 16.20 -4.02
CA GLN B 13 24.97 15.02 -4.09
C GLN B 13 25.54 14.77 -5.48
N GLY B 14 24.75 14.95 -6.52
CA GLY B 14 25.21 14.71 -7.87
C GLY B 14 24.73 13.37 -8.40
N LEU B 15 24.52 13.31 -9.71
CA LEU B 15 24.02 12.12 -10.38
C LEU B 15 25.15 11.49 -11.20
N ARG B 16 25.25 10.16 -11.13
CA ARG B 16 26.24 9.41 -11.87
C ARG B 16 25.54 8.22 -12.53
N LEU B 17 25.45 8.25 -13.86
CA LEU B 17 24.88 7.12 -14.58
C LEU B 17 25.87 5.97 -14.75
N LYS B 18 27.14 6.19 -14.42
CA LYS B 18 28.15 5.15 -14.46
C LYS B 18 28.66 4.89 -13.04
N ILE B 19 29.21 3.69 -12.83
CA ILE B 19 29.68 3.31 -11.51
C ILE B 19 30.82 4.22 -11.07
N TYR B 20 30.78 4.65 -9.82
CA TYR B 20 31.82 5.48 -9.23
C TYR B 20 32.08 5.03 -7.81
N LYS B 21 33.09 5.62 -7.18
CA LYS B 21 33.44 5.33 -5.79
C LYS B 21 33.10 6.53 -4.93
N ASP B 22 32.55 6.27 -3.74
CA ASP B 22 32.19 7.33 -2.82
C ASP B 22 33.43 7.80 -2.08
N THR B 23 33.23 8.60 -1.02
CA THR B 23 34.36 9.13 -0.27
C THR B 23 35.09 8.05 0.52
N GLU B 24 34.44 6.92 0.82
CA GLU B 24 35.08 5.81 1.51
C GLU B 24 35.59 4.74 0.55
N GLY B 25 35.63 5.03 -0.74
CA GLY B 25 36.11 4.08 -1.73
C GLY B 25 35.15 2.96 -2.06
N TYR B 26 33.88 3.07 -1.66
CA TYR B 26 32.89 2.04 -1.93
C TYR B 26 32.19 2.32 -3.25
N TYR B 27 31.92 1.26 -4.01
CA TYR B 27 31.32 1.42 -5.32
C TYR B 27 29.87 1.89 -5.19
N THR B 28 29.54 2.94 -5.95
CA THR B 28 28.26 3.62 -5.86
C THR B 28 27.80 3.98 -7.25
N ILE B 29 26.50 4.22 -7.41
CA ILE B 29 25.93 4.62 -8.69
C ILE B 29 24.69 5.46 -8.42
N GLY B 30 24.34 6.30 -9.39
CA GLY B 30 23.18 7.17 -9.21
C GLY B 30 23.45 8.24 -8.18
N ILE B 31 22.44 8.52 -7.36
CA ILE B 31 22.59 9.48 -6.26
C ILE B 31 22.86 8.72 -4.97
N GLY B 32 24.13 8.38 -4.75
CA GLY B 32 24.54 7.79 -3.49
C GLY B 32 23.95 6.42 -3.20
N HIS B 33 23.71 5.62 -4.24
CA HIS B 33 23.20 4.26 -4.06
C HIS B 33 24.37 3.30 -3.94
N LEU B 34 24.65 2.85 -2.73
CA LEU B 34 25.76 1.93 -2.49
C LEU B 34 25.48 0.58 -3.14
N LEU B 35 26.43 0.11 -3.94
CA LEU B 35 26.32 -1.21 -4.58
C LEU B 35 26.91 -2.30 -3.70
N THR B 36 28.15 -2.11 -3.25
CA THR B 36 28.83 -3.09 -2.40
C THR B 36 30.04 -2.44 -1.76
N LYS B 37 30.52 -3.07 -0.70
CA LYS B 37 31.75 -2.65 -0.04
C LYS B 37 32.98 -3.36 -0.59
N SER B 38 32.81 -4.25 -1.55
CA SER B 38 33.93 -5.00 -2.10
C SER B 38 34.75 -4.11 -3.03
N PRO B 39 36.08 -4.21 -2.98
CA PRO B 39 36.91 -3.51 -3.98
C PRO B 39 36.76 -4.07 -5.39
N SER B 40 36.07 -5.20 -5.54
CA SER B 40 35.91 -5.81 -6.86
C SER B 40 34.94 -5.00 -7.71
N LEU B 41 35.38 -4.62 -8.90
CA LEU B 41 34.52 -3.85 -9.80
C LEU B 41 33.45 -4.74 -10.42
N ASN B 42 33.81 -5.99 -10.75
CA ASN B 42 32.82 -6.89 -11.33
C ASN B 42 31.78 -7.34 -10.30
N ALA B 43 32.18 -7.47 -9.04
CA ALA B 43 31.21 -7.76 -7.99
C ALA B 43 30.25 -6.60 -7.78
N ALA B 44 30.73 -5.37 -8.01
CA ALA B 44 29.83 -4.22 -7.98
C ALA B 44 28.89 -4.22 -9.18
N LYS B 45 29.36 -4.72 -10.33
CA LYS B 45 28.49 -4.84 -11.50
C LYS B 45 27.43 -5.91 -11.30
N SER B 46 27.76 -6.99 -10.58
CA SER B 46 26.79 -8.04 -10.32
C SER B 46 25.64 -7.53 -9.46
N GLU B 47 25.95 -6.72 -8.44
CA GLU B 47 24.90 -6.11 -7.64
C GLU B 47 24.11 -5.08 -8.41
N LEU B 48 24.78 -4.35 -9.33
CA LEU B 48 24.07 -3.38 -10.15
C LEU B 48 23.13 -4.07 -11.13
N ASP B 49 23.55 -5.20 -11.70
CA ASP B 49 22.68 -5.95 -12.60
C ASP B 49 21.49 -6.52 -11.86
N LYS B 50 21.71 -7.03 -10.64
CA LYS B 50 20.62 -7.64 -9.88
C LYS B 50 19.62 -6.61 -9.39
N ALA B 51 20.06 -5.35 -9.21
CA ALA B 51 19.17 -4.32 -8.71
C ALA B 51 18.24 -3.78 -9.79
N ILE B 52 18.67 -3.80 -11.04
CA ILE B 52 17.88 -3.28 -12.15
C ILE B 52 17.15 -4.39 -12.90
N GLY B 53 17.76 -5.56 -13.02
CA GLY B 53 17.19 -6.66 -13.75
C GLY B 53 17.79 -6.91 -15.12
N ARG B 54 18.87 -6.23 -15.46
CA ARG B 54 19.54 -6.43 -16.73
C ARG B 54 21.04 -6.20 -16.54
N ASN B 55 21.83 -6.79 -17.43
CA ASN B 55 23.28 -6.61 -17.40
C ASN B 55 23.60 -5.22 -17.96
N THR B 56 23.55 -4.21 -17.08
CA THR B 56 23.82 -2.84 -17.48
C THR B 56 25.29 -2.61 -17.81
N ASN B 57 26.18 -3.47 -17.32
CA ASN B 57 27.61 -3.37 -17.60
C ASN B 57 28.20 -2.04 -17.14
N GLY B 58 27.65 -1.49 -16.06
CA GLY B 58 28.18 -0.29 -15.45
C GLY B 58 27.55 1.02 -15.87
N VAL B 59 26.63 1.00 -16.82
CA VAL B 59 25.98 2.21 -17.31
C VAL B 59 24.48 2.03 -17.24
N ILE B 60 23.79 2.97 -16.60
CA ILE B 60 22.34 2.92 -16.43
C ILE B 60 21.73 4.18 -17.01
N THR B 61 20.42 4.14 -17.19
CA THR B 61 19.68 5.28 -17.72
C THR B 61 19.31 6.25 -16.60
N LYS B 62 18.93 7.46 -16.99
CA LYS B 62 18.47 8.44 -16.01
C LYS B 62 17.20 7.98 -15.33
N ASP B 63 16.32 7.28 -16.07
CA ASP B 63 15.09 6.77 -15.47
C ASP B 63 15.40 5.66 -14.47
N GLU B 64 16.33 4.77 -14.80
CA GLU B 64 16.74 3.72 -13.87
C GLU B 64 17.39 4.32 -12.62
N ALA B 65 18.19 5.37 -12.81
CA ALA B 65 18.77 6.07 -11.66
C ALA B 65 17.69 6.70 -10.79
N GLU B 66 16.59 7.14 -11.40
CA GLU B 66 15.49 7.68 -10.61
C GLU B 66 14.75 6.58 -9.86
N LYS B 67 14.59 5.41 -10.48
CA LYS B 67 13.93 4.29 -9.82
C LYS B 67 14.81 3.63 -8.77
N LEU B 68 16.11 3.92 -8.75
CA LEU B 68 16.94 3.48 -7.63
C LEU B 68 16.85 4.47 -6.48
N PHE B 69 16.73 5.76 -6.79
CA PHE B 69 16.79 6.80 -5.75
C PHE B 69 15.56 6.76 -4.85
N ASN B 70 14.37 6.61 -5.43
CA ASN B 70 13.15 6.62 -4.62
C ASN B 70 13.11 5.44 -3.66
N GLN B 71 13.70 4.30 -4.06
CA GLN B 71 13.83 3.18 -3.13
C GLN B 71 14.68 3.56 -1.92
N ASP B 72 15.79 4.26 -2.16
CA ASP B 72 16.64 4.69 -1.06
C ASP B 72 15.96 5.75 -0.20
N VAL B 73 15.05 6.53 -0.80
CA VAL B 73 14.26 7.48 -0.01
C VAL B 73 13.27 6.74 0.88
N ASP B 74 12.59 5.74 0.31
CA ASP B 74 11.65 4.95 1.11
C ASP B 74 12.37 4.17 2.20
N ALA B 75 13.58 3.68 1.90
CA ALA B 75 14.35 2.96 2.91
C ALA B 75 14.88 3.89 3.98
N ALA B 76 15.24 5.12 3.62
CA ALA B 76 15.73 6.08 4.60
C ALA B 76 14.60 6.55 5.52
N VAL B 77 13.40 6.72 4.98
CA VAL B 77 12.26 7.12 5.80
C VAL B 77 11.95 6.05 6.85
N ARG B 78 12.07 4.78 6.47
CA ARG B 78 11.80 3.69 7.41
C ARG B 78 12.71 3.77 8.62
N GLY B 79 14.01 4.00 8.40
CA GLY B 79 14.92 4.15 9.52
C GLY B 79 14.70 5.41 10.32
N ILE B 80 14.26 6.49 9.66
CA ILE B 80 13.97 7.73 10.37
C ILE B 80 12.79 7.53 11.31
N LEU B 81 11.77 6.80 10.86
CA LEU B 81 10.60 6.57 11.69
C LEU B 81 10.90 5.66 12.87
N ARG B 82 11.89 4.76 12.73
CA ARG B 82 12.24 3.87 13.82
C ARG B 82 13.21 4.52 14.80
N ASN B 83 14.04 5.45 14.34
CA ASN B 83 14.97 6.14 15.23
C ASN B 83 14.20 7.09 16.14
N ALA B 84 14.37 6.92 17.45
CA ALA B 84 13.64 7.75 18.41
C ALA B 84 14.13 9.19 18.42
N LYS B 85 15.38 9.45 18.03
CA LYS B 85 15.91 10.80 18.02
C LYS B 85 15.48 11.61 16.79
N LEU B 86 14.97 10.95 15.75
CA LEU B 86 14.65 11.62 14.50
C LEU B 86 13.17 11.60 14.14
N LYS B 87 12.38 10.66 14.65
CA LYS B 87 10.97 10.58 14.27
C LYS B 87 10.11 11.73 14.82
N PRO B 88 10.35 12.27 16.02
CA PRO B 88 9.51 13.40 16.45
C PRO B 88 9.74 14.66 15.64
N VAL B 89 10.97 14.89 15.18
CA VAL B 89 11.24 16.02 14.30
C VAL B 89 10.61 15.79 12.93
N TYR B 90 10.67 14.55 12.44
CA TYR B 90 10.13 14.25 11.12
C TYR B 90 8.61 14.38 11.09
N ASP B 91 7.93 13.95 12.15
CA ASP B 91 6.48 13.92 12.15
C ASP B 91 5.88 15.33 12.14
N SER B 92 6.58 16.30 12.71
CA SER B 92 6.08 17.67 12.77
C SER B 92 6.58 18.54 11.61
N LEU B 93 7.35 17.98 10.69
CA LEU B 93 7.90 18.73 9.56
C LEU B 93 7.01 18.56 8.34
N ASP B 94 7.01 19.59 7.49
CA ASP B 94 6.29 19.53 6.23
C ASP B 94 7.09 18.75 5.19
N ALA B 95 6.40 18.37 4.10
CA ALA B 95 7.02 17.52 3.08
C ALA B 95 8.28 18.16 2.51
N VAL B 96 8.22 19.45 2.20
CA VAL B 96 9.40 20.14 1.67
C VAL B 96 10.51 20.16 2.72
N ARG B 97 10.16 20.38 3.98
CA ARG B 97 11.16 20.30 5.04
C ARG B 97 11.54 18.85 5.33
N ARG B 98 10.60 17.92 5.18
CA ARG B 98 10.95 16.50 5.31
C ARG B 98 11.93 16.09 4.21
N ALA B 99 11.70 16.57 2.98
CA ALA B 99 12.67 16.33 1.91
C ALA B 99 14.03 16.91 2.27
N ALA B 100 14.05 18.07 2.92
CA ALA B 100 15.31 18.61 3.43
C ALA B 100 15.84 17.76 4.58
N LEU B 101 14.95 17.14 5.36
CA LEU B 101 15.40 16.25 6.42
C LEU B 101 15.97 14.95 5.86
N ILE B 102 15.47 14.50 4.71
CA ILE B 102 16.07 13.35 4.05
C ILE B 102 17.40 13.72 3.41
N ASN B 103 17.64 15.01 3.15
CA ASN B 103 18.84 15.45 2.45
C ASN B 103 20.09 15.20 3.29
N MET B 104 20.15 15.77 4.51
CA MET B 104 21.32 15.56 5.35
C MET B 104 21.45 14.12 5.81
N VAL B 105 20.34 13.35 5.79
CA VAL B 105 20.42 11.92 6.11
C VAL B 105 21.29 11.21 5.08
N PHE B 106 21.10 11.52 3.80
CA PHE B 106 21.89 10.88 2.75
C PHE B 106 23.34 11.34 2.79
N GLN B 107 23.60 12.55 3.29
CA GLN B 107 24.94 13.11 3.24
C GLN B 107 25.84 12.53 4.33
N MET B 108 25.40 12.61 5.58
CA MET B 108 26.21 12.22 6.72
C MET B 108 25.73 10.98 7.45
N GLY B 109 24.52 10.49 7.17
CA GLY B 109 23.98 9.31 7.81
C GLY B 109 23.04 9.64 8.95
N GLU B 110 22.40 8.61 9.49
CA GLU B 110 21.43 8.81 10.55
C GLU B 110 22.08 9.25 11.85
N THR B 111 23.24 8.66 12.18
CA THR B 111 23.92 9.02 13.42
C THR B 111 24.44 10.45 13.38
N GLY B 112 24.89 10.90 12.22
CA GLY B 112 25.37 12.27 12.12
C GLY B 112 24.26 13.29 12.23
N VAL B 113 23.11 12.99 11.62
CA VAL B 113 21.95 13.89 11.73
C VAL B 113 21.45 13.94 13.17
N ALA B 114 21.45 12.80 13.86
CA ALA B 114 21.06 12.76 15.26
C ALA B 114 22.04 13.50 16.16
N GLY B 115 23.23 13.84 15.65
CA GLY B 115 24.17 14.61 16.45
C GLY B 115 23.71 16.04 16.67
N PHE B 116 23.08 16.64 15.66
CA PHE B 116 22.53 17.98 15.80
C PHE B 116 21.29 17.97 16.69
N THR B 117 21.47 17.62 17.96
CA THR B 117 20.32 17.46 18.86
C THR B 117 19.61 18.78 19.10
N ASN B 118 20.35 19.89 19.13
CA ASN B 118 19.73 21.18 19.44
C ASN B 118 19.05 21.80 18.23
N SER B 119 19.58 21.57 17.04
CA SER B 119 18.98 22.13 15.83
C SER B 119 17.69 21.40 15.47
N LEU B 120 17.64 20.09 15.69
CA LEU B 120 16.42 19.33 15.43
C LEU B 120 15.30 19.76 16.37
N ARG B 121 15.65 20.05 17.63
CA ARG B 121 14.64 20.45 18.60
C ARG B 121 14.05 21.81 18.28
N MET B 122 14.83 22.70 17.67
CA MET B 122 14.30 23.99 17.23
C MET B 122 13.46 23.85 15.97
N LEU B 123 13.80 22.92 15.08
CA LEU B 123 12.96 22.65 13.93
C LEU B 123 11.63 22.02 14.35
N GLN B 124 11.67 21.15 15.35
CA GLN B 124 10.44 20.56 15.87
C GLN B 124 9.53 21.62 16.48
N GLN B 125 10.11 22.62 17.13
CA GLN B 125 9.35 23.71 17.72
C GLN B 125 9.03 24.81 16.73
N LYS B 126 9.26 24.57 15.44
CA LYS B 126 8.92 25.50 14.35
C LYS B 126 9.64 26.83 14.46
N ARG B 127 10.71 26.89 15.25
CA ARG B 127 11.56 28.08 15.32
C ARG B 127 12.53 28.05 14.15
N TRP B 128 12.03 28.47 12.99
CA TRP B 128 12.78 28.31 11.74
C TRP B 128 14.01 29.20 11.70
N ASP B 129 13.96 30.37 12.34
CA ASP B 129 15.11 31.27 12.29
C ASP B 129 16.21 30.82 13.25
N GLU B 130 15.82 30.29 14.41
CA GLU B 130 16.81 29.91 15.41
C GLU B 130 17.62 28.70 14.98
N ALA B 131 16.98 27.69 14.37
CA ALA B 131 17.75 26.55 13.92
C ALA B 131 18.47 26.82 12.60
N ALA B 132 18.11 27.90 11.90
CA ALA B 132 18.88 28.30 10.74
C ALA B 132 20.23 28.86 11.14
N VAL B 133 20.27 29.63 12.24
CA VAL B 133 21.52 30.24 12.68
C VAL B 133 22.45 29.18 13.26
N ASN B 134 21.90 28.15 13.89
CA ASN B 134 22.74 27.19 14.58
C ASN B 134 23.37 26.21 13.61
N LEU B 135 22.65 25.83 12.54
CA LEU B 135 23.26 24.99 11.51
C LEU B 135 24.35 25.72 10.72
N ALA B 136 24.36 27.06 10.73
CA ALA B 136 25.46 27.81 10.12
C ALA B 136 26.75 27.66 10.91
N LYS B 137 26.65 27.49 12.22
CA LYS B 137 27.81 27.28 13.08
C LYS B 137 28.27 25.82 13.09
N SER B 138 27.59 24.94 12.39
CA SER B 138 27.92 23.52 12.44
C SER B 138 29.19 23.22 11.65
N ARG B 139 29.84 22.12 12.01
CA ARG B 139 30.99 21.65 11.23
C ARG B 139 30.56 21.21 9.83
N TRP B 140 29.36 20.66 9.70
CA TRP B 140 28.83 20.33 8.38
C TRP B 140 28.73 21.56 7.49
N TYR B 141 28.51 22.74 8.08
CA TYR B 141 28.55 23.98 7.31
C TYR B 141 29.97 24.29 6.86
N ASN B 142 30.97 24.03 7.70
CA ASN B 142 32.34 24.35 7.35
C ASN B 142 32.88 23.40 6.28
N GLN B 143 32.54 22.11 6.37
CA GLN B 143 32.99 21.16 5.37
C GLN B 143 32.31 21.38 4.03
N THR B 144 31.00 21.66 4.05
CA THR B 144 30.21 21.90 2.83
C THR B 144 29.43 23.19 3.01
N PRO B 145 30.05 24.34 2.71
CA PRO B 145 29.32 25.62 2.83
C PRO B 145 28.21 25.76 1.82
N ASN B 146 28.34 25.15 0.65
CA ASN B 146 27.31 25.27 -0.38
C ASN B 146 26.04 24.51 0.02
N ARG B 147 26.19 23.26 0.46
CA ARG B 147 25.04 22.41 0.74
C ARG B 147 24.32 22.81 2.02
N ALA B 148 25.04 23.34 3.00
CA ALA B 148 24.41 23.67 4.27
C ALA B 148 23.41 24.81 4.11
N LYS B 149 23.72 25.79 3.25
CA LYS B 149 22.82 26.92 3.06
C LYS B 149 21.48 26.49 2.48
N ARG B 150 21.50 25.62 1.49
CA ARG B 150 20.27 25.25 0.79
C ARG B 150 19.33 24.45 1.69
N VAL B 151 19.87 23.52 2.48
CA VAL B 151 19.04 22.76 3.40
C VAL B 151 18.53 23.67 4.52
N ILE B 152 19.33 24.67 4.91
CA ILE B 152 18.89 25.62 5.93
C ILE B 152 17.70 26.44 5.41
N THR B 153 17.84 27.00 4.20
CA THR B 153 16.78 27.83 3.65
C THR B 153 15.52 27.02 3.38
N THR B 154 15.69 25.75 2.97
CA THR B 154 14.53 24.89 2.78
C THR B 154 13.82 24.63 4.10
N PHE B 155 14.57 24.49 5.19
CA PHE B 155 13.97 24.36 6.51
C PHE B 155 13.34 25.67 6.95
N ARG B 156 13.95 26.80 6.59
CA ARG B 156 13.46 28.09 7.07
C ARG B 156 12.26 28.58 6.29
N THR B 157 12.24 28.36 4.98
CA THR B 157 11.17 28.88 4.12
C THR B 157 10.14 27.83 3.75
N GLY B 158 10.49 26.55 3.76
CA GLY B 158 9.56 25.53 3.33
C GLY B 158 9.30 25.51 1.85
N THR B 159 10.18 26.11 1.04
CA THR B 159 10.06 26.16 -0.40
C THR B 159 11.35 25.67 -1.04
N TRP B 160 11.33 25.57 -2.37
CA TRP B 160 12.50 25.19 -3.15
C TRP B 160 13.30 26.38 -3.64
N ASP B 161 13.35 27.47 -2.85
CA ASP B 161 13.95 28.71 -3.33
C ASP B 161 15.46 28.61 -3.43
N ALA B 162 16.11 28.05 -2.40
CA ALA B 162 17.57 28.04 -2.36
C ALA B 162 18.21 27.22 -3.46
N TYR B 163 17.43 26.44 -4.22
CA TYR B 163 17.96 25.64 -5.31
C TYR B 163 17.86 26.35 -6.65
N GLY B 164 17.79 27.68 -6.64
CA GLY B 164 17.91 28.52 -7.81
C GLY B 164 16.85 28.26 -8.86
N SER B 165 17.21 28.52 -10.11
CA SER B 165 16.32 28.40 -11.26
C SER B 165 16.85 27.28 -12.15
N LEU B 166 16.30 26.08 -12.00
CA LEU B 166 16.72 24.94 -12.81
C LEU B 166 15.58 24.30 -13.57
N ASP B 167 14.34 24.76 -13.39
CA ASP B 167 13.23 24.35 -14.24
C ASP B 167 12.84 25.51 -15.14
N TYR B 168 11.90 25.24 -16.05
CA TYR B 168 11.58 26.21 -17.09
C TYR B 168 10.97 27.49 -16.51
N ALA B 169 10.06 27.36 -15.54
CA ALA B 169 9.37 28.53 -15.02
C ALA B 169 10.32 29.43 -14.23
N ALA B 170 11.09 28.87 -13.31
CA ALA B 170 11.99 29.68 -12.50
C ALA B 170 13.10 30.30 -13.33
N GLY B 171 13.54 29.61 -14.39
CA GLY B 171 14.58 30.16 -15.24
C GLY B 171 14.12 31.37 -16.02
N MET B 172 12.85 31.40 -16.43
CA MET B 172 12.30 32.58 -17.09
C MET B 172 12.29 33.77 -16.14
N ALA B 173 11.99 33.52 -14.86
CA ALA B 173 12.02 34.58 -13.87
C ALA B 173 13.44 35.03 -13.56
N SER B 174 14.38 34.08 -13.50
CA SER B 174 15.77 34.43 -13.21
C SER B 174 16.39 35.25 -14.33
N ASN B 175 16.19 34.82 -15.58
CA ASN B 175 16.68 35.59 -16.72
C ASN B 175 16.00 36.95 -16.79
N TYR B 176 14.70 36.99 -16.48
CA TYR B 176 14.00 38.28 -16.35
C TYR B 176 14.64 39.14 -15.27
N PHE B 177 15.01 38.52 -14.14
CA PHE B 177 15.53 39.26 -13.01
C PHE B 177 16.97 39.73 -13.23
N HIS B 178 17.87 38.80 -13.52
CA HIS B 178 19.28 39.16 -13.65
C HIS B 178 19.52 40.02 -14.89
N GLY B 179 18.81 39.73 -15.98
CA GLY B 179 19.06 40.40 -17.23
C GLY B 179 18.34 41.71 -17.45
N TYR B 180 17.48 42.14 -16.52
CA TYR B 180 16.69 43.34 -16.76
C TYR B 180 16.30 44.05 -15.47
N LEU B 181 15.63 43.34 -14.57
CA LEU B 181 15.14 43.96 -13.34
C LEU B 181 16.28 44.37 -12.43
N LYS B 182 17.12 43.41 -12.03
CA LYS B 182 18.27 43.73 -11.18
C LYS B 182 19.32 44.52 -11.94
N LEU B 183 19.36 44.39 -13.27
CA LEU B 183 20.41 45.03 -14.05
C LEU B 183 20.15 46.51 -14.26
N SER B 184 18.90 46.89 -14.56
CA SER B 184 18.59 48.24 -15.02
C SER B 184 17.80 49.08 -14.04
N LEU B 185 17.14 48.48 -13.05
CA LEU B 185 16.31 49.26 -12.14
C LEU B 185 17.07 49.83 -10.94
N PRO B 186 17.94 49.07 -10.26
CA PRO B 186 18.66 49.64 -9.11
C PRO B 186 19.53 50.83 -9.52
N GLU B 187 19.70 51.75 -8.58
CA GLU B 187 20.54 52.92 -8.83
C GLU B 187 22.00 52.50 -8.90
N ARG B 188 22.64 52.75 -10.04
CA ARG B 188 24.06 52.49 -10.22
C ARG B 188 24.66 53.68 -10.96
N LYS B 189 25.79 54.17 -10.46
CA LYS B 189 26.37 55.44 -10.89
C LYS B 189 25.29 56.50 -10.64
N ALA B 190 25.03 57.40 -11.59
CA ALA B 190 24.00 58.42 -11.41
C ALA B 190 22.70 58.05 -12.10
N ASP B 191 22.48 56.77 -12.39
CA ASP B 191 21.35 56.33 -13.19
C ASP B 191 20.60 55.20 -12.50
N GLY B 192 19.39 54.95 -12.98
CA GLY B 192 18.54 53.93 -12.40
C GLY B 192 17.08 54.29 -12.61
N LEU B 193 16.20 53.39 -12.19
CA LEU B 193 14.78 53.58 -12.41
C LEU B 193 14.27 54.83 -11.71
N LEU B 194 14.52 54.95 -10.41
CA LEU B 194 14.01 56.10 -9.66
C LEU B 194 14.58 57.40 -10.20
N HIS B 195 15.84 57.38 -10.66
CA HIS B 195 16.42 58.58 -11.26
C HIS B 195 15.70 58.95 -12.55
N ARG B 196 15.40 57.96 -13.40
CA ARG B 196 14.70 58.23 -14.65
C ARG B 196 13.28 58.74 -14.39
N MET B 197 12.63 58.22 -13.34
CA MET B 197 11.29 58.69 -13.01
C MET B 197 11.32 60.11 -12.45
N ASN B 198 12.35 60.44 -11.66
CA ASN B 198 12.47 61.79 -11.14
C ASN B 198 12.74 62.80 -12.25
N VAL B 199 13.58 62.43 -13.21
CA VAL B 199 13.80 63.30 -14.37
C VAL B 199 12.53 63.42 -15.19
N TYR B 200 11.78 62.31 -15.30
CA TYR B 200 10.53 62.33 -16.05
C TYR B 200 9.49 63.21 -15.38
N GLU B 201 9.36 63.11 -14.06
CA GLU B 201 8.39 63.93 -13.34
C GLU B 201 8.72 65.41 -13.46
N ASP B 202 10.01 65.76 -13.40
CA ASP B 202 10.39 67.16 -13.49
C ASP B 202 10.29 67.70 -14.91
N LYS B 203 10.54 66.86 -15.91
CA LYS B 203 10.47 67.32 -17.30
C LYS B 203 9.04 67.66 -17.70
N TYR B 204 8.09 66.79 -17.40
CA TYR B 204 6.71 66.95 -17.82
C TYR B 204 5.80 67.47 -16.71
N ASN B 205 6.34 67.74 -15.53
CA ASN B 205 5.56 68.19 -14.37
C ASN B 205 4.41 67.22 -14.09
N VAL B 206 4.74 65.94 -13.98
CA VAL B 206 3.77 64.89 -13.78
C VAL B 206 4.10 64.13 -12.50
N THR B 207 3.20 63.23 -12.11
CA THR B 207 3.34 62.46 -10.88
C THR B 207 3.09 60.98 -11.20
N PHE B 208 4.04 60.13 -10.84
CA PHE B 208 3.83 58.70 -10.96
C PHE B 208 2.98 58.22 -9.80
N GLY B 209 1.94 57.43 -10.12
CA GLY B 209 1.06 56.92 -9.07
C GLY B 209 1.79 56.03 -8.08
N ILE B 210 2.76 55.26 -8.57
CA ILE B 210 3.67 54.51 -7.73
C ILE B 210 5.04 54.52 -8.39
N LYS B 211 6.09 54.74 -7.59
CA LYS B 211 7.44 54.82 -8.13
C LYS B 211 8.09 53.43 -8.16
N ARG B 212 7.43 52.55 -8.91
CA ARG B 212 7.92 51.20 -9.14
C ARG B 212 7.62 50.81 -10.58
N LEU B 213 8.41 49.88 -11.11
CA LEU B 213 8.09 49.27 -12.39
C LEU B 213 6.97 48.25 -12.19
N ILE B 214 5.85 48.48 -12.84
CA ILE B 214 4.70 47.59 -12.74
C ILE B 214 4.79 46.54 -13.84
N ILE B 215 4.69 45.27 -13.47
CA ILE B 215 4.77 44.16 -14.41
C ILE B 215 3.44 43.44 -14.40
N LEU B 216 2.74 43.48 -15.53
CA LEU B 216 1.47 42.78 -15.67
C LEU B 216 1.73 41.32 -16.04
N ILE B 217 1.15 40.40 -15.28
CA ILE B 217 1.29 38.98 -15.57
C ILE B 217 -0.09 38.36 -15.77
N PRO B 218 -0.77 38.64 -16.88
CA PRO B 218 -2.07 38.02 -17.12
C PRO B 218 -1.93 36.58 -17.59
N ASP B 219 -3.01 35.82 -17.40
CA ASP B 219 -3.01 34.43 -17.83
C ASP B 219 -3.09 34.28 -19.35
N GLU B 220 -3.37 35.36 -20.07
CA GLU B 220 -3.43 35.33 -21.53
C GLU B 220 -2.76 36.58 -22.08
N MET B 221 -2.14 36.43 -23.24
CA MET B 221 -1.42 37.54 -23.86
C MET B 221 -2.39 38.67 -24.23
N PHE B 222 -1.84 39.88 -24.34
CA PHE B 222 -2.64 41.05 -24.67
C PHE B 222 -3.32 40.88 -26.01
N ILE B 223 -4.56 41.36 -26.11
CA ILE B 223 -5.27 41.35 -27.38
C ILE B 223 -4.59 42.33 -28.33
N ASN B 224 -4.29 41.86 -29.54
CA ASN B 224 -3.57 42.62 -30.55
C ASN B 224 -2.17 43.01 -30.12
N GLY B 225 -1.66 42.36 -29.07
CA GLY B 225 -0.30 42.58 -28.61
C GLY B 225 -0.05 43.91 -27.94
N VAL B 226 -1.09 44.64 -27.55
CA VAL B 226 -0.94 45.94 -26.92
C VAL B 226 -1.82 46.01 -25.68
N ILE B 227 -1.45 46.90 -24.77
CA ILE B 227 -2.17 47.07 -23.51
C ILE B 227 -3.52 47.71 -23.81
N GLN B 228 -4.59 46.94 -23.66
CA GLN B 228 -5.94 47.41 -23.97
C GLN B 228 -6.57 48.02 -22.73
N SER B 229 -7.03 49.26 -22.85
CA SER B 229 -7.69 49.92 -21.73
C SER B 229 -8.59 51.04 -22.24
N ARG B 230 -9.56 51.39 -21.41
CA ARG B 230 -10.52 52.44 -21.69
C ARG B 230 -10.16 53.77 -21.05
N ILE B 231 -9.27 53.77 -20.06
CA ILE B 231 -8.86 54.99 -19.37
C ILE B 231 -7.36 55.16 -19.29
N LEU B 232 -6.58 54.21 -19.80
CA LEU B 232 -5.13 54.26 -19.74
C LEU B 232 -4.57 54.48 -21.15
N GLU B 233 -3.74 55.50 -21.30
CA GLU B 233 -3.16 55.83 -22.60
C GLU B 233 -1.63 55.82 -22.50
N LYS B 234 -1.00 55.50 -23.62
CA LYS B 234 0.46 55.40 -23.66
C LYS B 234 1.07 56.79 -23.76
N ALA B 235 2.09 57.04 -22.95
CA ALA B 235 2.78 58.32 -22.92
C ALA B 235 4.23 58.14 -23.36
N THR B 236 4.99 59.23 -23.32
CA THR B 236 6.40 59.19 -23.65
C THR B 236 7.12 58.26 -22.68
N PRO B 237 7.98 57.36 -23.16
CA PRO B 237 8.69 56.45 -22.24
C PRO B 237 9.73 57.19 -21.43
N LEU B 238 10.25 56.50 -20.42
CA LEU B 238 11.41 57.02 -19.71
C LEU B 238 12.59 57.12 -20.66
N GLU B 239 13.48 58.05 -20.38
CA GLU B 239 14.71 58.16 -21.16
C GLU B 239 15.44 56.84 -21.17
N THR B 240 15.94 56.45 -22.34
CA THR B 240 16.63 55.18 -22.46
C THR B 240 17.96 55.22 -21.71
N GLN B 241 18.23 54.18 -20.93
CA GLN B 241 19.52 54.01 -20.28
C GLN B 241 20.31 52.92 -20.99
N PHE B 242 21.60 53.17 -21.18
CA PHE B 242 22.48 52.25 -21.90
C PHE B 242 23.37 51.51 -20.90
N ILE B 243 23.35 50.19 -20.97
CA ILE B 243 24.12 49.33 -20.09
C ILE B 243 24.84 48.30 -20.95
N ASN B 244 26.16 48.20 -20.77
CA ASN B 244 26.93 47.17 -21.47
C ASN B 244 26.45 45.79 -21.05
N ARG B 245 26.11 44.96 -22.03
CA ARG B 245 25.52 43.65 -21.76
C ARG B 245 25.87 42.73 -22.92
N ALA B 246 26.67 41.70 -22.63
CA ALA B 246 27.02 40.67 -23.61
C ALA B 246 27.68 41.26 -24.85
N GLY B 247 28.51 42.28 -24.65
CA GLY B 247 29.24 42.90 -25.73
C GLY B 247 28.52 44.05 -26.43
N VAL B 248 27.32 44.39 -26.01
CA VAL B 248 26.53 45.46 -26.62
C VAL B 248 26.33 46.57 -25.61
N ASN B 249 26.49 47.82 -26.04
CA ASN B 249 26.05 48.96 -25.26
C ASN B 249 24.53 49.02 -25.38
N ARG B 250 23.88 48.19 -24.58
CA ARG B 250 22.49 47.83 -24.84
C ARG B 250 21.54 48.89 -24.32
N PRO B 251 20.57 49.33 -25.13
CA PRO B 251 19.55 50.25 -24.64
C PRO B 251 18.46 49.52 -23.87
N PHE B 252 18.08 50.08 -22.73
CA PHE B 252 16.99 49.55 -21.91
C PHE B 252 15.94 50.64 -21.75
N LYS B 253 14.73 50.36 -22.23
CA LYS B 253 13.64 51.33 -22.22
C LYS B 253 12.48 50.80 -21.40
N HIS B 254 11.87 51.69 -20.62
CA HIS B 254 10.68 51.39 -19.84
C HIS B 254 9.54 52.25 -20.33
N ALA B 255 8.41 51.62 -20.66
CA ALA B 255 7.26 52.34 -21.17
C ALA B 255 6.51 53.02 -20.02
N VAL B 256 5.83 54.12 -20.36
CA VAL B 256 5.06 54.90 -19.39
C VAL B 256 3.64 55.07 -19.92
N TYR B 257 2.66 54.84 -19.06
CA TYR B 257 1.26 55.05 -19.36
C TYR B 257 0.65 56.00 -18.32
N ARG B 258 -0.44 56.65 -18.69
CA ARG B 258 -1.10 57.58 -17.80
C ARG B 258 -2.62 57.38 -17.87
N LEU B 259 -3.27 57.64 -16.74
CA LEU B 259 -4.72 57.56 -16.69
C LEU B 259 -5.34 58.76 -17.39
N ALA B 260 -6.30 58.49 -18.28
CA ALA B 260 -7.02 59.57 -18.95
C ALA B 260 -8.02 60.26 -18.03
N GLU B 261 -8.34 59.68 -16.89
CA GLU B 261 -9.27 60.26 -15.92
C GLU B 261 -8.52 60.69 -14.67
N LYS B 262 -8.95 61.81 -14.09
CA LYS B 262 -8.34 62.29 -12.86
C LYS B 262 -8.74 61.40 -11.69
N VAL B 263 -7.78 61.15 -10.81
CA VAL B 263 -8.01 60.46 -9.54
C VAL B 263 -7.53 61.37 -8.43
N ASN B 264 -8.45 61.79 -7.56
CA ASN B 264 -8.16 62.74 -6.49
C ASN B 264 -7.60 64.04 -7.04
N GLY B 265 -8.09 64.44 -8.21
CA GLY B 265 -7.64 65.67 -8.84
C GLY B 265 -6.27 65.61 -9.45
N LYS B 266 -5.72 64.41 -9.67
CA LYS B 266 -4.39 64.26 -10.23
C LYS B 266 -4.42 63.28 -11.39
N THR B 267 -3.57 63.53 -12.38
CA THR B 267 -3.30 62.58 -13.44
C THR B 267 -2.09 61.76 -13.04
N TYR B 268 -2.27 60.44 -12.93
CA TYR B 268 -1.21 59.55 -12.46
C TYR B 268 -0.55 58.85 -13.63
N TYR B 269 0.78 58.81 -13.61
CA TYR B 269 1.56 58.09 -14.60
C TYR B 269 2.08 56.79 -14.00
N PHE B 270 2.45 55.86 -14.87
CA PHE B 270 2.89 54.54 -14.43
C PHE B 270 3.92 54.00 -15.40
N ALA B 271 5.13 53.73 -14.91
CA ALA B 271 6.10 52.94 -15.64
C ALA B 271 5.70 51.48 -15.52
N MET B 272 5.39 50.84 -16.64
CA MET B 272 4.79 49.52 -16.59
C MET B 272 5.04 48.79 -17.90
N GLU B 273 4.74 47.49 -17.88
CA GLU B 273 4.93 46.62 -19.03
C GLU B 273 4.27 45.29 -18.72
N GLY B 274 3.95 44.55 -19.78
CA GLY B 274 3.57 43.17 -19.62
C GLY B 274 4.78 42.31 -19.34
N ALA B 275 4.55 41.19 -18.66
CA ALA B 275 5.61 40.23 -18.42
C ALA B 275 5.99 39.53 -19.72
N THR B 276 6.92 40.12 -20.47
CA THR B 276 7.23 39.61 -21.80
C THR B 276 7.82 38.21 -21.83
N PRO B 277 8.51 37.70 -20.79
CA PRO B 277 8.83 36.25 -20.79
C PRO B 277 7.60 35.38 -20.99
N MET B 278 6.50 35.70 -20.29
CA MET B 278 5.26 34.94 -20.49
C MET B 278 4.78 35.05 -21.93
N LEU B 279 4.95 36.22 -22.55
CA LEU B 279 4.57 36.38 -23.95
C LEU B 279 5.42 35.50 -24.85
N SER B 280 6.74 35.49 -24.63
CA SER B 280 7.60 34.60 -25.40
C SER B 280 7.30 33.14 -25.12
N PHE B 281 6.86 32.82 -23.89
CA PHE B 281 6.44 31.46 -23.57
C PHE B 281 5.12 31.13 -24.24
N PHE B 282 4.15 32.06 -24.21
CA PHE B 282 2.88 31.84 -24.90
C PHE B 282 3.11 31.61 -26.39
N GLU B 283 3.94 32.44 -27.01
CA GLU B 283 4.21 32.30 -28.44
C GLU B 283 4.86 30.97 -28.75
N ALA B 284 5.83 30.54 -27.92
CA ALA B 284 6.49 29.27 -28.16
C ALA B 284 5.53 28.10 -28.02
N MET B 285 4.60 28.18 -27.07
CA MET B 285 3.65 27.09 -26.86
C MET B 285 2.61 27.03 -27.97
N HIS B 286 2.17 28.19 -28.46
CA HIS B 286 1.17 28.21 -29.53
C HIS B 286 1.70 27.59 -30.81
N SER B 287 3.02 27.63 -31.03
CA SER B 287 3.61 27.07 -32.24
C SER B 287 3.87 25.58 -32.13
N ASN B 288 3.93 25.03 -30.92
CA ASN B 288 4.20 23.61 -30.72
C ASN B 288 3.00 22.79 -30.30
N PHE B 289 1.97 23.42 -29.73
CA PHE B 289 0.80 22.71 -29.22
C PHE B 289 -0.47 23.44 -29.64
N SER B 290 -1.57 22.70 -29.67
CA SER B 290 -2.82 23.17 -30.28
C SER B 290 -3.90 23.50 -29.25
N ALA B 291 -3.50 24.01 -28.08
CA ALA B 291 -4.42 24.58 -27.09
C ALA B 291 -5.47 23.56 -26.62
N THR B 292 -4.99 22.41 -26.18
CA THR B 292 -5.86 21.43 -25.54
C THR B 292 -5.99 21.74 -24.04
N TRP B 293 -6.86 21.00 -23.37
CA TRP B 293 -7.00 21.20 -21.93
C TRP B 293 -5.73 20.77 -21.20
N GLN B 294 -4.99 19.81 -21.75
CA GLN B 294 -3.70 19.44 -21.17
C GLN B 294 -2.73 20.61 -21.18
N MET B 295 -2.70 21.36 -22.29
CA MET B 295 -1.76 22.48 -22.38
C MET B 295 -2.19 23.66 -21.53
N LYS B 296 -3.49 23.89 -21.38
CA LYS B 296 -3.95 24.99 -20.56
C LYS B 296 -3.54 24.81 -19.10
N GLU B 297 -3.61 23.57 -18.60
CA GLU B 297 -3.16 23.30 -17.25
C GLU B 297 -1.65 23.49 -17.12
N LEU B 298 -0.90 23.03 -18.12
CA LEU B 298 0.54 23.22 -18.10
C LEU B 298 0.93 24.68 -18.24
N LYS B 299 0.22 25.42 -19.10
CA LYS B 299 0.47 26.85 -19.24
C LYS B 299 0.21 27.59 -17.93
N ARG B 300 -0.92 27.29 -17.28
CA ARG B 300 -1.24 27.93 -16.01
C ARG B 300 -0.26 27.52 -14.93
N GLU B 301 0.24 26.28 -14.97
CA GLU B 301 1.24 25.83 -14.00
C GLU B 301 2.54 26.61 -14.15
N ILE B 302 3.03 26.74 -15.39
CA ILE B 302 4.21 27.57 -15.64
C ILE B 302 3.92 29.02 -15.27
N TRP B 303 2.69 29.47 -15.55
CA TRP B 303 2.31 30.86 -15.26
C TRP B 303 2.44 31.18 -13.78
N LEU B 304 1.88 30.32 -12.92
CA LEU B 304 1.93 30.56 -11.48
C LEU B 304 3.36 30.46 -10.95
N LYS B 305 4.10 29.42 -11.35
CA LYS B 305 5.46 29.24 -10.86
C LYS B 305 6.37 30.37 -11.28
N PHE B 306 6.14 30.95 -12.47
CA PHE B 306 6.94 32.09 -12.91
C PHE B 306 6.75 33.28 -11.97
N TYR B 307 5.50 33.58 -11.61
CA TYR B 307 5.23 34.70 -10.72
C TYR B 307 5.81 34.45 -9.33
N THR B 308 5.63 33.25 -8.78
CA THR B 308 6.08 32.97 -7.43
C THR B 308 7.60 33.09 -7.34
N HIS B 309 8.32 32.51 -8.30
CA HIS B 309 9.77 32.58 -8.27
C HIS B 309 10.26 34.00 -8.55
N LEU B 310 9.60 34.71 -9.47
CA LEU B 310 9.98 36.10 -9.74
C LEU B 310 9.74 36.98 -8.53
N ASN B 311 8.60 36.80 -7.86
CA ASN B 311 8.31 37.56 -6.66
C ASN B 311 9.29 37.23 -5.54
N GLU B 312 9.77 35.98 -5.47
CA GLU B 312 10.73 35.61 -4.45
C GLU B 312 12.09 36.24 -4.72
N LEU B 313 12.53 36.25 -5.99
CA LEU B 313 13.81 36.86 -6.32
C LEU B 313 13.81 38.35 -6.03
N ILE B 314 12.69 39.02 -6.32
CA ILE B 314 12.61 40.47 -6.13
C ILE B 314 12.67 40.81 -4.64
N LYS B 315 12.04 39.99 -3.80
CA LYS B 315 11.99 40.29 -2.37
C LYS B 315 13.30 39.97 -1.67
N THR B 316 14.02 38.93 -2.10
CA THR B 316 15.24 38.52 -1.40
C THR B 316 16.40 39.48 -1.66
N TRP B 317 16.39 40.21 -2.77
CA TRP B 317 17.48 41.12 -3.09
C TRP B 317 17.11 42.53 -2.66
N PRO B 318 17.89 43.18 -1.78
CA PRO B 318 17.51 44.52 -1.33
C PRO B 318 17.55 45.57 -2.42
N GLU B 319 18.35 45.37 -3.47
CA GLU B 319 18.45 46.36 -4.54
C GLU B 319 17.18 46.49 -5.34
N THR B 320 16.34 45.45 -5.36
CA THR B 320 15.11 45.45 -6.16
C THR B 320 13.86 45.27 -5.31
N ARG B 321 13.98 45.22 -3.98
CA ARG B 321 12.85 44.87 -3.13
C ARG B 321 11.72 45.88 -3.26
N ASN B 322 12.05 47.17 -3.39
CA ASN B 322 11.07 48.24 -3.42
C ASN B 322 10.99 48.91 -4.78
N LEU B 323 11.40 48.22 -5.85
CA LEU B 323 11.42 48.80 -7.18
C LEU B 323 10.44 48.16 -8.17
N VAL B 324 9.82 47.03 -7.84
CA VAL B 324 8.97 46.30 -8.77
C VAL B 324 7.63 46.01 -8.12
N GLU B 325 6.56 46.12 -8.90
CA GLU B 325 5.22 45.75 -8.49
C GLU B 325 4.69 44.72 -9.47
N LEU B 326 4.58 43.47 -9.03
CA LEU B 326 4.04 42.39 -9.86
C LEU B 326 2.53 42.33 -9.67
N ILE B 327 1.81 42.35 -10.80
CA ILE B 327 0.35 42.27 -10.79
C ILE B 327 -0.03 41.04 -11.61
N ILE B 328 -0.39 39.96 -10.93
CA ILE B 328 -0.82 38.72 -11.57
C ILE B 328 -2.35 38.63 -11.45
N TYR B 329 -3.01 38.30 -12.55
CA TYR B 329 -4.46 38.39 -12.60
C TYR B 329 -4.99 37.57 -13.76
N ASN B 330 -6.27 37.24 -13.69
CA ASN B 330 -6.97 36.63 -14.81
C ASN B 330 -7.36 37.71 -15.82
N SER B 331 -7.13 37.42 -17.10
CA SER B 331 -7.50 38.38 -18.14
C SER B 331 -9.01 38.59 -18.25
N HIS B 332 -9.81 37.66 -17.73
CA HIS B 332 -11.27 37.77 -17.74
C HIS B 332 -11.80 37.70 -16.32
N ASP B 333 -12.83 38.50 -16.04
CA ASP B 333 -13.47 38.46 -14.73
C ASP B 333 -14.41 37.25 -14.65
N THR B 334 -15.10 37.13 -13.52
CA THR B 334 -16.03 36.03 -13.34
C THR B 334 -17.19 36.08 -14.33
N LYS B 335 -17.63 37.28 -14.68
CA LYS B 335 -18.70 37.42 -15.68
C LYS B 335 -18.23 37.07 -17.08
N GLY B 336 -16.93 37.12 -17.35
CA GLY B 336 -16.38 36.78 -18.65
C GLY B 336 -15.80 37.95 -19.42
N ASP B 337 -15.99 39.18 -18.95
CA ASP B 337 -15.48 40.35 -19.64
C ASP B 337 -13.99 40.52 -19.38
N LEU B 338 -13.31 41.08 -20.38
CA LEU B 338 -11.87 41.32 -20.24
C LEU B 338 -11.63 42.40 -19.19
N VAL B 339 -10.65 42.14 -18.33
CA VAL B 339 -10.32 43.08 -17.28
C VAL B 339 -9.57 44.27 -17.87
N ASP B 340 -9.89 45.46 -17.40
CA ASP B 340 -9.27 46.70 -17.85
C ASP B 340 -8.15 47.04 -16.87
N VAL B 341 -6.90 46.94 -17.32
CA VAL B 341 -5.77 47.20 -16.42
C VAL B 341 -5.77 48.66 -15.97
N GLY B 342 -6.30 49.57 -16.79
CA GLY B 342 -6.45 50.94 -16.36
C GLY B 342 -7.39 51.08 -15.18
N GLU B 343 -8.48 50.29 -15.17
CA GLU B 343 -9.38 50.28 -14.02
C GLU B 343 -8.70 49.70 -12.79
N MET B 344 -7.86 48.69 -12.99
CA MET B 344 -7.11 48.12 -11.88
C MET B 344 -6.18 49.14 -11.25
N LEU B 345 -5.50 49.95 -12.08
CA LEU B 345 -4.57 50.95 -11.58
C LEU B 345 -5.32 52.10 -10.90
N LYS B 346 -6.46 52.50 -11.47
CA LYS B 346 -7.26 53.55 -10.83
C LYS B 346 -7.74 53.11 -9.46
N SER B 347 -8.22 51.86 -9.35
CA SER B 347 -8.68 51.36 -8.06
C SER B 347 -7.53 51.27 -7.07
N HIS B 348 -6.35 50.85 -7.52
CA HIS B 348 -5.19 50.83 -6.63
C HIS B 348 -4.84 52.23 -6.14
N MET B 349 -4.98 53.24 -7.00
CA MET B 349 -4.70 54.60 -6.58
C MET B 349 -5.75 55.13 -5.61
N GLU B 350 -6.99 54.64 -5.73
CA GLU B 350 -8.04 55.09 -4.82
C GLU B 350 -7.92 54.43 -3.45
N LEU B 351 -7.53 53.15 -3.41
CA LEU B 351 -7.46 52.39 -2.16
C LEU B 351 -6.40 52.91 -1.19
N LYS B 352 -5.63 53.93 -1.55
CA LYS B 352 -4.62 54.48 -0.66
C LYS B 352 -4.61 56.00 -0.59
N THR B 353 -5.35 56.69 -1.44
CA THR B 353 -5.36 58.15 -1.44
C THR B 353 -6.78 58.70 -1.27
N MET C 3 -11.37 -19.90 11.24
CA MET C 3 -10.61 -18.92 11.99
C MET C 3 -10.17 -17.77 11.09
N ASN C 4 -9.16 -17.02 11.54
CA ASN C 4 -8.70 -15.83 10.82
C ASN C 4 -7.19 -15.70 10.96
N ILE C 5 -6.65 -14.68 10.30
CA ILE C 5 -5.22 -14.41 10.39
C ILE C 5 -4.83 -13.95 11.79
N PHE C 6 -5.78 -13.39 12.56
CA PHE C 6 -5.49 -13.00 13.93
C PHE C 6 -5.31 -14.23 14.82
N GLU C 7 -6.24 -15.18 14.75
CA GLU C 7 -6.08 -16.41 15.51
C GLU C 7 -4.95 -17.28 15.00
N MET C 8 -4.57 -17.12 13.73
CA MET C 8 -3.40 -17.83 13.21
C MET C 8 -2.11 -17.30 13.84
N LEU C 9 -1.93 -15.97 13.80
CA LEU C 9 -0.76 -15.37 14.44
C LEU C 9 -0.82 -15.48 15.95
N ARG C 10 -2.01 -15.62 16.54
CA ARG C 10 -2.10 -15.85 17.97
C ARG C 10 -1.54 -17.22 18.34
N ILE C 11 -1.62 -18.18 17.43
CA ILE C 11 -1.04 -19.50 17.68
C ILE C 11 0.47 -19.49 17.41
N ASP C 12 0.87 -18.96 16.26
CA ASP C 12 2.28 -19.02 15.88
C ASP C 12 3.13 -18.06 16.70
N GLN C 13 2.67 -16.83 16.89
CA GLN C 13 3.45 -15.78 17.53
C GLN C 13 3.01 -15.46 18.94
N GLY C 14 1.72 -15.49 19.22
CA GLY C 14 1.24 -15.29 20.57
C GLY C 14 0.70 -13.88 20.79
N LEU C 15 -0.28 -13.78 21.68
CA LEU C 15 -0.91 -12.51 22.03
C LEU C 15 -0.60 -12.16 23.47
N ARG C 16 -0.14 -10.92 23.70
CA ARG C 16 0.19 -10.44 25.03
C ARG C 16 -0.47 -9.08 25.23
N LEU C 17 -1.31 -8.99 26.26
CA LEU C 17 -2.00 -7.73 26.55
C LEU C 17 -1.14 -6.78 27.37
N LYS C 18 -0.16 -7.29 28.10
CA LYS C 18 0.76 -6.45 28.84
C LYS C 18 1.99 -6.14 27.99
N ILE C 19 2.57 -4.96 28.23
CA ILE C 19 3.77 -4.58 27.50
C ILE C 19 4.89 -5.56 27.83
N TYR C 20 5.56 -6.05 26.79
CA TYR C 20 6.65 -7.00 26.94
C TYR C 20 7.81 -6.56 26.04
N LYS C 21 8.92 -7.26 26.14
CA LYS C 21 10.10 -7.00 25.33
C LYS C 21 10.34 -8.18 24.37
N ASP C 22 10.73 -7.84 23.14
CA ASP C 22 10.97 -8.85 22.12
C ASP C 22 12.34 -9.50 22.34
N THR C 23 12.82 -10.25 21.34
CA THR C 23 14.12 -10.90 21.47
C THR C 23 15.27 -9.90 21.48
N GLU C 24 15.05 -8.69 20.98
CA GLU C 24 16.06 -7.64 20.99
C GLU C 24 15.91 -6.68 22.16
N GLY C 25 15.03 -6.98 23.11
CA GLY C 25 14.82 -6.11 24.25
C GLY C 25 14.04 -4.85 23.97
N TYR C 26 13.23 -4.84 22.91
CA TYR C 26 12.43 -3.68 22.55
C TYR C 26 11.00 -3.86 23.04
N TYR C 27 10.45 -2.79 23.62
CA TYR C 27 9.10 -2.85 24.18
C TYR C 27 8.08 -3.12 23.08
N THR C 28 7.21 -4.09 23.34
CA THR C 28 6.25 -4.58 22.35
C THR C 28 4.94 -4.86 23.07
N ILE C 29 3.85 -4.96 22.29
CA ILE C 29 2.54 -5.29 22.84
C ILE C 29 1.71 -5.95 21.74
N GLY C 30 0.66 -6.65 22.16
CA GLY C 30 -0.21 -7.31 21.20
C GLY C 30 0.52 -8.47 20.54
N ILE C 31 0.42 -8.55 19.22
CA ILE C 31 1.14 -9.57 18.47
C ILE C 31 2.29 -8.91 17.71
N GLY C 32 3.41 -8.71 18.40
CA GLY C 32 4.60 -8.19 17.75
C GLY C 32 4.54 -6.76 17.29
N HIS C 33 3.73 -5.92 17.95
CA HIS C 33 3.62 -4.51 17.58
C HIS C 33 4.71 -3.74 18.32
N LEU C 34 5.78 -3.40 17.60
CA LEU C 34 6.86 -2.63 18.20
C LEU C 34 6.38 -1.24 18.60
N LEU C 35 6.63 -0.87 19.85
CA LEU C 35 6.26 0.45 20.35
C LEU C 35 7.38 1.46 20.16
N THR C 36 8.57 1.16 20.67
CA THR C 36 9.72 2.04 20.52
C THR C 36 10.99 1.26 20.82
N LYS C 37 12.13 1.89 20.54
CA LYS C 37 13.43 1.32 20.86
C LYS C 37 14.06 1.95 22.09
N SER C 38 13.52 3.07 22.58
CA SER C 38 14.10 3.72 23.75
C SER C 38 13.94 2.83 24.98
N PRO C 39 14.94 2.80 25.88
CA PRO C 39 14.85 1.91 27.04
C PRO C 39 13.81 2.32 28.06
N SER C 40 13.30 3.55 28.00
CA SER C 40 12.36 4.03 29.00
C SER C 40 11.01 3.32 28.86
N LEU C 41 10.52 2.78 29.98
CA LEU C 41 9.20 2.15 29.97
C LEU C 41 8.09 3.19 29.83
N ASN C 42 8.33 4.41 30.32
CA ASN C 42 7.36 5.48 30.14
C ASN C 42 7.27 5.93 28.68
N ALA C 43 8.41 5.93 27.98
CA ALA C 43 8.39 6.29 26.56
C ALA C 43 7.62 5.27 25.74
N ALA C 44 7.67 4.00 26.13
CA ALA C 44 6.86 2.99 25.46
C ALA C 44 5.39 3.17 25.74
N LYS C 45 5.03 3.64 26.95
CA LYS C 45 3.63 3.90 27.26
C LYS C 45 3.11 5.10 26.50
N SER C 46 3.95 6.09 26.20
CA SER C 46 3.50 7.25 25.45
C SER C 46 3.17 6.88 24.00
N GLU C 47 3.98 6.02 23.38
CA GLU C 47 3.66 5.54 22.04
C GLU C 47 2.39 4.69 22.06
N LEU C 48 2.20 3.88 23.10
CA LEU C 48 1.00 3.07 23.20
C LEU C 48 -0.24 3.94 23.41
N ASP C 49 -0.09 5.04 24.15
CA ASP C 49 -1.22 5.96 24.33
C ASP C 49 -1.58 6.66 23.04
N LYS C 50 -0.58 7.09 22.27
CA LYS C 50 -0.85 7.70 20.97
C LYS C 50 -1.38 6.68 19.98
N ALA C 51 -0.92 5.43 20.08
CA ALA C 51 -1.42 4.38 19.18
C ALA C 51 -2.91 4.17 19.37
N ILE C 52 -3.39 4.19 20.61
CA ILE C 52 -4.82 4.14 20.89
C ILE C 52 -5.29 5.55 21.19
N GLY C 53 -6.34 5.68 22.01
CA GLY C 53 -6.87 6.99 22.31
C GLY C 53 -7.06 7.26 23.79
N ARG C 54 -6.63 6.31 24.62
CA ARG C 54 -6.80 6.42 26.06
C ARG C 54 -5.46 6.17 26.75
N ASN C 55 -5.40 6.51 28.03
CA ASN C 55 -4.24 6.22 28.87
C ASN C 55 -4.28 4.75 29.24
N THR C 56 -3.48 3.94 28.54
CA THR C 56 -3.49 2.50 28.73
C THR C 56 -2.77 2.07 30.00
N ASN C 57 -1.75 2.82 30.41
CA ASN C 57 -0.88 2.44 31.52
C ASN C 57 -0.23 1.08 31.27
N GLY C 58 0.09 0.78 30.01
CA GLY C 58 0.78 -0.44 29.66
C GLY C 58 -0.08 -1.67 29.53
N VAL C 59 -1.39 -1.56 29.71
CA VAL C 59 -2.29 -2.70 29.64
C VAL C 59 -3.40 -2.39 28.64
N ILE C 60 -3.67 -3.33 27.74
CA ILE C 60 -4.75 -3.23 26.78
C ILE C 60 -5.60 -4.50 26.87
N THR C 61 -6.72 -4.48 26.15
CA THR C 61 -7.62 -5.62 26.09
C THR C 61 -7.39 -6.40 24.80
N LYS C 62 -8.04 -7.56 24.70
CA LYS C 62 -7.92 -8.36 23.49
C LYS C 62 -8.49 -7.61 22.28
N ASP C 63 -9.62 -6.91 22.47
CA ASP C 63 -10.21 -6.16 21.38
C ASP C 63 -9.28 -5.04 20.93
N GLU C 64 -8.67 -4.32 21.87
CA GLU C 64 -7.67 -3.31 21.52
C GLU C 64 -6.45 -3.96 20.88
N ALA C 65 -6.06 -5.14 21.35
CA ALA C 65 -4.94 -5.86 20.74
C ALA C 65 -5.30 -6.39 19.36
N GLU C 66 -6.55 -6.84 19.19
CA GLU C 66 -6.99 -7.30 17.87
C GLU C 66 -7.17 -6.12 16.92
N LYS C 67 -7.69 -5.00 17.43
CA LYS C 67 -7.78 -3.80 16.61
C LYS C 67 -6.40 -3.30 16.20
N LEU C 68 -5.43 -3.39 17.11
CA LEU C 68 -4.07 -2.97 16.79
C LEU C 68 -3.41 -3.95 15.82
N PHE C 69 -3.78 -5.22 15.88
CA PHE C 69 -3.20 -6.21 14.96
C PHE C 69 -3.76 -6.04 13.55
N ASN C 70 -5.07 -5.85 13.42
CA ASN C 70 -5.66 -5.69 12.10
C ASN C 70 -5.15 -4.44 11.40
N GLN C 71 -4.70 -3.43 12.16
CA GLN C 71 -4.02 -2.30 11.56
C GLN C 71 -2.63 -2.69 11.06
N ASP C 72 -1.95 -3.57 11.80
CA ASP C 72 -0.65 -4.07 11.33
C ASP C 72 -0.82 -4.98 10.12
N VAL C 73 -1.99 -5.61 9.97
CA VAL C 73 -2.26 -6.38 8.76
C VAL C 73 -2.45 -5.45 7.57
N ASP C 74 -3.16 -4.33 7.78
CA ASP C 74 -3.34 -3.36 6.70
C ASP C 74 -1.99 -2.81 6.23
N ALA C 75 -1.09 -2.51 7.16
CA ALA C 75 0.24 -2.04 6.77
C ALA C 75 1.03 -3.14 6.08
N ALA C 76 0.85 -4.39 6.51
CA ALA C 76 1.51 -5.50 5.84
C ALA C 76 0.97 -5.69 4.42
N VAL C 77 -0.36 -5.59 4.26
CA VAL C 77 -0.94 -5.68 2.92
C VAL C 77 -0.48 -4.51 2.06
N ARG C 78 -0.40 -3.31 2.64
CA ARG C 78 0.10 -2.16 1.91
C ARG C 78 1.57 -2.34 1.53
N GLY C 79 2.37 -2.90 2.44
CA GLY C 79 3.75 -3.18 2.13
C GLY C 79 3.93 -4.21 1.04
N ILE C 80 3.05 -5.22 1.00
CA ILE C 80 3.11 -6.20 -0.06
C ILE C 80 2.73 -5.58 -1.40
N LEU C 81 1.70 -4.74 -1.41
CA LEU C 81 1.28 -4.09 -2.65
C LEU C 81 2.30 -3.06 -3.12
N ARG C 82 3.08 -2.49 -2.20
CA ARG C 82 4.16 -1.58 -2.56
C ARG C 82 5.44 -2.32 -2.95
N ASN C 83 5.37 -3.63 -3.18
CA ASN C 83 6.53 -4.44 -3.54
C ASN C 83 6.24 -5.11 -4.87
N ALA C 84 7.11 -4.87 -5.87
CA ALA C 84 6.91 -5.45 -7.18
C ALA C 84 7.16 -6.96 -7.17
N LYS C 85 7.99 -7.45 -6.24
CA LYS C 85 8.28 -8.88 -6.17
C LYS C 85 7.23 -9.65 -5.38
N LEU C 86 6.39 -8.97 -4.60
CA LEU C 86 5.39 -9.63 -3.77
C LEU C 86 3.95 -9.33 -4.17
N LYS C 87 3.72 -8.34 -5.05
CA LYS C 87 2.34 -8.01 -5.41
C LYS C 87 1.71 -9.05 -6.33
N PRO C 88 2.37 -9.54 -7.39
CA PRO C 88 1.68 -10.51 -8.26
C PRO C 88 1.25 -11.78 -7.56
N VAL C 89 2.05 -12.29 -6.63
CA VAL C 89 1.68 -13.53 -5.95
C VAL C 89 0.51 -13.30 -4.99
N TYR C 90 0.50 -12.15 -4.30
CA TYR C 90 -0.57 -11.86 -3.34
C TYR C 90 -1.91 -11.72 -4.05
N ASP C 91 -1.91 -11.14 -5.26
CA ASP C 91 -3.17 -10.97 -5.98
C ASP C 91 -3.71 -12.29 -6.50
N SER C 92 -2.84 -13.27 -6.76
CA SER C 92 -3.26 -14.56 -7.29
C SER C 92 -3.62 -15.56 -6.20
N LEU C 93 -3.15 -15.35 -4.98
CA LEU C 93 -3.38 -16.31 -3.90
C LEU C 93 -4.80 -16.20 -3.36
N ASP C 94 -5.28 -17.32 -2.84
CA ASP C 94 -6.54 -17.33 -2.11
C ASP C 94 -6.39 -16.54 -0.81
N ALA C 95 -7.53 -16.07 -0.28
CA ALA C 95 -7.52 -15.30 0.96
C ALA C 95 -6.89 -16.08 2.11
N VAL C 96 -7.08 -17.40 2.13
CA VAL C 96 -6.43 -18.21 3.15
C VAL C 96 -4.93 -18.27 2.90
N ARG C 97 -4.52 -18.47 1.66
CA ARG C 97 -3.10 -18.47 1.33
C ARG C 97 -2.47 -17.09 1.46
N ARG C 98 -3.27 -16.03 1.34
CA ARG C 98 -2.75 -14.68 1.59
C ARG C 98 -2.36 -14.51 3.05
N ALA C 99 -3.12 -15.11 3.96
CA ALA C 99 -2.78 -15.03 5.38
C ALA C 99 -1.46 -15.73 5.67
N ALA C 100 -1.24 -16.90 5.05
CA ALA C 100 0.03 -17.60 5.23
C ALA C 100 1.20 -16.80 4.66
N LEU C 101 0.94 -15.98 3.63
CA LEU C 101 1.98 -15.11 3.11
C LEU C 101 2.28 -13.98 4.08
N ILE C 102 1.23 -13.33 4.61
CA ILE C 102 1.42 -12.29 5.62
C ILE C 102 2.02 -12.87 6.88
N ASN C 103 1.74 -14.15 7.17
CA ASN C 103 2.37 -14.81 8.30
C ASN C 103 3.89 -14.83 8.16
N MET C 104 4.39 -15.14 6.96
CA MET C 104 5.82 -15.11 6.72
C MET C 104 6.37 -13.69 6.77
N VAL C 105 5.57 -12.70 6.37
CA VAL C 105 6.01 -11.31 6.43
C VAL C 105 6.17 -10.86 7.87
N PHE C 106 5.24 -11.28 8.75
CA PHE C 106 5.36 -10.95 10.16
C PHE C 106 6.55 -11.62 10.83
N GLN C 107 7.04 -12.73 10.27
CA GLN C 107 8.11 -13.48 10.91
C GLN C 107 9.50 -13.01 10.46
N MET C 108 9.72 -12.91 9.15
CA MET C 108 11.03 -12.61 8.61
C MET C 108 11.13 -11.25 7.95
N GLY C 109 10.02 -10.57 7.72
CA GLY C 109 10.03 -9.27 7.08
C GLY C 109 9.65 -9.33 5.62
N GLU C 110 9.29 -8.17 5.07
CA GLU C 110 8.85 -8.09 3.69
C GLU C 110 9.97 -8.45 2.73
N THR C 111 11.18 -7.97 2.99
CA THR C 111 12.31 -8.27 2.10
C THR C 111 12.70 -9.74 2.19
N GLY C 112 12.57 -10.34 3.37
CA GLY C 112 12.93 -11.76 3.50
C GLY C 112 12.01 -12.67 2.71
N VAL C 113 10.73 -12.31 2.63
CA VAL C 113 9.79 -13.12 1.85
C VAL C 113 10.07 -12.96 0.35
N ALA C 114 10.60 -11.81 -0.06
CA ALA C 114 10.87 -11.58 -1.48
C ALA C 114 11.97 -12.48 -2.02
N GLY C 115 12.80 -13.06 -1.15
CA GLY C 115 13.88 -13.93 -1.60
C GLY C 115 13.42 -15.28 -2.09
N PHE C 116 12.21 -15.71 -1.71
CA PHE C 116 11.67 -17.00 -2.12
C PHE C 116 11.07 -16.90 -3.53
N THR C 117 11.93 -16.55 -4.49
CA THR C 117 11.46 -16.32 -5.85
C THR C 117 10.90 -17.59 -6.47
N ASN C 118 11.63 -18.70 -6.37
CA ASN C 118 11.14 -19.95 -6.94
C ASN C 118 9.97 -20.53 -6.15
N SER C 119 9.91 -20.27 -4.84
CA SER C 119 8.77 -20.74 -4.06
C SER C 119 7.54 -19.89 -4.32
N LEU C 120 7.72 -18.60 -4.57
CA LEU C 120 6.57 -17.73 -4.84
C LEU C 120 6.06 -17.88 -6.27
N ARG C 121 6.94 -18.16 -7.23
CA ARG C 121 6.48 -18.32 -8.61
C ARG C 121 5.57 -19.54 -8.75
N MET C 122 5.81 -20.58 -7.97
CA MET C 122 4.90 -21.73 -7.99
C MET C 122 3.60 -21.42 -7.26
N LEU C 123 3.66 -20.62 -6.20
CA LEU C 123 2.43 -20.12 -5.58
C LEU C 123 1.72 -19.15 -6.51
N GLN C 124 2.48 -18.36 -7.28
CA GLN C 124 1.87 -17.48 -8.26
C GLN C 124 1.28 -18.28 -9.43
N GLN C 125 1.94 -19.37 -9.83
CA GLN C 125 1.45 -20.24 -10.87
C GLN C 125 0.56 -21.35 -10.34
N LYS C 126 0.24 -21.31 -9.03
CA LYS C 126 -0.74 -22.21 -8.42
C LYS C 126 -0.32 -23.67 -8.51
N ARG C 127 0.91 -23.94 -8.10
CA ARG C 127 1.46 -25.29 -7.98
C ARG C 127 1.69 -25.54 -6.50
N TRP C 128 0.63 -25.96 -5.81
CA TRP C 128 0.65 -25.99 -4.35
C TRP C 128 1.52 -27.12 -3.82
N ASP C 129 1.29 -28.35 -4.29
CA ASP C 129 2.02 -29.49 -3.75
C ASP C 129 3.51 -29.39 -4.00
N GLU C 130 3.91 -28.82 -5.13
CA GLU C 130 5.34 -28.65 -5.41
C GLU C 130 5.93 -27.47 -4.67
N ALA C 131 5.13 -26.44 -4.39
CA ALA C 131 5.62 -25.32 -3.59
C ALA C 131 5.81 -25.72 -2.13
N ALA C 132 5.07 -26.73 -1.67
CA ALA C 132 5.24 -27.21 -0.31
C ALA C 132 6.59 -27.90 -0.13
N VAL C 133 7.07 -28.60 -1.16
CA VAL C 133 8.35 -29.29 -1.06
C VAL C 133 9.51 -28.30 -1.16
N ASN C 134 9.39 -27.29 -2.02
CA ASN C 134 10.46 -26.32 -2.18
C ASN C 134 10.59 -25.44 -0.95
N LEU C 135 9.46 -25.06 -0.34
CA LEU C 135 9.50 -24.29 0.90
C LEU C 135 10.09 -25.12 2.04
N ALA C 136 9.89 -26.43 2.01
CA ALA C 136 10.44 -27.32 3.03
C ALA C 136 11.94 -27.48 2.85
N SER C 138 14.20 -24.97 2.65
CA SER C 138 14.77 -23.63 2.78
C SER C 138 15.26 -23.38 4.20
N ARG C 139 15.97 -22.26 4.39
CA ARG C 139 16.50 -21.94 5.71
C ARG C 139 15.40 -21.63 6.72
N TRP C 140 14.25 -21.13 6.24
CA TRP C 140 13.16 -20.79 7.14
C TRP C 140 12.53 -22.04 7.76
N TYR C 141 12.42 -23.10 6.97
CA TYR C 141 11.83 -24.34 7.48
C TYR C 141 12.73 -24.99 8.52
N ASN C 142 14.02 -25.14 8.21
CA ASN C 142 14.92 -25.84 9.12
C ASN C 142 15.16 -25.08 10.41
N GLN C 143 14.89 -23.78 10.45
CA GLN C 143 15.05 -23.01 11.68
C GLN C 143 13.81 -23.13 12.57
N THR C 144 12.63 -22.87 12.01
CA THR C 144 11.36 -22.95 12.73
C THR C 144 10.47 -23.98 12.03
N PRO C 145 10.71 -25.28 12.26
CA PRO C 145 9.97 -26.30 11.50
C PRO C 145 8.50 -26.38 11.88
N ASN C 146 8.17 -26.33 13.17
CA ASN C 146 6.79 -26.52 13.60
C ASN C 146 5.88 -25.44 13.03
N ARG C 147 6.32 -24.18 13.09
CA ARG C 147 5.50 -23.10 12.54
C ARG C 147 5.47 -23.15 11.02
N ALA C 148 6.61 -23.48 10.39
CA ALA C 148 6.65 -23.55 8.93
C ALA C 148 5.75 -24.66 8.40
N LYS C 149 5.66 -25.78 9.12
CA LYS C 149 4.79 -26.87 8.68
C LYS C 149 3.34 -26.44 8.66
N ARG C 150 2.91 -25.63 9.63
CA ARG C 150 1.55 -25.12 9.63
C ARG C 150 1.33 -24.13 8.49
N VAL C 151 2.34 -23.29 8.21
CA VAL C 151 2.21 -22.34 7.12
C VAL C 151 2.27 -23.05 5.78
N ILE C 152 3.17 -24.03 5.63
CA ILE C 152 3.28 -24.77 4.38
C ILE C 152 2.01 -25.54 4.10
N THR C 153 1.40 -26.13 5.14
CA THR C 153 0.13 -26.81 4.96
C THR C 153 -0.95 -25.85 4.50
N THR C 154 -0.93 -24.61 5.02
CA THR C 154 -1.90 -23.61 4.58
C THR C 154 -1.66 -23.23 3.12
N PHE C 155 -0.40 -23.14 2.69
CA PHE C 155 -0.10 -22.89 1.29
C PHE C 155 -0.51 -24.07 0.42
N ARG C 156 -0.33 -25.29 0.92
CA ARG C 156 -0.54 -26.49 0.11
C ARG C 156 -2.02 -26.79 -0.07
N THR C 157 -2.83 -26.58 0.97
CA THR C 157 -4.24 -26.95 0.93
C THR C 157 -5.16 -25.76 0.71
N GLY C 158 -5.00 -24.70 1.50
CA GLY C 158 -5.92 -23.58 1.49
C GLY C 158 -6.94 -23.60 2.61
N THR C 159 -6.76 -24.47 3.60
CA THR C 159 -7.65 -24.56 4.75
C THR C 159 -6.89 -24.23 6.02
N TRP C 160 -7.61 -24.19 7.14
CA TRP C 160 -7.03 -23.90 8.44
C TRP C 160 -6.86 -25.16 9.29
N ASP C 161 -6.94 -26.35 8.68
CA ASP C 161 -6.87 -27.59 9.45
C ASP C 161 -5.50 -27.84 10.07
N ALA C 162 -4.48 -27.07 9.68
CA ALA C 162 -3.18 -27.18 10.34
C ALA C 162 -3.15 -26.50 11.70
N TYR C 163 -4.13 -25.63 11.97
CA TYR C 163 -4.19 -24.92 13.25
C TYR C 163 -5.34 -25.45 14.11
N SER C 165 -8.70 -25.76 13.08
CA SER C 165 -9.70 -26.45 13.87
C SER C 165 -10.04 -25.65 15.13
N LEU C 166 -10.17 -26.37 16.24
CA LEU C 166 -10.40 -25.78 17.57
C LEU C 166 -11.73 -25.02 17.65
N ASP C 167 -12.68 -25.28 16.76
CA ASP C 167 -14.02 -24.76 16.91
C ASP C 167 -14.94 -25.87 17.39
N TYR C 168 -16.26 -25.65 17.31
CA TYR C 168 -17.20 -26.64 17.82
C TYR C 168 -17.25 -27.87 16.94
N ALA C 169 -17.37 -27.67 15.62
CA ALA C 169 -17.51 -28.80 14.72
C ALA C 169 -16.26 -29.67 14.71
N ALA C 170 -15.09 -29.04 14.60
CA ALA C 170 -13.84 -29.80 14.66
C ALA C 170 -13.58 -30.36 16.04
N GLY C 171 -14.15 -29.76 17.09
CA GLY C 171 -13.98 -30.31 18.43
C GLY C 171 -14.73 -31.61 18.62
N MET C 172 -15.96 -31.69 18.10
CA MET C 172 -16.70 -32.95 18.18
C MET C 172 -16.00 -34.04 17.40
N ALA C 173 -15.45 -33.71 16.23
CA ALA C 173 -14.78 -34.72 15.42
C ALA C 173 -13.45 -35.14 16.05
N SER C 174 -12.73 -34.19 16.65
CA SER C 174 -11.44 -34.52 17.25
C SER C 174 -11.59 -35.39 18.49
N ASN C 175 -12.49 -35.01 19.40
CA ASN C 175 -12.75 -35.83 20.58
C ASN C 175 -13.29 -37.20 20.19
N TYR C 176 -14.16 -37.25 19.18
CA TYR C 176 -14.66 -38.53 18.68
C TYR C 176 -13.55 -39.36 18.05
N PHE C 177 -12.56 -38.71 17.44
CA PHE C 177 -11.47 -39.42 16.79
C PHE C 177 -10.46 -39.94 17.81
N HIS C 178 -10.00 -39.06 18.72
CA HIS C 178 -8.96 -39.45 19.67
C HIS C 178 -9.50 -40.30 20.80
N GLY C 179 -10.76 -40.11 21.18
CA GLY C 179 -11.33 -40.83 22.30
C GLY C 179 -12.05 -42.12 21.96
N TYR C 180 -12.07 -42.52 20.68
CA TYR C 180 -12.83 -43.70 20.29
C TYR C 180 -12.31 -44.31 19.00
N LEU C 181 -12.33 -43.54 17.90
CA LEU C 181 -11.94 -44.08 16.60
C LEU C 181 -10.47 -44.47 16.58
N LYS C 182 -9.59 -43.52 16.84
CA LYS C 182 -8.16 -43.82 16.88
C LYS C 182 -7.78 -44.66 18.09
N LEU C 183 -8.63 -44.68 19.12
CA LEU C 183 -8.27 -45.34 20.37
C LEU C 183 -8.53 -46.84 20.32
N SER C 184 -9.70 -47.25 19.80
CA SER C 184 -10.13 -48.64 19.90
C SER C 184 -10.12 -49.40 18.59
N LEU C 185 -10.05 -48.71 17.45
CA LEU C 185 -10.13 -49.40 16.16
C LEU C 185 -8.78 -49.91 15.66
N PRO C 186 -7.68 -49.14 15.74
CA PRO C 186 -6.39 -49.67 15.28
C PRO C 186 -5.97 -50.91 16.06
N GLU C 187 -5.28 -51.82 15.37
CA GLU C 187 -4.86 -53.08 15.96
C GLU C 187 -3.75 -52.82 16.97
N ARG C 188 -4.06 -53.06 18.25
CA ARG C 188 -3.10 -52.88 19.34
C ARG C 188 -3.21 -54.06 20.29
N LYS C 189 -2.07 -54.62 20.67
CA LYS C 189 -2.00 -55.71 21.65
C LYS C 189 -2.86 -56.90 21.20
N ALA C 190 -2.70 -57.28 19.93
CA ALA C 190 -3.46 -58.38 19.34
C ALA C 190 -4.97 -58.17 19.48
N ASP C 191 -5.39 -56.91 19.45
CA ASP C 191 -6.80 -56.57 19.61
C ASP C 191 -7.08 -55.32 18.80
N GLY C 192 -8.35 -55.14 18.44
CA GLY C 192 -8.76 -54.01 17.63
C GLY C 192 -9.99 -54.36 16.83
N LEU C 193 -10.34 -53.46 15.92
CA LEU C 193 -11.56 -53.63 15.13
C LEU C 193 -11.46 -54.84 14.22
N LEU C 194 -10.41 -54.91 13.41
CA LEU C 194 -10.27 -56.02 12.46
C LEU C 194 -10.13 -57.35 13.19
N HIS C 195 -9.40 -57.37 14.30
CA HIS C 195 -9.30 -58.60 15.10
C HIS C 195 -10.66 -58.99 15.67
N ARG C 196 -11.42 -58.02 16.18
CA ARG C 196 -12.73 -58.33 16.72
C ARG C 196 -13.68 -58.86 15.65
N MET C 197 -13.57 -58.37 14.42
CA MET C 197 -14.43 -58.87 13.35
C MET C 197 -14.01 -60.27 12.90
N ASN C 198 -12.70 -60.56 12.90
CA ASN C 198 -12.26 -61.91 12.59
C ASN C 198 -12.72 -62.90 13.64
N VAL C 199 -12.61 -62.54 14.92
CA VAL C 199 -13.14 -63.38 15.99
C VAL C 199 -14.64 -63.57 15.83
N TYR C 200 -15.35 -62.49 15.49
CA TYR C 200 -16.79 -62.57 15.30
C TYR C 200 -17.15 -63.49 14.13
N GLU C 201 -16.43 -63.37 13.01
CA GLU C 201 -16.71 -64.23 11.87
C GLU C 201 -16.40 -65.69 12.15
N ASP C 202 -15.40 -65.96 13.00
CA ASP C 202 -15.10 -67.34 13.36
C ASP C 202 -16.06 -67.88 14.41
N LYS C 203 -16.49 -67.02 15.34
CA LYS C 203 -17.33 -67.46 16.45
C LYS C 203 -18.74 -67.79 15.99
N TYR C 204 -19.26 -67.03 15.03
CA TYR C 204 -20.63 -67.23 14.56
C TYR C 204 -20.73 -67.66 13.11
N ASN C 205 -19.59 -67.90 12.45
CA ASN C 205 -19.57 -68.38 11.06
C ASN C 205 -20.34 -67.44 10.13
N VAL C 206 -20.04 -66.14 10.24
CA VAL C 206 -20.72 -65.12 9.45
C VAL C 206 -19.70 -64.39 8.59
N THR C 207 -20.19 -63.46 7.77
CA THR C 207 -19.33 -62.69 6.87
C THR C 207 -19.74 -61.23 6.91
N PHE C 208 -18.78 -60.34 7.16
CA PHE C 208 -19.04 -58.91 7.15
C PHE C 208 -18.99 -58.39 5.72
N GLY C 209 -20.05 -57.67 5.32
CA GLY C 209 -20.07 -57.11 3.99
C GLY C 209 -19.04 -56.02 3.78
N ILE C 210 -18.69 -55.30 4.85
CA ILE C 210 -17.62 -54.30 4.82
C ILE C 210 -16.78 -54.49 6.07
N LYS C 211 -15.47 -54.62 5.89
CA LYS C 211 -14.57 -54.79 7.02
C LYS C 211 -14.19 -53.45 7.62
N ARG C 212 -15.17 -52.59 7.85
CA ARG C 212 -14.95 -51.26 8.41
C ARG C 212 -16.11 -50.93 9.34
N LEU C 213 -15.83 -50.00 10.26
CA LEU C 213 -16.89 -49.45 11.10
C LEU C 213 -17.63 -48.38 10.31
N ILE C 214 -18.91 -48.61 10.05
CA ILE C 214 -19.73 -47.67 9.30
C ILE C 214 -20.32 -46.66 10.28
N ILE C 215 -20.14 -45.39 9.99
CA ILE C 215 -20.63 -44.30 10.85
C ILE C 215 -21.67 -43.53 10.05
N LEU C 216 -22.94 -43.65 10.46
CA LEU C 216 -24.02 -42.93 9.80
C LEU C 216 -24.07 -41.50 10.31
N ILE C 217 -24.06 -40.54 9.39
CA ILE C 217 -24.12 -39.13 9.74
C ILE C 217 -25.30 -38.49 9.03
N PRO C 218 -26.53 -38.69 9.50
CA PRO C 218 -27.69 -38.07 8.85
C PRO C 218 -27.92 -36.65 9.36
N ASP C 219 -28.73 -35.90 8.61
CA ASP C 219 -29.07 -34.54 8.98
C ASP C 219 -30.10 -34.47 10.10
N GLU C 220 -30.76 -35.59 10.40
CA GLU C 220 -31.73 -35.66 11.50
C GLU C 220 -31.42 -36.89 12.34
N MET C 221 -31.67 -36.76 13.64
CA MET C 221 -31.45 -37.88 14.56
C MET C 221 -32.42 -39.01 14.27
N PHE C 222 -32.05 -40.21 14.71
CA PHE C 222 -32.82 -41.42 14.43
C PHE C 222 -34.22 -41.31 15.03
N ILE C 223 -35.22 -41.76 14.25
CA ILE C 223 -36.58 -41.84 14.77
C ILE C 223 -36.60 -42.83 15.93
N ASN C 224 -37.09 -42.36 17.08
CA ASN C 224 -37.15 -43.13 18.32
C ASN C 224 -35.76 -43.58 18.79
N GLY C 225 -34.71 -42.87 18.37
CA GLY C 225 -33.37 -43.17 18.83
C GLY C 225 -32.85 -44.53 18.44
N VAL C 226 -33.30 -45.07 17.32
CA VAL C 226 -32.95 -46.43 16.89
C VAL C 226 -32.85 -46.45 15.38
N ILE C 227 -31.87 -47.21 14.86
CA ILE C 227 -31.72 -47.36 13.42
C ILE C 227 -32.94 -48.06 12.86
N GLN C 228 -33.68 -47.37 12.01
CA GLN C 228 -34.92 -47.88 11.43
C GLN C 228 -34.66 -48.41 10.03
N SER C 229 -35.07 -49.64 9.76
CA SER C 229 -34.90 -50.22 8.43
C SER C 229 -35.86 -51.37 8.24
N ARG C 230 -36.19 -51.62 6.97
CA ARG C 230 -37.09 -52.72 6.62
C ARG C 230 -36.36 -54.05 6.47
N ILE C 231 -35.05 -54.04 6.27
CA ILE C 231 -34.32 -55.27 5.96
C ILE C 231 -33.05 -55.37 6.81
N LEU C 232 -32.97 -54.58 7.87
CA LEU C 232 -31.80 -54.57 8.75
C LEU C 232 -32.25 -54.91 10.16
N GLU C 233 -31.67 -55.96 10.72
CA GLU C 233 -32.00 -56.41 12.07
C GLU C 233 -30.74 -56.40 12.94
N LYS C 234 -30.92 -56.03 14.20
CA LYS C 234 -29.79 -55.93 15.12
C LYS C 234 -29.32 -57.32 15.53
N ALA C 235 -28.01 -57.55 15.45
CA ALA C 235 -27.41 -58.84 15.77
C ALA C 235 -26.56 -58.72 17.02
N THR C 236 -25.90 -59.81 17.37
CA THR C 236 -24.96 -59.81 18.49
C THR C 236 -23.84 -58.81 18.20
N PRO C 237 -23.52 -57.93 19.13
CA PRO C 237 -22.44 -56.96 18.87
C PRO C 237 -21.08 -57.63 18.88
N LEU C 238 -20.09 -56.89 18.38
CA LEU C 238 -18.70 -57.33 18.53
C LEU C 238 -18.34 -57.40 20.01
N GLU C 239 -17.33 -58.21 20.32
CA GLU C 239 -16.96 -58.37 21.71
C GLU C 239 -16.45 -57.04 22.26
N THR C 240 -16.81 -56.75 23.51
CA THR C 240 -16.43 -55.50 24.14
C THR C 240 -14.91 -55.44 24.32
N GLN C 241 -14.31 -54.34 23.87
CA GLN C 241 -12.90 -54.07 24.12
C GLN C 241 -12.79 -53.21 25.38
N PHE C 242 -11.87 -53.58 26.27
CA PHE C 242 -11.65 -52.85 27.51
C PHE C 242 -10.33 -52.09 27.42
N ILE C 243 -10.41 -50.77 27.54
CA ILE C 243 -9.25 -49.88 27.42
C ILE C 243 -9.30 -48.88 28.57
N ASN C 244 -8.16 -48.67 29.22
CA ASN C 244 -8.09 -47.70 30.32
C ASN C 244 -8.20 -46.29 29.77
N ARG C 245 -9.18 -45.53 30.28
CA ARG C 245 -9.40 -44.15 29.86
C ARG C 245 -9.81 -43.33 31.08
N ALA C 246 -8.97 -42.35 31.44
CA ALA C 246 -9.26 -41.42 32.52
C ALA C 246 -9.57 -42.14 33.83
N GLY C 247 -8.79 -43.16 34.13
CA GLY C 247 -8.93 -43.88 35.37
C GLY C 247 -10.01 -44.94 35.41
N VAL C 248 -10.61 -45.26 34.27
CA VAL C 248 -11.66 -46.27 34.19
C VAL C 248 -11.25 -47.30 33.14
N ASN C 249 -11.40 -48.58 33.48
CA ASN C 249 -11.27 -49.66 32.50
C ASN C 249 -12.50 -49.60 31.61
N ARG C 250 -12.45 -48.70 30.62
CA ARG C 250 -13.63 -48.36 29.86
C ARG C 250 -14.03 -49.49 28.92
N PRO C 251 -15.29 -49.91 28.90
CA PRO C 251 -15.76 -50.85 27.87
C PRO C 251 -16.14 -50.10 26.61
N PHE C 252 -15.66 -50.61 25.47
CA PHE C 252 -15.98 -50.05 24.16
C PHE C 252 -16.74 -51.09 23.35
N LYS C 253 -17.96 -50.76 22.96
CA LYS C 253 -18.83 -51.69 22.25
C LYS C 253 -19.13 -51.18 20.86
N HIS C 254 -19.11 -52.10 19.89
CA HIS C 254 -19.52 -51.83 18.52
C HIS C 254 -20.71 -52.69 18.18
N ALA C 255 -21.79 -52.07 17.72
CA ALA C 255 -22.99 -52.81 17.34
C ALA C 255 -22.82 -53.46 15.98
N VAL C 256 -23.53 -54.57 15.77
CA VAL C 256 -23.49 -55.32 14.52
C VAL C 256 -24.92 -55.50 14.01
N TYR C 257 -25.13 -55.21 12.74
CA TYR C 257 -26.41 -55.41 12.08
C TYR C 257 -26.24 -56.35 10.89
N ARG C 258 -27.32 -57.05 10.56
CA ARG C 258 -27.32 -58.02 9.47
C ARG C 258 -28.49 -57.74 8.53
N LEU C 259 -28.26 -57.99 7.24
CA LEU C 259 -29.31 -57.84 6.24
C LEU C 259 -30.25 -59.03 6.28
N ALA C 260 -31.55 -58.75 6.43
CA ALA C 260 -32.53 -59.82 6.51
C ALA C 260 -32.73 -60.51 5.17
N GLU C 261 -32.50 -59.81 4.07
CA GLU C 261 -32.60 -60.37 2.73
C GLU C 261 -31.20 -60.65 2.20
N LYS C 262 -31.03 -61.83 1.60
CA LYS C 262 -29.72 -62.27 1.15
C LYS C 262 -29.34 -61.60 -0.16
N VAL C 263 -28.09 -61.17 -0.25
CA VAL C 263 -27.53 -60.56 -1.45
C VAL C 263 -26.60 -61.59 -2.11
N ASN C 264 -26.95 -62.00 -3.32
CA ASN C 264 -26.21 -63.05 -4.05
C ASN C 264 -26.15 -64.33 -3.23
N GLY C 265 -27.24 -64.63 -2.51
CA GLY C 265 -27.28 -65.82 -1.70
C GLY C 265 -26.43 -65.78 -0.45
N LYS C 266 -26.06 -64.60 0.03
CA LYS C 266 -25.22 -64.46 1.21
C LYS C 266 -25.84 -63.47 2.18
N THR C 267 -25.73 -63.77 3.47
CA THR C 267 -26.17 -62.87 4.52
C THR C 267 -24.98 -62.06 5.00
N TYR C 268 -25.06 -60.75 4.84
CA TYR C 268 -23.95 -59.86 5.17
C TYR C 268 -24.19 -59.14 6.48
N TYR C 269 -23.16 -59.07 7.31
CA TYR C 269 -23.19 -58.37 8.59
C TYR C 269 -22.42 -57.07 8.48
N PHE C 270 -22.72 -56.14 9.37
CA PHE C 270 -22.14 -54.81 9.32
C PHE C 270 -21.95 -54.27 10.73
N ALA C 271 -20.73 -53.83 11.03
CA ALA C 271 -20.45 -53.09 12.26
C ALA C 271 -20.71 -51.61 11.97
N MET C 272 -21.77 -51.08 12.57
CA MET C 272 -22.17 -49.72 12.24
C MET C 272 -22.82 -49.06 13.46
N GLU C 273 -22.94 -47.74 13.38
CA GLU C 273 -23.46 -46.92 14.47
C GLU C 273 -23.72 -45.52 13.92
N GLY C 274 -24.53 -44.77 14.65
CA GLY C 274 -24.71 -43.37 14.35
C GLY C 274 -23.63 -42.51 14.98
N ALA C 275 -23.37 -41.37 14.38
CA ALA C 275 -22.38 -40.42 14.90
C ALA C 275 -22.95 -39.78 16.17
N THR C 276 -22.56 -40.33 17.32
CA THR C 276 -23.08 -39.85 18.59
C THR C 276 -22.75 -38.38 18.90
N PRO C 277 -21.61 -37.81 18.50
CA PRO C 277 -21.43 -36.37 18.73
C PRO C 277 -22.51 -35.51 18.09
N MET C 278 -23.05 -35.93 16.94
CA MET C 278 -24.15 -35.19 16.33
C MET C 278 -25.46 -35.42 17.07
N LEU C 279 -25.65 -36.61 17.65
CA LEU C 279 -26.85 -36.85 18.44
C LEU C 279 -26.86 -36.01 19.71
N SER C 280 -25.72 -35.93 20.40
CA SER C 280 -25.62 -35.03 21.55
C SER C 280 -25.76 -33.58 21.11
N PHE C 281 -25.31 -33.25 19.90
CA PHE C 281 -25.49 -31.90 19.38
C PHE C 281 -26.96 -31.64 19.09
N PHE C 282 -27.64 -32.60 18.45
CA PHE C 282 -29.07 -32.43 18.17
C PHE C 282 -29.88 -32.33 19.45
N GLU C 283 -29.48 -33.08 20.49
CA GLU C 283 -30.18 -33.00 21.77
C GLU C 283 -29.99 -31.64 22.42
N ALA C 284 -28.79 -31.07 22.32
CA ALA C 284 -28.55 -29.74 22.87
C ALA C 284 -29.21 -28.66 22.01
N MET C 285 -29.37 -28.92 20.71
CA MET C 285 -30.03 -27.94 19.84
C MET C 285 -31.53 -27.86 20.13
N HIS C 286 -32.19 -29.02 20.22
CA HIS C 286 -33.61 -29.03 20.47
C HIS C 286 -33.96 -28.63 21.91
N SER C 287 -33.02 -28.79 22.85
CA SER C 287 -33.27 -28.43 24.23
C SER C 287 -33.24 -26.92 24.45
N ASN C 288 -32.45 -26.19 23.66
CA ASN C 288 -32.26 -24.76 23.87
C ASN C 288 -32.98 -23.95 22.79
N PHE C 289 -32.44 -23.92 21.58
CA PHE C 289 -32.88 -22.99 20.55
C PHE C 289 -34.05 -23.55 19.73
N SER C 290 -34.90 -22.65 19.27
CA SER C 290 -36.07 -23.04 18.49
C SER C 290 -35.68 -23.33 17.05
N ALA C 291 -36.65 -23.73 16.24
CA ALA C 291 -36.40 -24.18 14.87
C ALA C 291 -36.58 -23.02 13.88
N THR C 292 -35.83 -21.95 14.12
CA THR C 292 -35.80 -20.85 13.17
C THR C 292 -34.92 -21.22 11.97
N TRP C 293 -35.16 -20.54 10.85
CA TRP C 293 -34.40 -20.85 9.64
C TRP C 293 -32.92 -20.54 9.79
N GLN C 294 -32.55 -19.66 10.73
CA GLN C 294 -31.14 -19.42 11.01
C GLN C 294 -30.55 -20.52 11.89
N MET C 295 -31.38 -21.18 12.69
CA MET C 295 -30.90 -22.27 13.54
C MET C 295 -30.76 -23.57 12.76
N LYS C 296 -31.70 -23.85 11.85
CA LYS C 296 -31.54 -25.01 10.98
C LYS C 296 -30.37 -24.84 10.03
N GLU C 297 -30.04 -23.60 9.67
CA GLU C 297 -28.83 -23.33 8.91
C GLU C 297 -27.59 -23.54 9.77
N LEU C 298 -27.67 -23.20 11.06
CA LEU C 298 -26.54 -23.42 11.95
C LEU C 298 -26.27 -24.91 12.16
N LYS C 299 -27.33 -25.69 12.39
CA LYS C 299 -27.16 -27.13 12.54
C LYS C 299 -26.60 -27.75 11.27
N ARG C 300 -27.03 -27.26 10.11
CA ARG C 300 -26.54 -27.82 8.85
C ARG C 300 -25.07 -27.49 8.62
N GLU C 301 -24.62 -26.32 9.07
CA GLU C 301 -23.21 -25.95 8.91
C GLU C 301 -22.32 -26.80 9.82
N ILE C 302 -22.70 -26.95 11.08
CA ILE C 302 -21.95 -27.80 12.00
C ILE C 302 -21.96 -29.24 11.50
N TRP C 303 -23.09 -29.66 10.91
CA TRP C 303 -23.22 -31.03 10.42
C TRP C 303 -22.24 -31.30 9.28
N LEU C 304 -22.08 -30.34 8.37
CA LEU C 304 -21.16 -30.52 7.25
C LEU C 304 -19.70 -30.41 7.69
N LYS C 305 -19.38 -29.43 8.56
CA LYS C 305 -18.00 -29.27 9.00
C LYS C 305 -17.57 -30.41 9.90
N PHE C 306 -18.50 -30.97 10.69
CA PHE C 306 -18.17 -32.14 11.49
C PHE C 306 -17.75 -33.32 10.61
N TYR C 307 -18.47 -33.54 9.52
CA TYR C 307 -18.11 -34.62 8.61
C TYR C 307 -16.79 -34.33 7.89
N THR C 308 -16.56 -33.07 7.52
CA THR C 308 -15.37 -32.73 6.76
C THR C 308 -14.10 -32.89 7.59
N HIS C 309 -14.13 -32.40 8.84
CA HIS C 309 -12.96 -32.53 9.70
C HIS C 309 -12.77 -33.95 10.21
N LEU C 310 -13.87 -34.68 10.42
CA LEU C 310 -13.74 -36.08 10.82
C LEU C 310 -13.16 -36.92 9.70
N ASN C 311 -13.60 -36.68 8.47
CA ASN C 311 -13.04 -37.42 7.33
C ASN C 311 -11.56 -37.12 7.14
N GLU C 312 -11.14 -35.89 7.44
CA GLU C 312 -9.73 -35.54 7.29
C GLU C 312 -8.87 -36.22 8.35
N LEU C 313 -9.35 -36.24 9.61
CA LEU C 313 -8.60 -36.92 10.66
C LEU C 313 -8.48 -38.41 10.38
N ILE C 314 -9.52 -39.01 9.79
CA ILE C 314 -9.48 -40.43 9.46
C ILE C 314 -8.53 -40.69 8.31
N LYS C 315 -8.47 -39.78 7.33
CA LYS C 315 -7.61 -39.99 6.18
C LYS C 315 -6.15 -39.78 6.51
N THR C 316 -5.82 -38.68 7.21
CA THR C 316 -4.43 -38.32 7.43
C THR C 316 -3.69 -39.31 8.32
N TRP C 317 -4.41 -40.07 9.15
CA TRP C 317 -3.77 -41.05 10.03
C TRP C 317 -3.79 -42.42 9.37
N PRO C 318 -2.64 -43.06 9.16
CA PRO C 318 -2.64 -44.37 8.49
C PRO C 318 -3.28 -45.46 9.33
N GLU C 319 -3.29 -45.32 10.66
CA GLU C 319 -3.82 -46.38 11.52
C GLU C 319 -5.33 -46.53 11.36
N THR C 320 -6.03 -45.45 11.01
CA THR C 320 -7.49 -45.47 10.88
C THR C 320 -7.97 -45.16 9.48
N ARG C 321 -7.07 -45.12 8.49
CA ARG C 321 -7.45 -44.69 7.15
C ARG C 321 -8.42 -45.66 6.50
N ASN C 322 -8.22 -46.96 6.70
CA ASN C 322 -9.03 -47.99 6.06
C ASN C 322 -9.89 -48.78 7.04
N LEU C 323 -10.21 -48.19 8.18
CA LEU C 323 -11.02 -48.86 9.19
C LEU C 323 -12.38 -48.22 9.42
N VAL C 324 -12.65 -47.06 8.81
CA VAL C 324 -13.90 -46.34 9.02
C VAL C 324 -14.52 -46.01 7.67
N GLU C 325 -15.83 -46.22 7.56
CA GLU C 325 -16.62 -45.84 6.39
C GLU C 325 -17.62 -44.78 6.82
N LEU C 326 -17.44 -43.55 6.36
CA LEU C 326 -18.32 -42.45 6.70
C LEU C 326 -19.42 -42.32 5.66
N ILE C 327 -20.67 -42.33 6.11
CA ILE C 327 -21.84 -42.21 5.24
C ILE C 327 -22.64 -41.01 5.71
N ILE C 328 -22.51 -39.89 5.01
CA ILE C 328 -23.29 -38.69 5.29
C ILE C 328 -24.43 -38.64 4.28
N TYR C 329 -25.63 -38.33 4.76
CA TYR C 329 -26.84 -38.41 3.94
C TYR C 329 -27.95 -37.61 4.60
N ASN C 330 -29.01 -37.37 3.83
CA ASN C 330 -30.21 -36.74 4.36
C ASN C 330 -31.16 -37.81 4.88
N SER C 331 -31.82 -37.50 5.99
CA SER C 331 -32.71 -38.48 6.63
C SER C 331 -33.89 -38.82 5.73
N HIS C 332 -34.30 -37.90 4.87
CA HIS C 332 -35.43 -38.13 3.96
C HIS C 332 -34.98 -37.88 2.53
N ASP C 333 -35.55 -38.65 1.61
CA ASP C 333 -35.19 -38.57 0.20
C ASP C 333 -35.95 -37.41 -0.45
N THR C 334 -35.93 -37.36 -1.79
CA THR C 334 -36.58 -36.27 -2.51
C THR C 334 -38.10 -36.35 -2.40
N LYS C 335 -38.66 -37.55 -2.29
CA LYS C 335 -40.09 -37.73 -2.15
C LYS C 335 -40.56 -37.65 -0.71
N GLY C 336 -39.72 -37.15 0.21
CA GLY C 336 -40.12 -36.94 1.58
C GLY C 336 -40.22 -38.20 2.43
N ASP C 337 -39.85 -39.35 1.90
CA ASP C 337 -39.93 -40.60 2.65
C ASP C 337 -38.63 -40.83 3.43
N LEU C 338 -38.76 -41.56 4.53
CA LEU C 338 -37.62 -41.85 5.39
C LEU C 338 -36.61 -42.72 4.66
N VAL C 339 -35.33 -42.30 4.70
CA VAL C 339 -34.28 -43.05 4.01
C VAL C 339 -33.99 -44.32 4.78
N ASP C 340 -33.91 -45.44 4.06
CA ASP C 340 -33.68 -46.76 4.64
C ASP C 340 -32.20 -47.09 4.51
N VAL C 341 -31.48 -47.11 5.63
CA VAL C 341 -30.04 -47.40 5.58
C VAL C 341 -29.80 -48.85 5.20
N GLY C 342 -30.73 -49.75 5.51
CA GLY C 342 -30.58 -51.13 5.10
C GLY C 342 -30.64 -51.30 3.59
N GLU C 343 -31.59 -50.63 2.94
CA GLU C 343 -31.61 -50.63 1.48
C GLU C 343 -30.36 -49.97 0.90
N MET C 344 -29.80 -49.00 1.62
CA MET C 344 -28.55 -48.38 1.18
C MET C 344 -27.40 -49.37 1.23
N LEU C 345 -27.33 -50.18 2.29
CA LEU C 345 -26.26 -51.17 2.40
C LEU C 345 -26.48 -52.32 1.43
N LYS C 346 -27.73 -52.71 1.20
CA LYS C 346 -28.00 -53.78 0.24
C LYS C 346 -27.59 -53.37 -1.17
N SER C 347 -27.83 -52.11 -1.54
CA SER C 347 -27.42 -51.63 -2.85
C SER C 347 -25.89 -51.60 -2.96
N HIS C 348 -25.20 -51.20 -1.90
CA HIS C 348 -23.75 -51.17 -1.92
C HIS C 348 -23.17 -52.58 -2.03
N MET C 349 -23.84 -53.57 -1.46
CA MET C 349 -23.39 -54.95 -1.59
C MET C 349 -23.65 -55.52 -2.97
N GLU C 350 -24.75 -55.10 -3.61
CA GLU C 350 -25.03 -55.56 -4.96
C GLU C 350 -24.07 -54.97 -5.98
N LEU C 351 -23.64 -53.72 -5.77
CA LEU C 351 -22.70 -53.10 -6.68
C LEU C 351 -21.32 -53.73 -6.58
N LYS C 352 -20.91 -54.13 -5.36
CA LYS C 352 -19.63 -54.79 -5.18
C LYS C 352 -19.61 -56.20 -5.74
N THR C 353 -20.78 -56.84 -5.84
CA THR C 353 -20.86 -58.21 -6.36
C THR C 353 -21.82 -58.29 -7.54
N MET D 3 -16.26 -17.00 22.47
CA MET D 3 -17.61 -16.46 22.65
C MET D 3 -17.55 -14.94 22.84
N ASN D 4 -18.26 -14.22 21.98
CA ASN D 4 -18.30 -12.76 22.03
C ASN D 4 -19.68 -12.29 21.57
N ILE D 5 -19.82 -10.98 21.39
CA ILE D 5 -21.12 -10.42 21.01
C ILE D 5 -21.48 -10.83 19.58
N PHE D 6 -20.48 -11.12 18.74
CA PHE D 6 -20.76 -11.56 17.39
C PHE D 6 -21.44 -12.93 17.37
N GLU D 7 -21.13 -13.78 18.34
CA GLU D 7 -21.71 -15.12 18.37
C GLU D 7 -23.13 -15.11 18.94
N MET D 8 -23.38 -14.29 19.96
CA MET D 8 -24.72 -14.24 20.54
C MET D 8 -25.73 -13.65 19.56
N LEU D 9 -25.31 -12.69 18.73
CA LEU D 9 -26.20 -12.15 17.72
C LEU D 9 -26.36 -13.11 16.54
N ARG D 10 -25.36 -13.94 16.28
CA ARG D 10 -25.51 -14.97 15.25
C ARG D 10 -26.54 -16.02 15.68
N ILE D 11 -26.59 -16.34 16.98
CA ILE D 11 -27.55 -17.31 17.47
C ILE D 11 -28.94 -16.69 17.55
N ASP D 12 -29.04 -15.47 18.07
CA ASP D 12 -30.34 -14.84 18.29
C ASP D 12 -30.98 -14.37 17.00
N GLN D 13 -30.25 -13.57 16.21
CA GLN D 13 -30.81 -12.96 15.01
C GLN D 13 -30.49 -13.73 13.74
N GLY D 14 -29.30 -14.30 13.64
CA GLY D 14 -28.95 -15.12 12.50
C GLY D 14 -27.88 -14.47 11.62
N LEU D 15 -27.24 -15.32 10.81
CA LEU D 15 -26.17 -14.89 9.93
C LEU D 15 -26.25 -15.67 8.63
N ARG D 16 -26.19 -14.95 7.51
CA ARG D 16 -26.12 -15.56 6.19
C ARG D 16 -25.04 -14.90 5.37
N LEU D 17 -24.25 -15.72 4.67
CA LEU D 17 -23.18 -15.22 3.82
C LEU D 17 -23.65 -14.85 2.42
N LYS D 18 -24.82 -15.33 2.02
CA LYS D 18 -25.42 -15.00 0.74
C LYS D 18 -26.41 -13.85 0.92
N ILE D 19 -26.43 -12.93 -0.04
CA ILE D 19 -27.34 -11.79 0.04
C ILE D 19 -28.77 -12.29 0.01
N TYR D 20 -29.59 -11.77 0.93
CA TYR D 20 -30.98 -12.19 1.08
C TYR D 20 -31.83 -10.96 1.40
N LYS D 21 -33.13 -11.17 1.47
CA LYS D 21 -34.08 -10.10 1.78
C LYS D 21 -34.75 -10.37 3.13
N ASP D 22 -34.94 -9.31 3.91
CA ASP D 22 -35.57 -9.42 5.22
C ASP D 22 -37.08 -9.48 5.09
N THR D 23 -37.79 -9.28 6.21
CA THR D 23 -39.25 -9.29 6.17
C THR D 23 -39.81 -8.15 5.34
N GLU D 24 -39.20 -6.97 5.44
CA GLU D 24 -39.64 -5.81 4.67
C GLU D 24 -39.29 -5.91 3.19
N GLY D 25 -38.61 -6.97 2.77
CA GLY D 25 -38.21 -7.11 1.39
C GLY D 25 -36.96 -6.37 1.00
N TYR D 26 -36.19 -5.89 1.98
CA TYR D 26 -34.97 -5.14 1.71
C TYR D 26 -33.77 -6.08 1.70
N TYR D 27 -32.86 -5.84 0.75
CA TYR D 27 -31.68 -6.70 0.63
C TYR D 27 -30.78 -6.55 1.84
N THR D 28 -30.31 -7.69 2.36
CA THR D 28 -29.56 -7.74 3.60
C THR D 28 -28.50 -8.82 3.50
N ILE D 29 -27.38 -8.62 4.19
CA ILE D 29 -26.33 -9.63 4.30
C ILE D 29 -25.67 -9.48 5.66
N GLY D 30 -24.97 -10.54 6.07
CA GLY D 30 -24.37 -10.54 7.40
C GLY D 30 -25.41 -10.78 8.48
N ILE D 31 -25.15 -10.20 9.65
CA ILE D 31 -26.09 -10.32 10.78
C ILE D 31 -26.99 -9.08 10.71
N GLY D 32 -28.02 -9.19 9.88
CA GLY D 32 -29.03 -8.14 9.78
C GLY D 32 -28.51 -6.78 9.38
N HIS D 33 -27.46 -6.74 8.56
CA HIS D 33 -26.89 -5.48 8.09
C HIS D 33 -27.61 -5.06 6.81
N LEU D 34 -28.39 -3.99 6.89
CA LEU D 34 -29.13 -3.51 5.74
C LEU D 34 -28.18 -2.95 4.68
N LEU D 35 -28.46 -3.27 3.41
CA LEU D 35 -27.65 -2.81 2.30
C LEU D 35 -28.22 -1.57 1.62
N THR D 36 -29.52 -1.53 1.38
CA THR D 36 -30.17 -0.41 0.70
C THR D 36 -31.68 -0.54 0.91
N LYS D 37 -32.45 0.19 0.10
CA LYS D 37 -33.89 0.02 0.03
C LYS D 37 -34.37 -0.26 -1.39
N SER D 38 -33.44 -0.43 -2.33
CA SER D 38 -33.74 -0.55 -3.75
C SER D 38 -34.09 -1.99 -4.11
N PRO D 39 -35.10 -2.18 -4.97
CA PRO D 39 -35.38 -3.52 -5.50
C PRO D 39 -34.32 -4.04 -6.46
N SER D 40 -33.39 -3.19 -6.90
CA SER D 40 -32.36 -3.61 -7.84
C SER D 40 -31.31 -4.46 -7.14
N LEU D 41 -31.10 -5.67 -7.66
CA LEU D 41 -30.09 -6.56 -7.10
C LEU D 41 -28.68 -6.06 -7.39
N ASN D 42 -28.45 -5.50 -8.58
CA ASN D 42 -27.18 -4.86 -8.87
C ASN D 42 -26.90 -3.69 -7.94
N ALA D 43 -27.93 -2.95 -7.54
CA ALA D 43 -27.74 -1.87 -6.57
C ALA D 43 -27.37 -2.40 -5.19
N ALA D 44 -27.88 -3.57 -4.82
CA ALA D 44 -27.53 -4.16 -3.54
C ALA D 44 -26.14 -4.79 -3.58
N LYS D 45 -25.74 -5.33 -4.72
CA LYS D 45 -24.39 -5.86 -4.86
C LYS D 45 -23.36 -4.74 -4.79
N SER D 46 -23.66 -3.59 -5.39
CA SER D 46 -22.75 -2.45 -5.34
C SER D 46 -22.54 -1.97 -3.91
N GLU D 47 -23.57 -2.09 -3.07
CA GLU D 47 -23.40 -1.78 -1.65
C GLU D 47 -22.55 -2.85 -0.96
N LEU D 48 -22.81 -4.12 -1.26
CA LEU D 48 -22.05 -5.20 -0.63
C LEU D 48 -20.61 -5.22 -1.14
N ASP D 49 -20.42 -5.07 -2.45
CA ASP D 49 -19.07 -4.96 -2.98
C ASP D 49 -18.31 -3.79 -2.34
N LYS D 50 -19.01 -2.88 -1.71
CA LYS D 50 -18.38 -1.78 -1.03
C LYS D 50 -18.05 -2.24 0.42
N GLY D 53 -15.02 -3.99 0.52
CA GLY D 53 -14.22 -3.26 -0.44
C GLY D 53 -13.61 -4.15 -1.51
N ARG D 54 -14.42 -5.04 -2.07
CA ARG D 54 -13.99 -5.93 -3.13
C ARG D 54 -15.23 -6.53 -3.79
N ASN D 55 -15.05 -6.95 -5.05
CA ASN D 55 -16.16 -7.52 -5.81
C ASN D 55 -16.48 -8.93 -5.30
N THR D 56 -17.67 -9.09 -4.74
CA THR D 56 -18.08 -10.39 -4.20
C THR D 56 -19.19 -11.02 -5.04
N GLY D 58 -22.32 -10.98 -3.95
CA GLY D 58 -23.46 -11.55 -3.25
C GLY D 58 -23.08 -12.62 -2.24
N VAL D 59 -21.80 -12.94 -2.18
CA VAL D 59 -21.28 -14.00 -1.31
C VAL D 59 -20.07 -13.46 -0.57
N ILE D 60 -20.13 -13.48 0.76
CA ILE D 60 -19.02 -13.03 1.60
C ILE D 60 -18.61 -14.16 2.54
N THR D 61 -17.47 -13.99 3.19
CA THR D 61 -16.97 -14.96 4.16
C THR D 61 -17.47 -14.59 5.55
N LYS D 62 -17.26 -15.53 6.49
CA LYS D 62 -17.66 -15.28 7.87
C LYS D 62 -16.81 -14.21 8.53
N ASP D 63 -15.59 -13.99 8.04
CA ASP D 63 -14.76 -12.92 8.57
C ASP D 63 -15.28 -11.55 8.15
N GLU D 64 -15.59 -11.40 6.85
CA GLU D 64 -16.15 -10.15 6.37
C GLU D 64 -17.47 -9.81 7.04
N ALA D 65 -18.25 -10.83 7.39
CA ALA D 65 -19.51 -10.58 8.11
C ALA D 65 -19.24 -10.18 9.56
N GLU D 66 -18.14 -10.67 10.15
CA GLU D 66 -17.87 -10.35 11.55
C GLU D 66 -17.41 -8.91 11.72
N LYS D 67 -16.42 -8.49 10.93
CA LYS D 67 -15.95 -7.11 10.99
C LYS D 67 -17.04 -6.13 10.59
N LEU D 68 -17.85 -6.49 9.59
CA LEU D 68 -19.02 -5.68 9.24
C LEU D 68 -19.98 -5.58 10.42
N PHE D 69 -20.17 -6.69 11.15
CA PHE D 69 -20.95 -6.63 12.38
C PHE D 69 -20.23 -5.83 13.44
N ASN D 70 -18.89 -5.95 13.49
CA ASN D 70 -18.12 -5.17 14.45
C ASN D 70 -18.29 -3.66 14.20
N GLN D 71 -18.43 -3.27 12.94
CA GLN D 71 -18.68 -1.87 12.63
C GLN D 71 -20.07 -1.43 13.05
N ASP D 72 -21.04 -2.34 13.02
CA ASP D 72 -22.41 -1.98 13.38
C ASP D 72 -22.58 -1.79 14.87
N VAL D 73 -21.77 -2.47 15.69
CA VAL D 73 -21.92 -2.39 17.14
C VAL D 73 -21.54 -0.99 17.63
N ASP D 74 -20.32 -0.55 17.32
CA ASP D 74 -19.88 0.77 17.76
C ASP D 74 -20.74 1.89 17.17
N ALA D 75 -21.30 1.66 15.98
CA ALA D 75 -22.25 2.62 15.43
C ALA D 75 -23.52 2.68 16.26
N ALA D 76 -23.96 1.53 16.77
CA ALA D 76 -25.11 1.51 17.68
C ALA D 76 -24.71 1.86 19.11
N VAL D 77 -23.43 1.64 19.46
CA VAL D 77 -22.96 1.97 20.81
C VAL D 77 -23.04 3.48 21.04
N ARG D 78 -22.72 4.27 20.01
CA ARG D 78 -22.82 5.72 20.14
C ARG D 78 -24.27 6.17 20.30
N GLY D 79 -25.22 5.39 19.78
CA GLY D 79 -26.61 5.81 19.82
C GLY D 79 -27.21 5.73 21.22
N ILE D 80 -27.01 4.60 21.90
CA ILE D 80 -27.55 4.46 23.25
C ILE D 80 -26.88 5.44 24.21
N LEU D 81 -25.62 5.79 23.94
CA LEU D 81 -24.98 6.86 24.71
C LEU D 81 -25.45 8.24 24.26
N ARG D 82 -25.88 8.36 23.00
CA ARG D 82 -26.41 9.64 22.52
C ARG D 82 -27.73 9.97 23.21
N ASN D 83 -28.57 8.96 23.45
CA ASN D 83 -29.83 9.15 24.14
C ASN D 83 -29.66 8.99 25.65
N TYR D 90 -27.02 2.04 30.42
CA TYR D 90 -25.84 1.54 29.70
C TYR D 90 -24.56 1.96 30.39
N ASP D 91 -24.50 3.22 30.82
CA ASP D 91 -23.32 3.72 31.51
C ASP D 91 -23.05 2.97 32.81
N SER D 92 -24.11 2.50 33.48
CA SER D 92 -23.95 1.73 34.70
C SER D 92 -23.83 0.25 34.40
N ALA D 95 -19.77 -5.01 30.43
CA ALA D 95 -19.32 -5.55 29.15
C ALA D 95 -20.28 -6.63 28.64
N VAL D 96 -20.38 -7.72 29.40
CA VAL D 96 -21.28 -8.80 29.01
C VAL D 96 -22.73 -8.36 29.09
N ARG D 97 -23.09 -7.63 30.14
CA ARG D 97 -24.45 -7.11 30.25
C ARG D 97 -24.73 -6.08 29.16
N ARG D 98 -23.73 -5.30 28.76
CA ARG D 98 -23.91 -4.35 27.67
C ARG D 98 -24.15 -5.06 26.35
N ALA D 99 -23.52 -6.21 26.14
CA ALA D 99 -23.77 -6.98 24.93
C ALA D 99 -25.21 -7.45 24.86
N ALA D 100 -25.85 -7.65 26.02
CA ALA D 100 -27.25 -8.01 26.03
C ALA D 100 -28.13 -6.83 25.61
N LEU D 101 -27.77 -5.62 26.04
CA LEU D 101 -28.50 -4.44 25.63
C LEU D 101 -28.33 -4.16 24.15
N ILE D 102 -27.10 -4.33 23.64
CA ILE D 102 -26.84 -4.13 22.21
C ILE D 102 -27.64 -5.13 21.38
N ASN D 103 -27.91 -6.32 21.94
CA ASN D 103 -28.72 -7.30 21.23
C ASN D 103 -30.12 -6.77 20.95
N MET D 104 -30.72 -6.11 21.93
CA MET D 104 -32.07 -5.57 21.74
C MET D 104 -32.06 -4.38 20.77
N VAL D 105 -31.02 -3.56 20.82
CA VAL D 105 -30.90 -2.43 19.90
C VAL D 105 -30.84 -2.91 18.46
N PHE D 106 -30.28 -4.11 18.24
CA PHE D 106 -30.25 -4.67 16.89
C PHE D 106 -31.63 -5.16 16.46
N GLN D 107 -32.38 -5.76 17.38
CA GLN D 107 -33.67 -6.36 17.03
C GLN D 107 -34.75 -5.28 16.88
N MET D 108 -35.06 -4.58 17.97
CA MET D 108 -36.16 -3.61 17.95
C MET D 108 -35.70 -2.20 17.61
N GLY D 109 -34.51 -1.81 18.05
CA GLY D 109 -33.99 -0.48 17.80
C GLY D 109 -34.01 0.39 19.05
N GLU D 110 -33.47 1.59 18.89
CA GLU D 110 -33.45 2.53 20.01
C GLU D 110 -34.84 3.01 20.39
N THR D 111 -35.75 3.09 19.41
CA THR D 111 -37.11 3.53 19.72
C THR D 111 -37.81 2.55 20.65
N GLY D 112 -37.65 1.25 20.40
CA GLY D 112 -38.20 0.25 21.29
C GLY D 112 -37.51 0.21 22.64
N VAL D 113 -36.23 0.57 22.68
CA VAL D 113 -35.48 0.62 23.92
C VAL D 113 -35.88 1.85 24.73
N ARG D 147 -35.86 -15.02 21.77
CA ARG D 147 -34.49 -14.72 22.18
C ARG D 147 -34.49 -13.83 23.42
N ALA D 148 -35.67 -13.61 23.99
CA ALA D 148 -35.79 -12.73 25.14
C ALA D 148 -35.17 -13.34 26.40
N LYS D 149 -35.26 -14.67 26.54
CA LYS D 149 -34.74 -15.30 27.76
C LYS D 149 -33.22 -15.27 27.80
N ARG D 150 -32.56 -15.44 26.65
CA ARG D 150 -31.11 -15.37 26.61
C ARG D 150 -30.61 -13.98 26.98
N VAL D 151 -31.32 -12.94 26.54
CA VAL D 151 -30.94 -11.57 26.90
C VAL D 151 -31.25 -11.32 28.37
N ILE D 152 -32.36 -11.88 28.87
CA ILE D 152 -32.72 -11.71 30.28
C ILE D 152 -31.73 -12.45 31.17
N THR D 153 -31.37 -13.68 30.79
CA THR D 153 -30.42 -14.44 31.59
C THR D 153 -29.04 -13.78 31.61
N THR D 154 -28.66 -13.13 30.51
CA THR D 154 -27.36 -12.47 30.46
C THR D 154 -27.33 -11.22 31.33
N PHE D 155 -28.44 -10.47 31.35
CA PHE D 155 -28.52 -9.29 32.22
C PHE D 155 -28.38 -9.68 33.69
N ARG D 156 -28.99 -10.79 34.09
CA ARG D 156 -29.00 -11.19 35.49
C ARG D 156 -27.62 -11.62 35.96
N THR D 157 -27.02 -12.61 35.29
CA THR D 157 -25.76 -13.17 35.74
C THR D 157 -24.57 -12.34 35.28
N GLY D 158 -24.65 -11.70 34.13
CA GLY D 158 -23.51 -11.00 33.58
C GLY D 158 -22.47 -11.89 32.95
N THR D 159 -22.86 -13.09 32.51
CA THR D 159 -21.96 -14.05 31.90
C THR D 159 -22.53 -14.51 30.57
N TRP D 160 -21.69 -15.17 29.77
CA TRP D 160 -22.09 -15.73 28.49
C TRP D 160 -22.72 -17.11 28.63
N ASP D 161 -23.00 -17.57 29.85
CA ASP D 161 -23.42 -18.95 30.07
C ASP D 161 -24.76 -19.26 29.44
N ALA D 162 -25.58 -18.26 29.15
CA ALA D 162 -26.87 -18.51 28.50
C ALA D 162 -26.68 -18.90 27.04
N SER D 165 -24.17 -22.38 24.06
CA SER D 165 -23.09 -23.36 24.05
C SER D 165 -22.62 -23.67 22.64
N LEU D 166 -21.89 -22.72 22.05
CA LEU D 166 -21.42 -22.86 20.68
C LEU D 166 -19.91 -22.97 20.55
N ASP D 167 -19.14 -22.42 21.49
CA ASP D 167 -17.69 -22.44 21.36
C ASP D 167 -17.16 -23.86 21.63
N TYR D 168 -15.84 -24.00 21.48
CA TYR D 168 -15.20 -25.30 21.66
C TYR D 168 -15.39 -25.83 23.08
N ALA D 169 -14.90 -25.09 24.07
CA ALA D 169 -14.91 -25.59 25.45
C ALA D 169 -16.33 -25.81 25.94
N ALA D 170 -17.22 -24.83 25.74
CA ALA D 170 -18.59 -24.97 26.23
C ALA D 170 -19.35 -26.05 25.49
N GLY D 171 -18.99 -26.30 24.23
CA GLY D 171 -19.67 -27.35 23.48
C GLY D 171 -19.22 -28.74 23.88
N MET D 172 -17.93 -28.90 24.16
CA MET D 172 -17.44 -30.19 24.62
C MET D 172 -18.06 -30.57 25.97
N ALA D 173 -18.37 -29.58 26.80
CA ALA D 173 -19.08 -29.85 28.05
C ALA D 173 -20.56 -30.11 27.81
N SER D 174 -21.13 -29.53 26.75
CA SER D 174 -22.53 -29.78 26.43
C SER D 174 -22.75 -31.24 26.04
N ASN D 175 -21.97 -31.73 25.08
CA ASN D 175 -22.04 -33.15 24.71
C ASN D 175 -21.66 -34.04 25.89
N TYR D 176 -20.71 -33.60 26.71
CA TYR D 176 -20.34 -34.37 27.91
C TYR D 176 -21.49 -34.45 28.90
N PHE D 177 -22.38 -33.44 28.89
CA PHE D 177 -23.50 -33.40 29.81
C PHE D 177 -24.71 -34.15 29.26
N HIS D 178 -25.11 -33.84 28.02
CA HIS D 178 -26.28 -34.49 27.44
C HIS D 178 -26.00 -35.93 27.01
N GLY D 179 -24.77 -36.23 26.61
CA GLY D 179 -24.43 -37.54 26.11
C GLY D 179 -23.88 -38.53 27.10
N TYR D 180 -23.82 -38.16 28.38
CA TYR D 180 -23.21 -39.05 29.37
C TYR D 180 -23.63 -38.72 30.80
N LEU D 181 -23.42 -37.46 31.21
CA LEU D 181 -23.70 -37.09 32.61
C LEU D 181 -25.20 -37.15 32.90
N LYS D 182 -26.00 -36.46 32.10
CA LYS D 182 -27.45 -36.53 32.28
C LYS D 182 -28.05 -37.81 31.71
N LEU D 183 -27.24 -38.66 31.06
CA LEU D 183 -27.74 -39.85 30.40
C LEU D 183 -27.75 -41.06 31.33
N SER D 184 -26.65 -41.29 32.07
CA SER D 184 -26.49 -42.49 32.87
C SER D 184 -26.54 -42.26 34.36
N LEU D 185 -26.48 -41.02 34.83
CA LEU D 185 -26.42 -40.76 36.26
C LEU D 185 -27.79 -40.62 36.92
N PRO D 186 -28.73 -39.84 36.37
CA PRO D 186 -30.03 -39.70 37.06
C PRO D 186 -30.79 -41.01 37.12
N GLU D 187 -31.76 -41.04 38.04
CA GLU D 187 -32.59 -42.24 38.23
C GLU D 187 -33.61 -42.33 37.11
N ARG D 188 -33.47 -43.36 36.28
CA ARG D 188 -34.43 -43.68 35.23
C ARG D 188 -34.86 -45.12 35.41
N LYS D 189 -36.17 -45.36 35.39
CA LYS D 189 -36.77 -46.65 35.75
C LYS D 189 -36.35 -46.95 37.18
N ALA D 190 -35.62 -48.04 37.44
CA ALA D 190 -35.11 -48.35 38.77
C ALA D 190 -33.59 -48.40 38.78
N ASP D 191 -32.95 -47.70 37.83
CA ASP D 191 -31.51 -47.74 37.67
C ASP D 191 -30.96 -46.32 37.67
N GLY D 192 -29.71 -46.19 38.10
CA GLY D 192 -29.07 -44.90 38.16
C GLY D 192 -27.79 -44.96 38.96
N LEU D 193 -27.15 -43.79 39.08
CA LEU D 193 -25.87 -43.71 39.77
C LEU D 193 -26.03 -44.02 41.26
N LEU D 194 -27.03 -43.42 41.91
CA LEU D 194 -27.25 -43.69 43.34
C LEU D 194 -27.64 -45.15 43.57
N HIS D 195 -28.40 -45.73 42.65
CA HIS D 195 -28.84 -47.11 42.83
C HIS D 195 -27.68 -48.09 42.73
N ARG D 196 -26.80 -47.89 41.76
CA ARG D 196 -25.63 -48.76 41.62
C ARG D 196 -24.72 -48.65 42.84
N MET D 197 -24.59 -47.45 43.40
CA MET D 197 -23.79 -47.28 44.61
C MET D 197 -24.46 -47.94 45.82
N ASN D 198 -25.79 -47.97 45.86
CA ASN D 198 -26.49 -48.65 46.94
C ASN D 198 -26.29 -50.17 46.84
N VAL D 199 -26.44 -50.72 45.64
CA VAL D 199 -26.18 -52.15 45.44
C VAL D 199 -24.72 -52.46 45.74
N TYR D 200 -23.82 -51.53 45.40
CA TYR D 200 -22.40 -51.73 45.68
C TYR D 200 -22.13 -51.76 47.18
N GLU D 201 -22.74 -50.85 47.94
CA GLU D 201 -22.51 -50.81 49.38
C GLU D 201 -23.03 -52.08 50.05
N ASP D 202 -24.18 -52.59 49.61
CA ASP D 202 -24.76 -53.77 50.23
C ASP D 202 -24.01 -55.04 49.82
N LYS D 203 -23.55 -55.11 48.57
CA LYS D 203 -22.89 -56.33 48.10
C LYS D 203 -21.56 -56.56 48.79
N TYR D 204 -20.78 -55.50 49.01
CA TYR D 204 -19.44 -55.61 49.59
C TYR D 204 -19.35 -55.10 51.02
N ASN D 205 -20.47 -54.63 51.60
CA ASN D 205 -20.49 -54.11 52.97
C ASN D 205 -19.49 -52.96 53.14
N VAL D 206 -19.54 -52.02 52.20
CA VAL D 206 -18.62 -50.88 52.20
C VAL D 206 -19.40 -49.58 52.31
N THR D 207 -18.68 -48.46 52.33
CA THR D 207 -19.30 -47.14 52.48
C THR D 207 -18.62 -46.16 51.54
N PHE D 208 -19.43 -45.39 50.81
CA PHE D 208 -18.92 -44.34 49.94
C PHE D 208 -18.77 -43.05 50.74
N GLY D 209 -17.60 -42.42 50.62
CA GLY D 209 -17.38 -41.17 51.32
C GLY D 209 -18.18 -40.02 50.74
N ILE D 210 -18.33 -39.99 49.42
CA ILE D 210 -19.11 -38.96 48.73
C ILE D 210 -20.10 -39.67 47.81
N LYS D 211 -21.38 -39.37 47.99
CA LYS D 211 -22.46 -39.98 47.20
C LYS D 211 -22.62 -39.35 45.82
N ARG D 212 -21.53 -38.94 45.19
CA ARG D 212 -21.59 -38.31 43.88
C ARG D 212 -20.47 -38.86 43.00
N LEU D 213 -20.59 -38.64 41.70
CA LEU D 213 -19.55 -38.99 40.76
C LEU D 213 -18.52 -37.86 40.71
N ILE D 214 -17.29 -38.16 41.12
CA ILE D 214 -16.22 -37.18 41.13
C ILE D 214 -15.57 -37.14 39.75
N ILE D 215 -15.56 -35.97 39.13
CA ILE D 215 -14.93 -35.77 37.83
C ILE D 215 -13.68 -34.93 38.05
N LEU D 216 -12.51 -35.55 37.94
CA LEU D 216 -11.25 -34.85 38.10
C LEU D 216 -10.95 -34.06 36.82
N ILE D 217 -10.70 -32.76 36.98
CA ILE D 217 -10.38 -31.89 35.85
C ILE D 217 -9.01 -31.28 36.06
N PRO D 218 -7.92 -32.01 35.84
CA PRO D 218 -6.59 -31.44 36.00
C PRO D 218 -6.19 -30.61 34.78
N ASP D 219 -5.22 -29.73 35.00
CA ASP D 219 -4.71 -28.90 33.90
C ASP D 219 -3.82 -29.69 32.94
N GLU D 220 -3.35 -30.86 33.35
CA GLU D 220 -2.52 -31.72 32.52
C GLU D 220 -3.04 -33.15 32.59
N MET D 221 -2.88 -33.87 31.49
CA MET D 221 -3.39 -35.24 31.43
C MET D 221 -2.64 -36.14 32.41
N PHE D 222 -3.30 -37.22 32.81
CA PHE D 222 -2.74 -38.14 33.80
C PHE D 222 -1.43 -38.73 33.30
N ILE D 223 -0.50 -38.96 34.25
CA ILE D 223 0.73 -39.66 33.93
C ILE D 223 0.41 -41.10 33.60
N ASN D 224 0.89 -41.55 32.44
CA ASN D 224 0.63 -42.89 31.91
C ASN D 224 -0.86 -43.18 31.73
N GLY D 225 -1.68 -42.13 31.66
CA GLY D 225 -3.10 -42.30 31.43
C GLY D 225 -3.88 -42.93 32.57
N VAL D 226 -3.30 -43.03 33.76
CA VAL D 226 -3.98 -43.63 34.91
C VAL D 226 -3.88 -42.65 36.08
N ILE D 227 -4.79 -42.84 37.04
CA ILE D 227 -4.82 -41.99 38.23
C ILE D 227 -3.66 -42.39 39.13
N GLN D 228 -2.71 -41.47 39.31
CA GLN D 228 -1.56 -41.71 40.16
C GLN D 228 -1.87 -41.26 41.58
N SER D 229 -1.67 -42.15 42.54
CA SER D 229 -1.95 -41.82 43.93
C SER D 229 -1.12 -42.71 44.84
N ARG D 230 -0.91 -42.24 46.07
CA ARG D 230 -0.16 -42.96 47.07
C ARG D 230 -1.04 -43.48 48.20
N ILE D 231 -2.31 -43.09 48.24
CA ILE D 231 -3.26 -43.64 49.21
C ILE D 231 -4.54 -44.16 48.57
N LEU D 232 -4.84 -43.83 47.32
CA LEU D 232 -5.97 -44.39 46.61
C LEU D 232 -5.55 -45.64 45.86
N GLU D 233 -6.46 -46.62 45.81
CA GLU D 233 -6.22 -47.84 45.08
C GLU D 233 -7.46 -48.23 44.31
N LYS D 234 -7.25 -48.94 43.20
CA LYS D 234 -8.36 -49.35 42.35
C LYS D 234 -9.19 -50.42 43.04
N ALA D 235 -10.49 -50.21 43.10
CA ALA D 235 -11.42 -51.16 43.68
C ALA D 235 -12.31 -51.74 42.59
N THR D 236 -13.21 -52.64 43.00
CA THR D 236 -14.19 -53.18 42.07
C THR D 236 -15.07 -52.05 41.56
N PRO D 237 -15.31 -51.95 40.26
CA PRO D 237 -16.14 -50.87 39.73
C PRO D 237 -17.61 -51.10 40.01
N LEU D 238 -18.40 -50.07 39.75
CA LEU D 238 -19.85 -50.21 39.79
C LEU D 238 -20.32 -51.13 38.66
N GLU D 239 -21.46 -51.77 38.87
CA GLU D 239 -22.03 -52.62 37.84
C GLU D 239 -22.35 -51.78 36.60
N THR D 240 -22.09 -52.35 35.43
CA THR D 240 -22.23 -51.62 34.18
C THR D 240 -23.70 -51.38 33.86
N GLN D 241 -24.04 -50.14 33.54
CA GLN D 241 -25.36 -49.80 33.03
C GLN D 241 -25.32 -49.78 31.51
N PHE D 242 -26.40 -50.23 30.89
CA PHE D 242 -26.50 -50.31 29.43
C PHE D 242 -27.65 -49.42 28.96
N ILE D 243 -27.34 -48.49 28.06
CA ILE D 243 -28.32 -47.54 27.52
C ILE D 243 -28.16 -47.51 26.01
N ASN D 244 -29.26 -47.71 25.29
CA ASN D 244 -29.22 -47.68 23.83
C ASN D 244 -28.93 -46.27 23.35
N ARG D 245 -27.88 -46.11 22.54
CA ARG D 245 -27.44 -44.80 22.06
C ARG D 245 -26.99 -44.94 20.62
N ALA D 246 -27.71 -44.30 19.70
CA ALA D 246 -27.36 -44.25 18.28
C ALA D 246 -27.15 -45.64 17.69
N GLY D 247 -28.07 -46.54 18.02
CA GLY D 247 -28.02 -47.89 17.49
C GLY D 247 -27.11 -48.86 18.22
N VAL D 248 -26.45 -48.42 19.29
CA VAL D 248 -25.59 -49.28 20.09
C VAL D 248 -26.10 -49.31 21.50
N ASN D 249 -26.07 -50.49 22.12
CA ASN D 249 -26.39 -50.65 23.53
C ASN D 249 -25.14 -50.25 24.32
N ARG D 250 -25.00 -48.95 24.54
CA ARG D 250 -23.78 -48.40 25.10
C ARG D 250 -23.60 -48.84 26.55
N PRO D 251 -22.43 -49.33 26.93
CA PRO D 251 -22.14 -49.60 28.34
C PRO D 251 -21.66 -48.35 29.04
N PHE D 252 -22.19 -48.07 30.23
CA PHE D 252 -21.79 -46.92 31.03
C PHE D 252 -21.30 -47.44 32.37
N LYS D 253 -19.98 -47.46 32.54
CA LYS D 253 -19.32 -48.03 33.70
C LYS D 253 -18.53 -46.94 34.41
N HIS D 254 -18.64 -46.91 35.74
CA HIS D 254 -17.93 -45.93 36.56
C HIS D 254 -16.95 -46.66 37.47
N ALA D 255 -15.69 -46.22 37.45
CA ALA D 255 -14.67 -46.82 38.29
C ALA D 255 -14.85 -46.37 39.75
N VAL D 256 -14.41 -47.22 40.67
CA VAL D 256 -14.50 -46.97 42.10
C VAL D 256 -13.10 -47.08 42.70
N TYR D 257 -12.74 -46.10 43.52
CA TYR D 257 -11.46 -46.10 44.22
C TYR D 257 -11.71 -46.03 45.72
N ARG D 258 -10.77 -46.56 46.49
CA ARG D 258 -10.87 -46.59 47.94
C ARG D 258 -9.56 -46.13 48.56
N LEU D 259 -9.66 -45.49 49.72
CA LEU D 259 -8.47 -45.06 50.44
C LEU D 259 -7.79 -46.25 51.09
N ALA D 260 -6.49 -46.40 50.82
CA ALA D 260 -5.75 -47.52 51.40
C ALA D 260 -5.60 -47.38 52.91
N GLU D 261 -5.49 -46.16 53.40
CA GLU D 261 -5.38 -45.89 54.83
C GLU D 261 -6.74 -45.55 55.40
N LYS D 262 -7.13 -46.26 56.46
CA LYS D 262 -8.43 -46.05 57.06
C LYS D 262 -8.53 -44.68 57.72
N VAL D 263 -9.66 -44.02 57.50
CA VAL D 263 -10.00 -42.77 58.17
C VAL D 263 -11.15 -43.06 59.12
N ASN D 264 -10.90 -42.88 60.43
CA ASN D 264 -11.88 -43.18 61.48
C ASN D 264 -12.30 -44.65 61.46
N GLY D 265 -11.31 -45.53 61.29
CA GLY D 265 -11.55 -46.95 61.43
C GLY D 265 -12.37 -47.61 60.34
N LYS D 266 -12.48 -46.99 59.17
CA LYS D 266 -13.22 -47.59 58.08
C LYS D 266 -12.73 -47.03 56.76
N THR D 267 -12.85 -47.83 55.71
CA THR D 267 -12.45 -47.43 54.36
C THR D 267 -13.62 -46.76 53.66
N TYR D 268 -13.34 -45.61 53.03
CA TYR D 268 -14.35 -44.85 52.31
C TYR D 268 -14.07 -44.94 50.81
N TYR D 269 -15.09 -45.33 50.06
CA TYR D 269 -14.99 -45.55 48.62
C TYR D 269 -15.48 -44.32 47.85
N PHE D 270 -15.00 -44.20 46.62
CA PHE D 270 -15.33 -43.06 45.77
C PHE D 270 -15.47 -43.50 44.34
N ALA D 271 -16.60 -43.17 43.71
CA ALA D 271 -16.79 -43.36 42.28
C ALA D 271 -16.28 -42.12 41.57
N MET D 272 -15.16 -42.24 40.87
CA MET D 272 -14.51 -41.09 40.27
C MET D 272 -13.93 -41.45 38.91
N GLU D 273 -13.63 -40.41 38.14
CA GLU D 273 -13.00 -40.56 36.83
C GLU D 273 -12.48 -39.21 36.39
N GLY D 274 -11.60 -39.22 35.40
CA GLY D 274 -11.11 -38.00 34.80
C GLY D 274 -12.03 -37.51 33.70
N ALA D 275 -12.05 -36.19 33.50
CA ALA D 275 -12.86 -35.58 32.46
C ALA D 275 -12.34 -36.00 31.09
N THR D 276 -13.09 -36.88 30.42
CA THR D 276 -12.67 -37.43 29.14
C THR D 276 -12.57 -36.39 28.01
N PRO D 277 -13.47 -35.41 27.90
CA PRO D 277 -13.31 -34.41 26.82
C PRO D 277 -12.00 -33.64 26.90
N MET D 278 -11.51 -33.35 28.11
CA MET D 278 -10.24 -32.67 28.23
C MET D 278 -9.08 -33.58 27.88
N LEU D 279 -9.20 -34.88 28.17
CA LEU D 279 -8.16 -35.83 27.79
C LEU D 279 -8.03 -35.92 26.27
N SER D 280 -9.17 -36.01 25.58
CA SER D 280 -9.14 -35.99 24.12
C SER D 280 -8.64 -34.65 23.59
N PHE D 281 -8.93 -33.56 24.32
CA PHE D 281 -8.39 -32.26 23.93
C PHE D 281 -6.88 -32.19 24.16
N PHE D 282 -6.41 -32.73 25.30
CA PHE D 282 -4.98 -32.75 25.56
C PHE D 282 -4.24 -33.61 24.53
N GLU D 283 -4.85 -34.72 24.13
CA GLU D 283 -4.24 -35.58 23.12
C GLU D 283 -4.18 -34.90 21.77
N ALA D 284 -5.22 -34.12 21.43
CA ALA D 284 -5.24 -33.42 20.15
C ALA D 284 -4.23 -32.28 20.12
N MET D 285 -4.01 -31.62 21.26
CA MET D 285 -3.01 -30.56 21.31
C MET D 285 -1.59 -31.09 21.18
N HIS D 286 -1.35 -32.34 21.62
CA HIS D 286 -0.01 -32.90 21.54
C HIS D 286 0.36 -33.30 20.13
N SER D 287 -0.62 -33.76 19.33
CA SER D 287 -0.35 -34.19 17.97
C SER D 287 -0.31 -33.04 16.98
N ASN D 288 -0.78 -31.85 17.34
CA ASN D 288 -0.86 -30.73 16.43
C ASN D 288 0.02 -29.54 16.79
N PHE D 289 0.42 -29.40 18.05
CA PHE D 289 1.19 -28.25 18.48
C PHE D 289 2.27 -28.68 19.46
N SER D 290 3.30 -27.83 19.59
CA SER D 290 4.31 -27.99 20.61
C SER D 290 3.92 -27.22 21.86
N ALA D 291 4.60 -27.54 22.96
CA ALA D 291 4.27 -26.97 24.27
C ALA D 291 4.90 -25.58 24.45
N THR D 292 4.48 -24.66 23.58
CA THR D 292 4.89 -23.27 23.71
C THR D 292 4.03 -22.56 24.76
N TRP D 293 4.48 -21.37 25.16
CA TRP D 293 3.72 -20.61 26.15
C TRP D 293 2.38 -20.15 25.59
N GLN D 294 2.29 -19.96 24.27
CA GLN D 294 1.03 -19.56 23.66
C GLN D 294 0.01 -20.69 23.71
N MET D 295 0.46 -21.93 23.51
CA MET D 295 -0.46 -23.07 23.55
C MET D 295 -0.89 -23.38 24.97
N LYS D 296 0.02 -23.28 25.94
CA LYS D 296 -0.35 -23.49 27.33
C LYS D 296 -1.32 -22.41 27.82
N GLU D 297 -1.18 -21.18 27.32
CA GLU D 297 -2.17 -20.15 27.62
C GLU D 297 -3.50 -20.46 26.95
N LEU D 298 -3.45 -21.02 25.74
CA LEU D 298 -4.67 -21.41 25.06
C LEU D 298 -5.28 -22.66 25.67
N LYS D 299 -4.44 -23.64 26.04
CA LYS D 299 -4.94 -24.86 26.65
C LYS D 299 -5.65 -24.57 27.98
N ARG D 300 -5.14 -23.59 28.74
CA ARG D 300 -5.77 -23.26 30.01
C ARG D 300 -7.05 -22.46 29.82
N GLU D 301 -7.16 -21.69 28.73
CA GLU D 301 -8.40 -20.97 28.44
C GLU D 301 -9.55 -21.95 28.22
N ILE D 302 -9.33 -22.93 27.33
CA ILE D 302 -10.35 -23.95 27.08
C ILE D 302 -10.59 -24.79 28.33
N TRP D 303 -9.52 -25.07 29.08
CA TRP D 303 -9.65 -25.88 30.29
C TRP D 303 -10.52 -25.20 31.34
N LEU D 304 -10.48 -23.87 31.41
CA LEU D 304 -11.27 -23.17 32.40
C LEU D 304 -12.71 -22.96 31.93
N LYS D 305 -12.91 -22.69 30.64
CA LYS D 305 -14.26 -22.52 30.11
C LYS D 305 -15.02 -23.84 30.11
N PHE D 306 -14.32 -24.95 29.89
CA PHE D 306 -14.97 -26.26 29.96
C PHE D 306 -15.55 -26.51 31.35
N TYR D 307 -14.78 -26.21 32.39
CA TYR D 307 -15.27 -26.40 33.75
C TYR D 307 -16.43 -25.45 34.06
N THR D 308 -16.30 -24.18 33.68
CA THR D 308 -17.32 -23.20 34.03
C THR D 308 -18.65 -23.53 33.37
N HIS D 309 -18.63 -23.95 32.11
CA HIS D 309 -19.87 -24.28 31.42
C HIS D 309 -20.43 -25.62 31.88
N LEU D 310 -19.55 -26.59 32.16
CA LEU D 310 -20.02 -27.88 32.67
C LEU D 310 -20.64 -27.72 34.05
N ASN D 311 -20.01 -26.93 34.93
CA ASN D 311 -20.60 -26.67 36.24
C ASN D 311 -21.92 -25.93 36.09
N GLU D 312 -22.02 -25.03 35.12
CA GLU D 312 -23.28 -24.34 34.87
C GLU D 312 -24.35 -25.32 34.40
N LEU D 313 -23.99 -26.27 33.55
CA LEU D 313 -24.96 -27.26 33.08
C LEU D 313 -25.40 -28.19 34.19
N ILE D 314 -24.52 -28.50 35.14
CA ILE D 314 -24.84 -29.46 36.18
C ILE D 314 -25.82 -28.86 37.18
N LYS D 315 -25.56 -27.63 37.64
CA LYS D 315 -26.38 -27.04 38.68
C LYS D 315 -27.77 -26.67 38.18
N THR D 316 -27.89 -26.31 36.90
CA THR D 316 -29.19 -25.85 36.38
C THR D 316 -30.20 -26.98 36.26
N TRP D 317 -29.73 -28.21 36.03
CA TRP D 317 -30.67 -29.32 35.89
C TRP D 317 -30.82 -30.05 37.21
N PRO D 318 -32.06 -30.25 37.70
CA PRO D 318 -32.23 -30.90 39.01
C PRO D 318 -31.86 -32.37 39.01
N GLU D 319 -31.88 -33.05 37.86
CA GLU D 319 -31.55 -34.47 37.83
C GLU D 319 -30.10 -34.70 38.24
N THR D 320 -29.18 -33.85 37.77
CA THR D 320 -27.75 -34.00 38.02
C THR D 320 -27.20 -32.95 38.96
N ARG D 321 -28.07 -32.19 39.64
CA ARG D 321 -27.61 -31.05 40.43
C ARG D 321 -26.74 -31.49 41.59
N ASN D 322 -27.09 -32.60 42.24
CA ASN D 322 -26.36 -33.12 43.39
C ASN D 322 -25.81 -34.51 43.14
N LEU D 323 -25.51 -34.82 41.88
CA LEU D 323 -24.97 -36.13 41.52
C LEU D 323 -23.50 -36.10 41.10
N VAL D 324 -22.94 -34.93 40.83
CA VAL D 324 -21.57 -34.80 40.34
C VAL D 324 -20.79 -33.87 41.26
N GLU D 325 -19.53 -34.21 41.50
CA GLU D 325 -18.62 -33.40 42.30
C GLU D 325 -17.41 -33.07 41.44
N LEU D 326 -17.40 -31.88 40.85
CA LEU D 326 -16.29 -31.44 40.00
C LEU D 326 -15.14 -30.94 40.85
N ILE D 327 -13.94 -31.46 40.58
CA ILE D 327 -12.72 -31.04 41.26
C ILE D 327 -11.75 -30.56 40.20
N ILE D 328 -11.69 -29.25 39.99
CA ILE D 328 -10.75 -28.64 39.07
C ILE D 328 -9.51 -28.23 39.86
N TYR D 329 -8.33 -28.57 39.34
CA TYR D 329 -7.10 -28.40 40.12
C TYR D 329 -5.91 -28.39 39.18
N ASN D 330 -4.81 -27.82 39.66
CA ASN D 330 -3.53 -27.91 38.95
C ASN D 330 -2.85 -29.22 39.28
N SER D 331 -2.29 -29.87 38.24
CA SER D 331 -1.64 -31.16 38.43
C SER D 331 -0.40 -31.05 39.29
N HIS D 332 0.22 -29.88 39.38
CA HIS D 332 1.41 -29.66 40.18
C HIS D 332 1.14 -28.58 41.21
N ASP D 333 1.72 -28.74 42.40
CA ASP D 333 1.50 -27.79 43.48
C ASP D 333 2.44 -26.58 43.36
N THR D 334 2.74 -25.93 44.48
CA THR D 334 3.60 -24.76 44.45
C THR D 334 5.04 -25.14 44.13
N LYS D 335 5.51 -26.25 44.69
CA LYS D 335 6.88 -26.71 44.46
C LYS D 335 7.05 -27.45 43.14
N GLY D 336 5.97 -27.68 42.41
CA GLY D 336 6.02 -28.49 41.21
C GLY D 336 5.85 -29.97 41.45
N ASP D 337 5.68 -30.40 42.69
CA ASP D 337 5.48 -31.80 43.01
C ASP D 337 4.15 -32.30 42.45
N LEU D 338 4.06 -33.62 42.30
CA LEU D 338 2.80 -34.22 41.88
C LEU D 338 1.72 -33.98 42.92
N VAL D 339 0.51 -33.70 42.45
CA VAL D 339 -0.63 -33.47 43.32
C VAL D 339 -1.39 -34.80 43.43
N ASP D 340 -1.29 -35.43 44.60
CA ASP D 340 -2.01 -36.67 44.86
C ASP D 340 -3.49 -36.37 45.00
N VAL D 341 -4.30 -36.85 44.06
CA VAL D 341 -5.73 -36.62 44.12
C VAL D 341 -6.37 -37.34 45.30
N GLY D 342 -5.71 -38.37 45.84
CA GLY D 342 -6.24 -39.04 47.00
C GLY D 342 -6.02 -38.28 48.29
N GLU D 343 -4.94 -37.51 48.37
CA GLU D 343 -4.68 -36.72 49.57
C GLU D 343 -5.74 -35.64 49.77
N MET D 344 -6.22 -35.04 48.68
CA MET D 344 -7.31 -34.09 48.79
C MET D 344 -8.66 -34.75 49.04
N LEU D 345 -8.72 -36.08 48.98
CA LEU D 345 -9.92 -36.81 49.36
C LEU D 345 -9.95 -37.13 50.85
N LYS D 346 -8.82 -37.58 51.41
CA LYS D 346 -8.74 -37.74 52.86
C LYS D 346 -8.90 -36.38 53.55
N SER D 347 -8.33 -35.33 52.97
CA SER D 347 -8.56 -33.98 53.47
C SER D 347 -10.02 -33.58 53.29
N HIS D 348 -10.66 -34.05 52.21
CA HIS D 348 -12.08 -33.80 52.03
C HIS D 348 -12.92 -34.54 53.05
N MET D 349 -12.43 -35.66 53.56
CA MET D 349 -13.13 -36.41 54.60
C MET D 349 -12.98 -35.71 55.95
C21 4UR E . 14.73 36.24 -24.80
C22 4UR E . 13.28 36.77 -24.92
C28 4UR E . 13.32 39.87 -21.59
N01 4UR E . 10.57 47.26 -21.14
C02 4UR E . 11.82 46.53 -21.41
N03 4UR E . 11.94 45.15 -20.99
C04 4UR E . 13.21 44.39 -21.27
C05 4UR E . 14.25 44.99 -21.92
N06 4UR E . 15.22 44.09 -22.03
C07 4UR E . 14.80 42.95 -21.45
N08 4UR E . 13.55 43.15 -20.99
C09 4UR E . 13.17 41.92 -20.39
O10 4UR E . 14.29 41.16 -19.91
C11 4UR E . 14.03 39.80 -20.31
C12 4UR E . 15.38 39.08 -20.47
O13 4UR E . 15.93 39.49 -21.75
P14 4UR E . 17.58 39.01 -21.85
O15 4UR E . 18.27 40.04 -22.70
O16 4UR E . 18.36 38.89 -20.56
O17 4UR E . 17.42 37.58 -22.82
C18 4UR E . 16.20 37.70 -23.65
C19 4UR E . 15.31 36.56 -23.44
O20 4UR E . 16.02 35.44 -22.93
O23 4UR E . 13.21 38.17 -24.32
P24 4UR E . 11.85 38.62 -23.42
O25 4UR E . 10.88 37.43 -23.44
O26 4UR E . 11.08 39.81 -23.91
O27 4UR E . 12.54 38.65 -21.85
C29 4UR E . 12.46 41.03 -21.42
O30 4UR E . 11.22 40.62 -20.90
O31 4UR E . 15.56 36.85 -25.75
C32 4UR E . 16.55 37.71 -25.11
N33 4UR E . 16.42 39.04 -25.60
C34 4UR E . 15.36 39.86 -25.77
N35 4UR E . 15.82 41.01 -26.28
C36 4UR E . 17.15 40.91 -26.42
C37 4UR E . 18.07 41.80 -26.89
N38 4UR E . 18.07 43.16 -27.42
N39 4UR E . 19.36 41.47 -26.93
C40 4UR E . 19.75 40.24 -26.52
N41 4UR E . 18.83 39.36 -26.04
C42 4UR E . 17.53 39.70 -26.01
C43 4UR E . 14.13 46.45 -22.37
O44 4UR E . 15.01 46.99 -22.95
N45 4UR E . 12.92 47.18 -22.11
C21 4UR F . -19.13 -36.91 25.78
C22 4UR F . -20.27 -37.24 24.77
C28 4UR F . -18.31 -40.40 22.45
N01 4UR F . -20.22 -47.55 19.74
C02 4UR F . -19.45 -46.89 20.81
N03 4UR F . -19.03 -45.51 20.66
C04 4UR F . -18.24 -44.84 21.74
C05 4UR F . -17.91 -45.52 22.88
N06 4UR F . -17.23 -44.70 23.66
C07 4UR F . -17.13 -43.51 23.03
N08 4UR F . -17.76 -43.61 21.84
C09 4UR F . -17.62 -42.35 21.24
O10 4UR F . -16.47 -41.62 21.73
C11 4UR F . -16.95 -40.28 21.91
C12 4UR F . -16.00 -39.54 22.89
O13 4UR F . -16.22 -40.04 24.23
P14 4UR F . -14.97 -39.43 25.26
O15 4UR F . -14.51 -40.57 26.12
O16 4UR F . -13.74 -38.85 24.59
O17 4UR F . -15.91 -38.37 26.28
C18 4UR F . -17.34 -38.47 25.93
C19 4UR F . -17.79 -37.27 25.19
O20 4UR F . -16.87 -36.21 25.37
O23 4UR F . -20.31 -38.73 24.52
P24 4UR F . -20.66 -39.27 22.96
O25 4UR F . -21.51 -38.19 22.30
O26 4UR F . -21.46 -40.54 22.85
O27 4UR F . -19.10 -39.17 22.26
C29 4UR F . -18.83 -41.48 21.61
O30 4UR F . -19.36 -40.92 20.44
O31 4UR F . -19.30 -37.63 26.94
C32 4UR F . -18.19 -38.56 27.16
N33 4UR F . -18.67 -39.90 27.28
C34 4UR F . -19.54 -40.66 26.60
N35 4UR F . -19.57 -41.86 27.19
C36 4UR F . -18.72 -41.84 28.23
C37 4UR F . -18.38 -42.78 29.17
N38 4UR F . -18.74 -44.16 29.45
N39 4UR F . -17.49 -42.49 30.12
C40 4UR F . -16.94 -41.26 30.17
N41 4UR F . -17.27 -40.32 29.25
C42 4UR F . -18.16 -40.62 28.28
C43 4UR F . -18.35 -46.99 23.04
O44 4UR F . -18.06 -47.58 24.04
N45 4UR F . -19.09 -47.63 22.02
#